data_1YGT
# 
_entry.id   1YGT 
# 
_audit_conform.dict_name       mmcif_pdbx.dic 
_audit_conform.dict_version    5.387 
_audit_conform.dict_location   http://mmcif.pdb.org/dictionaries/ascii/mmcif_pdbx.dic 
# 
loop_
_database_2.database_id 
_database_2.database_code 
_database_2.pdbx_database_accession 
_database_2.pdbx_DOI 
PDB   1YGT         pdb_00001ygt 10.2210/pdb1ygt/pdb 
RCSB  RCSB031495   ?            ?                   
WWPDB D_1000031495 ?            ?                   
# 
loop_
_pdbx_audit_revision_history.ordinal 
_pdbx_audit_revision_history.data_content_type 
_pdbx_audit_revision_history.major_revision 
_pdbx_audit_revision_history.minor_revision 
_pdbx_audit_revision_history.revision_date 
1 'Structure model' 1 0 2005-02-15 
2 'Structure model' 1 1 2008-04-30 
3 'Structure model' 1 2 2011-07-13 
4 'Structure model' 1 3 2024-02-14 
# 
_pdbx_audit_revision_details.ordinal             1 
_pdbx_audit_revision_details.revision_ordinal    1 
_pdbx_audit_revision_details.data_content_type   'Structure model' 
_pdbx_audit_revision_details.provider            repository 
_pdbx_audit_revision_details.type                'Initial release' 
_pdbx_audit_revision_details.description         ? 
_pdbx_audit_revision_details.details             ? 
# 
loop_
_pdbx_audit_revision_group.ordinal 
_pdbx_audit_revision_group.revision_ordinal 
_pdbx_audit_revision_group.data_content_type 
_pdbx_audit_revision_group.group 
1 2 'Structure model' 'Version format compliance' 
2 3 'Structure model' 'Derived calculations'      
3 3 'Structure model' 'Version format compliance' 
4 4 'Structure model' 'Data collection'           
5 4 'Structure model' 'Database references'       
6 4 'Structure model' 'Derived calculations'      
# 
loop_
_pdbx_audit_revision_category.ordinal 
_pdbx_audit_revision_category.revision_ordinal 
_pdbx_audit_revision_category.data_content_type 
_pdbx_audit_revision_category.category 
1 4 'Structure model' chem_comp_atom 
2 4 'Structure model' chem_comp_bond 
3 4 'Structure model' database_2     
4 4 'Structure model' struct_site    
# 
loop_
_pdbx_audit_revision_item.ordinal 
_pdbx_audit_revision_item.revision_ordinal 
_pdbx_audit_revision_item.data_content_type 
_pdbx_audit_revision_item.item 
1 4 'Structure model' '_database_2.pdbx_DOI'                
2 4 'Structure model' '_database_2.pdbx_database_accession' 
3 4 'Structure model' '_struct_site.pdbx_auth_asym_id'      
4 4 'Structure model' '_struct_site.pdbx_auth_comp_id'      
5 4 'Structure model' '_struct_site.pdbx_auth_seq_id'       
# 
_pdbx_database_status.entry_id                        1YGT 
_pdbx_database_status.deposit_site                    RCSB 
_pdbx_database_status.process_site                    RCSB 
_pdbx_database_status.recvd_initial_deposition_date   2005-01-05 
_pdbx_database_status.status_code                     REL 
_pdbx_database_status.status_code_sf                  REL 
_pdbx_database_status.status_code_mr                  ? 
_pdbx_database_status.SG_entry                        ? 
_pdbx_database_status.pdb_format_compatible           Y 
_pdbx_database_status.status_code_cs                  ? 
_pdbx_database_status.status_code_nmr_data            ? 
_pdbx_database_status.methods_development_category    ? 
# 
loop_
_audit_author.name 
_audit_author.pdbx_ordinal 
'Williams, J.C.'    1 
'Xie, H.'           2 
'Hendrickson, W.A.' 3 
# 
_citation.id                        primary 
_citation.title                     'Crystal structure of dynein light chain TcTex-1.' 
_citation.journal_abbrev            J.Biol.Chem. 
_citation.journal_volume            280 
_citation.page_first                21981 
_citation.page_last                 21986 
_citation.year                      2005 
_citation.journal_id_ASTM           JBCHA3 
_citation.country                   US 
_citation.journal_id_ISSN           0021-9258 
_citation.journal_id_CSD            0071 
_citation.book_publisher            ? 
_citation.pdbx_database_id_PubMed   15701632 
_citation.pdbx_database_id_DOI      10.1074/jbc.M414643200 
# 
loop_
_citation_author.citation_id 
_citation_author.name 
_citation_author.ordinal 
_citation_author.identifier_ORCID 
primary 'Williams, J.C.'    1 ? 
primary 'Xie, H.'           2 ? 
primary 'Hendrickson, W.A.' 3 ? 
# 
loop_
_entity.id 
_entity.type 
_entity.src_method 
_entity.pdbx_description 
_entity.formula_weight 
_entity.pdbx_number_of_molecules 
_entity.pdbx_ec 
_entity.pdbx_mutation 
_entity.pdbx_fragment 
_entity.details 
1 polymer     man 'Cytoplasmic dynein light chain' 12491.021 1   ? ? ? ? 
2 non-polymer syn 'SULFATE ION'                    96.063    1   ? ? ? ? 
3 water       nat water                            18.015    148 ? ? ? ? 
# 
_entity_name_com.entity_id   1 
_entity_name_com.name        'TCTEX-1 protein homolog' 
# 
_entity_poly.entity_id                      1 
_entity_poly.type                           'polypeptide(L)' 
_entity_poly.nstd_linkage                   no 
_entity_poly.nstd_monomer                   no 
_entity_poly.pdbx_seq_one_letter_code       
;MDDSREESQFIVDDVSKTIKEAIETTIGGNAYQHDKVNNWTGQVVENCLTVLTKEQKPYKYIVTAMIMQKNGAGLHTASS
CYWNNDTDGSCTVRWENKTMYCIVSVFGLAV
;
_entity_poly.pdbx_seq_one_letter_code_can   
;MDDSREESQFIVDDVSKTIKEAIETTIGGNAYQHDKVNNWTGQVVENCLTVLTKEQKPYKYIVTAMIMQKNGAGLHTASS
CYWNNDTDGSCTVRWENKTMYCIVSVFGLAV
;
_entity_poly.pdbx_strand_id                 A 
_entity_poly.pdbx_target_identifier         ? 
# 
loop_
_pdbx_entity_nonpoly.entity_id 
_pdbx_entity_nonpoly.name 
_pdbx_entity_nonpoly.comp_id 
2 'SULFATE ION' SO4 
3 water         HOH 
# 
loop_
_entity_poly_seq.entity_id 
_entity_poly_seq.num 
_entity_poly_seq.mon_id 
_entity_poly_seq.hetero 
1 1   MET n 
1 2   ASP n 
1 3   ASP n 
1 4   SER n 
1 5   ARG n 
1 6   GLU n 
1 7   GLU n 
1 8   SER n 
1 9   GLN n 
1 10  PHE n 
1 11  ILE n 
1 12  VAL n 
1 13  ASP n 
1 14  ASP n 
1 15  VAL n 
1 16  SER n 
1 17  LYS n 
1 18  THR n 
1 19  ILE n 
1 20  LYS n 
1 21  GLU n 
1 22  ALA n 
1 23  ILE n 
1 24  GLU n 
1 25  THR n 
1 26  THR n 
1 27  ILE n 
1 28  GLY n 
1 29  GLY n 
1 30  ASN n 
1 31  ALA n 
1 32  TYR n 
1 33  GLN n 
1 34  HIS n 
1 35  ASP n 
1 36  LYS n 
1 37  VAL n 
1 38  ASN n 
1 39  ASN n 
1 40  TRP n 
1 41  THR n 
1 42  GLY n 
1 43  GLN n 
1 44  VAL n 
1 45  VAL n 
1 46  GLU n 
1 47  ASN n 
1 48  CYS n 
1 49  LEU n 
1 50  THR n 
1 51  VAL n 
1 52  LEU n 
1 53  THR n 
1 54  LYS n 
1 55  GLU n 
1 56  GLN n 
1 57  LYS n 
1 58  PRO n 
1 59  TYR n 
1 60  LYS n 
1 61  TYR n 
1 62  ILE n 
1 63  VAL n 
1 64  THR n 
1 65  ALA n 
1 66  MET n 
1 67  ILE n 
1 68  MET n 
1 69  GLN n 
1 70  LYS n 
1 71  ASN n 
1 72  GLY n 
1 73  ALA n 
1 74  GLY n 
1 75  LEU n 
1 76  HIS n 
1 77  THR n 
1 78  ALA n 
1 79  SER n 
1 80  SER n 
1 81  CYS n 
1 82  TYR n 
1 83  TRP n 
1 84  ASN n 
1 85  ASN n 
1 86  ASP n 
1 87  THR n 
1 88  ASP n 
1 89  GLY n 
1 90  SER n 
1 91  CYS n 
1 92  THR n 
1 93  VAL n 
1 94  ARG n 
1 95  TRP n 
1 96  GLU n 
1 97  ASN n 
1 98  LYS n 
1 99  THR n 
1 100 MET n 
1 101 TYR n 
1 102 CYS n 
1 103 ILE n 
1 104 VAL n 
1 105 SER n 
1 106 VAL n 
1 107 PHE n 
1 108 GLY n 
1 109 LEU n 
1 110 ALA n 
1 111 VAL n 
# 
_entity_src_gen.entity_id                          1 
_entity_src_gen.pdbx_src_id                        1 
_entity_src_gen.pdbx_alt_source_flag               sample 
_entity_src_gen.pdbx_seq_type                      ? 
_entity_src_gen.pdbx_beg_seq_num                   ? 
_entity_src_gen.pdbx_end_seq_num                   ? 
_entity_src_gen.gene_src_common_name               'fruit fly' 
_entity_src_gen.gene_src_genus                     Drosophila 
_entity_src_gen.pdbx_gene_src_gene                 'Dlc90F, Tctex' 
_entity_src_gen.gene_src_species                   ? 
_entity_src_gen.gene_src_strain                    ? 
_entity_src_gen.gene_src_tissue                    ? 
_entity_src_gen.gene_src_tissue_fraction           ? 
_entity_src_gen.gene_src_details                   ? 
_entity_src_gen.pdbx_gene_src_fragment             ? 
_entity_src_gen.pdbx_gene_src_scientific_name      'Drosophila melanogaster' 
_entity_src_gen.pdbx_gene_src_ncbi_taxonomy_id     7227 
_entity_src_gen.pdbx_gene_src_variant              ? 
_entity_src_gen.pdbx_gene_src_cell_line            ? 
_entity_src_gen.pdbx_gene_src_atcc                 ? 
_entity_src_gen.pdbx_gene_src_organ                ? 
_entity_src_gen.pdbx_gene_src_organelle            ? 
_entity_src_gen.pdbx_gene_src_cell                 ? 
_entity_src_gen.pdbx_gene_src_cellular_location    ? 
_entity_src_gen.host_org_common_name               ? 
_entity_src_gen.pdbx_host_org_scientific_name      'Escherichia coli BL21(DE3)' 
_entity_src_gen.pdbx_host_org_ncbi_taxonomy_id     469008 
_entity_src_gen.host_org_genus                     Escherichia 
_entity_src_gen.pdbx_host_org_gene                 ? 
_entity_src_gen.pdbx_host_org_organ                ? 
_entity_src_gen.host_org_species                   'Escherichia coli' 
_entity_src_gen.pdbx_host_org_tissue               ? 
_entity_src_gen.pdbx_host_org_tissue_fraction      ? 
_entity_src_gen.pdbx_host_org_strain               'BL21(DE3)' 
_entity_src_gen.pdbx_host_org_variant              ? 
_entity_src_gen.pdbx_host_org_cell_line            ? 
_entity_src_gen.pdbx_host_org_atcc                 ? 
_entity_src_gen.pdbx_host_org_culture_collection   ? 
_entity_src_gen.pdbx_host_org_cell                 ? 
_entity_src_gen.pdbx_host_org_organelle            ? 
_entity_src_gen.pdbx_host_org_cellular_location    ? 
_entity_src_gen.pdbx_host_org_vector_type          plasmid 
_entity_src_gen.pdbx_host_org_vector               ? 
_entity_src_gen.host_org_details                   ? 
_entity_src_gen.expression_system_id               ? 
_entity_src_gen.plasmid_name                       pET24d 
_entity_src_gen.plasmid_details                    ? 
_entity_src_gen.pdbx_description                   ? 
# 
loop_
_chem_comp.id 
_chem_comp.type 
_chem_comp.mon_nstd_flag 
_chem_comp.name 
_chem_comp.pdbx_synonyms 
_chem_comp.formula 
_chem_comp.formula_weight 
ALA 'L-peptide linking' y ALANINE         ? 'C3 H7 N O2'     89.093  
ARG 'L-peptide linking' y ARGININE        ? 'C6 H15 N4 O2 1' 175.209 
ASN 'L-peptide linking' y ASPARAGINE      ? 'C4 H8 N2 O3'    132.118 
ASP 'L-peptide linking' y 'ASPARTIC ACID' ? 'C4 H7 N O4'     133.103 
CYS 'L-peptide linking' y CYSTEINE        ? 'C3 H7 N O2 S'   121.158 
GLN 'L-peptide linking' y GLUTAMINE       ? 'C5 H10 N2 O3'   146.144 
GLU 'L-peptide linking' y 'GLUTAMIC ACID' ? 'C5 H9 N O4'     147.129 
GLY 'peptide linking'   y GLYCINE         ? 'C2 H5 N O2'     75.067  
HIS 'L-peptide linking' y HISTIDINE       ? 'C6 H10 N3 O2 1' 156.162 
HOH non-polymer         . WATER           ? 'H2 O'           18.015  
ILE 'L-peptide linking' y ISOLEUCINE      ? 'C6 H13 N O2'    131.173 
LEU 'L-peptide linking' y LEUCINE         ? 'C6 H13 N O2'    131.173 
LYS 'L-peptide linking' y LYSINE          ? 'C6 H15 N2 O2 1' 147.195 
MET 'L-peptide linking' y METHIONINE      ? 'C5 H11 N O2 S'  149.211 
PHE 'L-peptide linking' y PHENYLALANINE   ? 'C9 H11 N O2'    165.189 
PRO 'L-peptide linking' y PROLINE         ? 'C5 H9 N O2'     115.130 
SER 'L-peptide linking' y SERINE          ? 'C3 H7 N O3'     105.093 
SO4 non-polymer         . 'SULFATE ION'   ? 'O4 S -2'        96.063  
THR 'L-peptide linking' y THREONINE       ? 'C4 H9 N O3'     119.119 
TRP 'L-peptide linking' y TRYPTOPHAN      ? 'C11 H12 N2 O2'  204.225 
TYR 'L-peptide linking' y TYROSINE        ? 'C9 H11 N O3'    181.189 
VAL 'L-peptide linking' y VALINE          ? 'C5 H11 N O2'    117.146 
# 
loop_
_pdbx_poly_seq_scheme.asym_id 
_pdbx_poly_seq_scheme.entity_id 
_pdbx_poly_seq_scheme.seq_id 
_pdbx_poly_seq_scheme.mon_id 
_pdbx_poly_seq_scheme.ndb_seq_num 
_pdbx_poly_seq_scheme.pdb_seq_num 
_pdbx_poly_seq_scheme.auth_seq_num 
_pdbx_poly_seq_scheme.pdb_mon_id 
_pdbx_poly_seq_scheme.auth_mon_id 
_pdbx_poly_seq_scheme.pdb_strand_id 
_pdbx_poly_seq_scheme.pdb_ins_code 
_pdbx_poly_seq_scheme.hetero 
A 1 1   MET 1   1   ?   ?   ?   A . n 
A 1 2   ASP 2   2   ?   ?   ?   A . n 
A 1 3   ASP 3   3   ?   ?   ?   A . n 
A 1 4   SER 4   4   ?   ?   ?   A . n 
A 1 5   ARG 5   5   ?   ?   ?   A . n 
A 1 6   GLU 6   6   ?   ?   ?   A . n 
A 1 7   GLU 7   7   ?   ?   ?   A . n 
A 1 8   SER 8   8   8   SER SER A . n 
A 1 9   GLN 9   9   9   GLN GLN A . n 
A 1 10  PHE 10  10  10  PHE PHE A . n 
A 1 11  ILE 11  11  11  ILE ILE A . n 
A 1 12  VAL 12  12  12  VAL VAL A . n 
A 1 13  ASP 13  13  13  ASP ASP A . n 
A 1 14  ASP 14  14  14  ASP ASP A . n 
A 1 15  VAL 15  15  15  VAL VAL A . n 
A 1 16  SER 16  16  16  SER SER A . n 
A 1 17  LYS 17  17  17  LYS LYS A . n 
A 1 18  THR 18  18  18  THR THR A . n 
A 1 19  ILE 19  19  19  ILE ILE A . n 
A 1 20  LYS 20  20  20  LYS LYS A . n 
A 1 21  GLU 21  21  21  GLU GLU A . n 
A 1 22  ALA 22  22  22  ALA ALA A . n 
A 1 23  ILE 23  23  23  ILE ILE A . n 
A 1 24  GLU 24  24  24  GLU GLU A . n 
A 1 25  THR 25  25  25  THR THR A . n 
A 1 26  THR 26  26  26  THR THR A . n 
A 1 27  ILE 27  27  27  ILE ILE A . n 
A 1 28  GLY 28  28  28  GLY GLY A . n 
A 1 29  GLY 29  29  29  GLY GLY A . n 
A 1 30  ASN 30  30  30  ASN ASN A . n 
A 1 31  ALA 31  31  31  ALA ALA A . n 
A 1 32  TYR 32  32  32  TYR TYR A . n 
A 1 33  GLN 33  33  33  GLN GLN A . n 
A 1 34  HIS 34  34  34  HIS HIS A . n 
A 1 35  ASP 35  35  35  ASP ASP A . n 
A 1 36  LYS 36  36  36  LYS LYS A . n 
A 1 37  VAL 37  37  37  VAL VAL A . n 
A 1 38  ASN 38  38  38  ASN ASN A . n 
A 1 39  ASN 39  39  39  ASN ASN A . n 
A 1 40  TRP 40  40  40  TRP TRP A . n 
A 1 41  THR 41  41  41  THR THR A . n 
A 1 42  GLY 42  42  42  GLY GLY A . n 
A 1 43  GLN 43  43  43  GLN GLN A . n 
A 1 44  VAL 44  44  44  VAL VAL A . n 
A 1 45  VAL 45  45  45  VAL VAL A . n 
A 1 46  GLU 46  46  46  GLU GLU A . n 
A 1 47  ASN 47  47  47  ASN ASN A . n 
A 1 48  CYS 48  48  48  CYS CYS A . n 
A 1 49  LEU 49  49  49  LEU LEU A . n 
A 1 50  THR 50  50  50  THR THR A . n 
A 1 51  VAL 51  51  51  VAL VAL A . n 
A 1 52  LEU 52  52  52  LEU LEU A . n 
A 1 53  THR 53  53  53  THR THR A . n 
A 1 54  LYS 54  54  54  LYS LYS A . n 
A 1 55  GLU 55  55  55  GLU GLU A . n 
A 1 56  GLN 56  56  56  GLN GLN A . n 
A 1 57  LYS 57  57  57  LYS LYS A . n 
A 1 58  PRO 58  58  58  PRO PRO A . n 
A 1 59  TYR 59  59  59  TYR TYR A . n 
A 1 60  LYS 60  60  60  LYS LYS A . n 
A 1 61  TYR 61  61  61  TYR TYR A . n 
A 1 62  ILE 62  62  62  ILE ILE A . n 
A 1 63  VAL 63  63  63  VAL VAL A . n 
A 1 64  THR 64  64  64  THR THR A . n 
A 1 65  ALA 65  65  65  ALA ALA A . n 
A 1 66  MET 66  66  66  MET MET A . n 
A 1 67  ILE 67  67  67  ILE ILE A . n 
A 1 68  MET 68  68  68  MET MET A . n 
A 1 69  GLN 69  69  69  GLN GLN A . n 
A 1 70  LYS 70  70  70  LYS LYS A . n 
A 1 71  ASN 71  71  71  ASN ASN A . n 
A 1 72  GLY 72  72  72  GLY GLY A . n 
A 1 73  ALA 73  73  73  ALA ALA A . n 
A 1 74  GLY 74  74  74  GLY GLY A . n 
A 1 75  LEU 75  75  75  LEU LEU A . n 
A 1 76  HIS 76  76  76  HIS HIS A . n 
A 1 77  THR 77  77  77  THR THR A . n 
A 1 78  ALA 78  78  78  ALA ALA A . n 
A 1 79  SER 79  79  79  SER SER A . n 
A 1 80  SER 80  80  80  SER SER A . n 
A 1 81  CYS 81  81  81  CYS CYS A . n 
A 1 82  TYR 82  82  82  TYR TYR A . n 
A 1 83  TRP 83  83  83  TRP TRP A . n 
A 1 84  ASN 84  84  84  ASN ASN A . n 
A 1 85  ASN 85  85  85  ASN ASN A . n 
A 1 86  ASP 86  86  86  ASP ASP A . n 
A 1 87  THR 87  87  87  THR THR A . n 
A 1 88  ASP 88  88  88  ASP ASP A . n 
A 1 89  GLY 89  89  89  GLY GLY A . n 
A 1 90  SER 90  90  90  SER SER A . n 
A 1 91  CYS 91  91  91  CYS CYS A . n 
A 1 92  THR 92  92  92  THR THR A . n 
A 1 93  VAL 93  93  93  VAL VAL A . n 
A 1 94  ARG 94  94  94  ARG ARG A . n 
A 1 95  TRP 95  95  95  TRP TRP A . n 
A 1 96  GLU 96  96  96  GLU GLU A . n 
A 1 97  ASN 97  97  97  ASN ASN A . n 
A 1 98  LYS 98  98  98  LYS LYS A . n 
A 1 99  THR 99  99  99  THR THR A . n 
A 1 100 MET 100 100 100 MET MET A . n 
A 1 101 TYR 101 101 101 TYR TYR A . n 
A 1 102 CYS 102 102 102 CYS CYS A . n 
A 1 103 ILE 103 103 103 ILE ILE A . n 
A 1 104 VAL 104 104 104 VAL VAL A . n 
A 1 105 SER 105 105 105 SER SER A . n 
A 1 106 VAL 106 106 106 VAL VAL A . n 
A 1 107 PHE 107 107 107 PHE PHE A . n 
A 1 108 GLY 108 108 108 GLY GLY A . n 
A 1 109 LEU 109 109 109 LEU LEU A . n 
A 1 110 ALA 110 110 110 ALA ALA A . n 
A 1 111 VAL 111 111 111 VAL VAL A . n 
# 
loop_
_pdbx_nonpoly_scheme.asym_id 
_pdbx_nonpoly_scheme.entity_id 
_pdbx_nonpoly_scheme.mon_id 
_pdbx_nonpoly_scheme.ndb_seq_num 
_pdbx_nonpoly_scheme.pdb_seq_num 
_pdbx_nonpoly_scheme.auth_seq_num 
_pdbx_nonpoly_scheme.pdb_mon_id 
_pdbx_nonpoly_scheme.auth_mon_id 
_pdbx_nonpoly_scheme.pdb_strand_id 
_pdbx_nonpoly_scheme.pdb_ins_code 
B 2 SO4 1   112 112 SO4 SUL A . 
C 3 HOH 1   113 113 HOH WAT A . 
C 3 HOH 2   114 114 HOH WAT A . 
C 3 HOH 3   115 115 HOH WAT A . 
C 3 HOH 4   116 116 HOH WAT A . 
C 3 HOH 5   117 117 HOH WAT A . 
C 3 HOH 6   118 118 HOH WAT A . 
C 3 HOH 7   119 119 HOH WAT A . 
C 3 HOH 8   120 120 HOH WAT A . 
C 3 HOH 9   121 121 HOH WAT A . 
C 3 HOH 10  122 122 HOH WAT A . 
C 3 HOH 11  123 123 HOH WAT A . 
C 3 HOH 12  124 124 HOH WAT A . 
C 3 HOH 13  125 125 HOH WAT A . 
C 3 HOH 14  126 126 HOH WAT A . 
C 3 HOH 15  127 127 HOH WAT A . 
C 3 HOH 16  128 128 HOH WAT A . 
C 3 HOH 17  129 129 HOH WAT A . 
C 3 HOH 18  130 130 HOH WAT A . 
C 3 HOH 19  131 131 HOH WAT A . 
C 3 HOH 20  132 132 HOH WAT A . 
C 3 HOH 21  133 133 HOH WAT A . 
C 3 HOH 22  134 134 HOH WAT A . 
C 3 HOH 23  135 135 HOH WAT A . 
C 3 HOH 24  136 136 HOH WAT A . 
C 3 HOH 25  137 137 HOH WAT A . 
C 3 HOH 26  138 138 HOH WAT A . 
C 3 HOH 27  139 139 HOH WAT A . 
C 3 HOH 28  140 140 HOH WAT A . 
C 3 HOH 29  141 141 HOH WAT A . 
C 3 HOH 30  142 142 HOH WAT A . 
C 3 HOH 31  143 143 HOH WAT A . 
C 3 HOH 32  144 144 HOH WAT A . 
C 3 HOH 33  145 145 HOH WAT A . 
C 3 HOH 34  146 146 HOH WAT A . 
C 3 HOH 35  147 147 HOH WAT A . 
C 3 HOH 36  148 148 HOH WAT A . 
C 3 HOH 37  149 149 HOH WAT A . 
C 3 HOH 38  150 150 HOH WAT A . 
C 3 HOH 39  151 151 HOH WAT A . 
C 3 HOH 40  152 152 HOH WAT A . 
C 3 HOH 41  153 153 HOH WAT A . 
C 3 HOH 42  154 154 HOH WAT A . 
C 3 HOH 43  155 155 HOH WAT A . 
C 3 HOH 44  156 156 HOH WAT A . 
C 3 HOH 45  157 157 HOH WAT A . 
C 3 HOH 46  158 158 HOH WAT A . 
C 3 HOH 47  159 159 HOH WAT A . 
C 3 HOH 48  160 160 HOH WAT A . 
C 3 HOH 49  161 161 HOH WAT A . 
C 3 HOH 50  162 162 HOH WAT A . 
C 3 HOH 51  163 163 HOH WAT A . 
C 3 HOH 52  164 164 HOH WAT A . 
C 3 HOH 53  165 165 HOH WAT A . 
C 3 HOH 54  166 166 HOH WAT A . 
C 3 HOH 55  167 167 HOH WAT A . 
C 3 HOH 56  168 168 HOH WAT A . 
C 3 HOH 57  169 169 HOH WAT A . 
C 3 HOH 58  170 170 HOH WAT A . 
C 3 HOH 59  171 171 HOH WAT A . 
C 3 HOH 60  172 172 HOH WAT A . 
C 3 HOH 61  173 173 HOH WAT A . 
C 3 HOH 62  174 174 HOH WAT A . 
C 3 HOH 63  175 175 HOH WAT A . 
C 3 HOH 64  176 176 HOH WAT A . 
C 3 HOH 65  177 177 HOH WAT A . 
C 3 HOH 66  178 178 HOH WAT A . 
C 3 HOH 67  179 179 HOH WAT A . 
C 3 HOH 68  180 180 HOH WAT A . 
C 3 HOH 69  181 181 HOH WAT A . 
C 3 HOH 70  182 182 HOH WAT A . 
C 3 HOH 71  183 183 HOH WAT A . 
C 3 HOH 72  184 184 HOH WAT A . 
C 3 HOH 73  185 185 HOH WAT A . 
C 3 HOH 74  186 186 HOH WAT A . 
C 3 HOH 75  187 187 HOH WAT A . 
C 3 HOH 76  188 188 HOH WAT A . 
C 3 HOH 77  189 189 HOH WAT A . 
C 3 HOH 78  190 190 HOH WAT A . 
C 3 HOH 79  191 191 HOH WAT A . 
C 3 HOH 80  192 192 HOH WAT A . 
C 3 HOH 81  193 193 HOH WAT A . 
C 3 HOH 82  194 194 HOH WAT A . 
C 3 HOH 83  195 195 HOH WAT A . 
C 3 HOH 84  196 196 HOH WAT A . 
C 3 HOH 85  197 197 HOH WAT A . 
C 3 HOH 86  198 198 HOH WAT A . 
C 3 HOH 87  199 199 HOH WAT A . 
C 3 HOH 88  200 200 HOH WAT A . 
C 3 HOH 89  201 201 HOH WAT A . 
C 3 HOH 90  202 202 HOH WAT A . 
C 3 HOH 91  203 203 HOH WAT A . 
C 3 HOH 92  204 204 HOH WAT A . 
C 3 HOH 93  205 205 HOH WAT A . 
C 3 HOH 94  206 206 HOH WAT A . 
C 3 HOH 95  207 207 HOH WAT A . 
C 3 HOH 96  208 208 HOH WAT A . 
C 3 HOH 97  209 209 HOH WAT A . 
C 3 HOH 98  210 210 HOH WAT A . 
C 3 HOH 99  211 211 HOH WAT A . 
C 3 HOH 100 212 212 HOH WAT A . 
C 3 HOH 101 213 213 HOH WAT A . 
C 3 HOH 102 214 214 HOH WAT A . 
C 3 HOH 103 215 215 HOH WAT A . 
C 3 HOH 104 216 216 HOH WAT A . 
C 3 HOH 105 217 217 HOH WAT A . 
C 3 HOH 106 218 218 HOH WAT A . 
C 3 HOH 107 219 219 HOH WAT A . 
C 3 HOH 108 220 220 HOH WAT A . 
C 3 HOH 109 221 221 HOH WAT A . 
C 3 HOH 110 222 222 HOH WAT A . 
C 3 HOH 111 223 223 HOH WAT A . 
C 3 HOH 112 224 224 HOH WAT A . 
C 3 HOH 113 225 225 HOH WAT A . 
C 3 HOH 114 226 226 HOH WAT A . 
C 3 HOH 115 227 227 HOH WAT A . 
C 3 HOH 116 228 228 HOH WAT A . 
C 3 HOH 117 229 229 HOH WAT A . 
C 3 HOH 118 230 230 HOH WAT A . 
C 3 HOH 119 231 231 HOH WAT A . 
C 3 HOH 120 232 232 HOH WAT A . 
C 3 HOH 121 233 233 HOH WAT A . 
C 3 HOH 122 234 234 HOH WAT A . 
C 3 HOH 123 235 235 HOH WAT A . 
C 3 HOH 124 236 236 HOH WAT A . 
C 3 HOH 125 237 237 HOH WAT A . 
C 3 HOH 126 238 238 HOH WAT A . 
C 3 HOH 127 239 239 HOH WAT A . 
C 3 HOH 128 240 240 HOH WAT A . 
C 3 HOH 129 241 241 HOH WAT A . 
C 3 HOH 130 242 242 HOH WAT A . 
C 3 HOH 131 243 243 HOH WAT A . 
C 3 HOH 132 244 244 HOH WAT A . 
C 3 HOH 133 245 245 HOH WAT A . 
C 3 HOH 134 246 246 HOH WAT A . 
C 3 HOH 135 247 247 HOH WAT A . 
C 3 HOH 136 248 248 HOH WAT A . 
C 3 HOH 137 249 249 HOH WAT A . 
C 3 HOH 138 250 250 HOH WAT A . 
C 3 HOH 139 251 251 HOH WAT A . 
C 3 HOH 140 252 252 HOH WAT A . 
C 3 HOH 141 253 253 HOH WAT A . 
C 3 HOH 142 254 254 HOH WAT A . 
C 3 HOH 143 255 255 HOH WAT A . 
C 3 HOH 144 256 256 HOH WAT A . 
C 3 HOH 145 257 257 HOH WAT A . 
C 3 HOH 146 258 258 HOH WAT A . 
C 3 HOH 147 259 259 HOH WAT A . 
C 3 HOH 148 260 260 HOH WAT A . 
# 
loop_
_software.name 
_software.version 
_software.date 
_software.type 
_software.contact_author 
_software.contact_author_email 
_software.classification 
_software.location 
_software.language 
_software.citation_id 
_software.pdbx_ordinal 
SCALEPACK .   ? package 'Zbyszek Otwinowski' zbyszek@mix.swmed.edu           'data scaling'   
http://www.lnls.br/infra/linhasluz/denzo-hkl.htm ?       ? 1 
SHARP     .   ? program 'de La Fortelle'     sharp-develop@globalphasing.com phasing          
http://babinet.globalphasing.com/sharp/          ?       ? 2 
DM        4.0 ? program 'K. Cowtan'          ccp4@dl.ac.uk                   phasing          http://www.ccp4.ac.uk/main.html 
Fortran ? 3 
ARP/wARP  .   ? program 'Victor S. Lamzin'   ?                               'model building' http://www.embl-hamburg.de/ARP/ ? ? 
4 
DENZO     .   ? ?       ?                    ?                               'data reduction' ? ?       ? 5 
# 
_cell.length_a           60.598 
_cell.length_b           60.598 
_cell.length_c           48.485 
_cell.angle_alpha        90.00 
_cell.angle_beta         90.00 
_cell.angle_gamma        120.00 
_cell.entry_id           1YGT 
_cell.pdbx_unique_axis   ? 
_cell.Z_PDB              6 
# 
_symmetry.space_group_name_H-M             'P 32 2 1' 
_symmetry.Int_Tables_number                154 
_symmetry.entry_id                         1YGT 
_symmetry.pdbx_full_space_group_name_H-M   ? 
_symmetry.cell_setting                     ? 
_symmetry.space_group_name_Hall            ? 
# 
_exptl.crystals_number   2 
_exptl.method            'X-RAY DIFFRACTION' 
_exptl.entry_id          1YGT 
# 
loop_
_exptl_crystal.id 
_exptl_crystal.density_percent_sol 
_exptl_crystal.density_Matthews 
_exptl_crystal.density_meas 
_exptl_crystal.description 
_exptl_crystal.F_000 
_exptl_crystal.preparation 
1 45 2.2 ? ? ? ? 
2 45 2.2 ? ? ? ? 
# 
loop_
_exptl_crystal_grow.crystal_id 
_exptl_crystal_grow.method 
_exptl_crystal_grow.pH 
_exptl_crystal_grow.temp 
_exptl_crystal_grow.pdbx_details 
_exptl_crystal_grow.temp_details 
_exptl_crystal_grow.pdbx_pH_range 
1 'VAPOR DIFFUSION' 9.5 293 '0.1M CHES, pH 9.5, 2.4 M (NH4)2SO4 and 0.1M Li2SO4, vapor diffusion, temperature 293K' ? . 
2 'VAPOR DIFFUSION' 9.5 293 '0.1M CHES, pH 9.5, 2.4 M (NH4)2SO4 and 0.1M Li2SO4, vapor diffusion, temperature 293K' ? . 
# 
loop_
_diffrn.id 
_diffrn.ambient_temp 
_diffrn.ambient_temp_details 
_diffrn.crystal_id 
1   100 ? 1 
2   100 ? 1 
1,2 ?   ? 1 
# 
loop_
_diffrn_detector.diffrn_id 
_diffrn_detector.detector 
_diffrn_detector.type 
_diffrn_detector.pdbx_collection_date 
_diffrn_detector.details 
1 CCD 'ADSC QUANTUM 4' 2000-09-04 ? 
2 CCD 'ADSC QUANTUM 4' 2000-09-07 ? 
# 
loop_
_diffrn_radiation.diffrn_id 
_diffrn_radiation.pdbx_diffrn_protocol 
_diffrn_radiation.wavelength_id 
_diffrn_radiation.monochromator 
_diffrn_radiation.pdbx_monochromatic_or_laue_m_l 
_diffrn_radiation.pdbx_scattering_type 
1 MAD 1 ? M x-ray 
2 MAD 1 ? M x-ray 
# 
loop_
_diffrn_radiation_wavelength.id 
_diffrn_radiation_wavelength.wavelength 
_diffrn_radiation_wavelength.wt 
1 0.99187 1.0 
2 0.97950 1.0 
3 0.97897 1.0 
4 0.96672 1.0 
# 
loop_
_diffrn_source.diffrn_id 
_diffrn_source.source 
_diffrn_source.type 
_diffrn_source.pdbx_wavelength_list 
_diffrn_source.pdbx_wavelength 
_diffrn_source.pdbx_synchrotron_site 
_diffrn_source.pdbx_synchrotron_beamline 
1 SYNCHROTRON 'NSLS BEAMLINE X4A' '0.99187, 0.97950, 0.97897, 0.96672' ? NSLS X4A 
2 SYNCHROTRON 'NSLS BEAMLINE X4A' '0.99187, 0.97950, 0.97897, 0.96672' ? NSLS X4A 
# 
_reflns.d_resolution_low             50.00 
_reflns.d_resolution_high            1.70 
_reflns.number_obs                   10932 
_reflns.percent_possible_obs         93.8 
_reflns.pdbx_Rmerge_I_obs            0.055 
_reflns.pdbx_redundancy              8.00 
_reflns.pdbx_chi_squared             1.613 
_reflns.entry_id                     1YGT 
_reflns.observed_criterion_sigma_F   0 
_reflns.observed_criterion_sigma_I   0 
_reflns.number_all                   10932 
_reflns.pdbx_Rsym_value              ? 
_reflns.pdbx_netI_over_sigmaI        37.6 
_reflns.B_iso_Wilson_estimate        ? 
_reflns.R_free_details               ? 
_reflns.limit_h_max                  ? 
_reflns.limit_h_min                  ? 
_reflns.limit_k_max                  ? 
_reflns.limit_k_min                  ? 
_reflns.limit_l_max                  ? 
_reflns.limit_l_min                  ? 
_reflns.observed_criterion_F_max     ? 
_reflns.observed_criterion_F_min     ? 
_reflns.pdbx_scaling_rejects         ? 
_reflns.pdbx_ordinal                 1 
_reflns.pdbx_diffrn_id               1,2 
# 
_reflns_shell.d_res_low              1.76 
_reflns_shell.d_res_high             1.70 
_reflns_shell.number_unique_all      1122 
_reflns_shell.percent_possible_all   96.9 
_reflns_shell.Rmerge_I_obs           0.198 
_reflns_shell.pdbx_redundancy        8.0 
_reflns_shell.pdbx_chi_squared       1.183 
_reflns_shell.number_unique_obs      ? 
_reflns_shell.meanI_over_sigI_obs    12.0 
_reflns_shell.pdbx_Rsym_value        ? 
_reflns_shell.percent_possible_obs   ? 
_reflns_shell.number_measured_all    ? 
_reflns_shell.number_measured_obs    ? 
_reflns_shell.pdbx_ordinal           1 
_reflns_shell.pdbx_diffrn_id         1,2 
# 
_refine.entry_id                                 1YGT 
_refine.ls_number_reflns_obs                     10140 
_refine.ls_percent_reflns_R_free                 5 
_refine.ls_d_res_high                            1.7 
_refine.ls_d_res_low                             6 
_refine.ls_R_factor_R_work                       0.19304 
_refine.ls_R_factor_R_free                       0.235 
_refine.ls_wR_factor_R_work                      0.21751 
_refine.ls_wR_factor_R_free                      0.000 
_refine.overall_FOM_work_R_set                   0.81783 
_refine.pdbx_ls_sigma_F                          0 
_refine.pdbx_ls_sigma_I                          ? 
_refine.ls_number_reflns_all                     10140 
_refine.ls_number_reflns_R_free                  501 
_refine.ls_percent_reflns_obs                    ? 
_refine.ls_R_factor_all                          0.2 
_refine.ls_R_factor_obs                          0.2 
_refine.ls_redundancy_reflns_obs                 ? 
_refine.pdbx_data_cutoff_high_absF               ? 
_refine.pdbx_data_cutoff_low_absF                ? 
_refine.ls_number_parameters                     ? 
_refine.ls_number_restraints                     ? 
_refine.ls_R_factor_R_free_error                 ? 
_refine.ls_R_factor_R_free_error_details         ? 
_refine.pdbx_method_to_determine_struct          MAD 
_refine.pdbx_starting_model                      ? 
_refine.pdbx_ls_cross_valid_method               ? 
_refine.pdbx_R_Free_selection_details            Random 
_refine.pdbx_stereochem_target_val_spec_case     ? 
_refine.pdbx_stereochemistry_target_values       'mon_lib of CCP4-refmac' 
_refine.solvent_model_details                    ? 
_refine.solvent_model_param_bsol                 ? 
_refine.solvent_model_param_ksol                 ? 
_refine.occupancy_max                            ? 
_refine.occupancy_min                            ? 
_refine.pdbx_isotropic_thermal_model             ? 
_refine.B_iso_mean                               ? 
_refine.aniso_B[1][1]                            ? 
_refine.aniso_B[1][2]                            ? 
_refine.aniso_B[1][3]                            ? 
_refine.aniso_B[2][2]                            ? 
_refine.aniso_B[2][3]                            ? 
_refine.aniso_B[3][3]                            ? 
_refine.details                                  ? 
_refine.B_iso_min                                ? 
_refine.B_iso_max                                ? 
_refine.correlation_coeff_Fo_to_Fc               ? 
_refine.correlation_coeff_Fo_to_Fc_free          ? 
_refine.pdbx_solvent_vdw_probe_radii             ? 
_refine.pdbx_solvent_ion_probe_radii             ? 
_refine.pdbx_solvent_shrinkage_radii             ? 
_refine.overall_SU_R_Cruickshank_DPI             ? 
_refine.overall_SU_R_free                        ? 
_refine.overall_SU_B                             ? 
_refine.overall_SU_ML                            ? 
_refine.pdbx_overall_ESU_R                       ? 
_refine.pdbx_overall_ESU_R_Free                  ? 
_refine.pdbx_data_cutoff_high_rms_absF           ? 
_refine.overall_FOM_free_R_set                   ? 
_refine.pdbx_refine_id                           'X-RAY DIFFRACTION' 
_refine.pdbx_diffrn_id                           1 
_refine.pdbx_TLS_residual_ADP_flag               ? 
_refine.pdbx_overall_phase_error                 ? 
_refine.pdbx_overall_SU_R_free_Cruickshank_DPI   ? 
_refine.pdbx_overall_SU_R_Blow_DPI               ? 
_refine.pdbx_overall_SU_R_free_Blow_DPI          ? 
# 
_refine_hist.pdbx_refine_id                   'X-RAY DIFFRACTION' 
_refine_hist.cycle_id                         LAST 
_refine_hist.pdbx_number_atoms_protein        813 
_refine_hist.pdbx_number_atoms_nucleic_acid   0 
_refine_hist.pdbx_number_atoms_ligand         5 
_refine_hist.number_atoms_solvent             148 
_refine_hist.number_atoms_total               966 
_refine_hist.d_res_high                       1.7 
_refine_hist.d_res_low                        6 
# 
loop_
_refine_ls_restr.type 
_refine_ls_restr.dev_ideal 
_refine_ls_restr.dev_ideal_target 
_refine_ls_restr.number 
_refine_ls_restr.weight 
_refine_ls_restr.pdbx_refine_id 
_refine_ls_restr.pdbx_restraint_function 
o_angle_deg 1.7   ? ? ? 'X-RAY DIFFRACTION' ? 
o_bond_d    0.014 ? ? ? 'X-RAY DIFFRACTION' ? 
o_angle_d   0.033 ? ? ? 'X-RAY DIFFRACTION' ? 
# 
_struct.entry_id                  1YGT 
_struct.title                     'Dynein Light Chain TcTex-1' 
_struct.pdbx_model_details        ? 
_struct.pdbx_CASP_flag            ? 
_struct.pdbx_model_type_details   ? 
# 
_struct_keywords.text            'Domain Swapping, PROTEIN TRANSPORT' 
_struct_keywords.entry_id        1YGT 
_struct_keywords.pdbx_keywords   'PROTEIN TRANSPORT' 
# 
loop_
_struct_asym.id 
_struct_asym.pdbx_blank_PDB_chainid_flag 
_struct_asym.pdbx_modified 
_struct_asym.entity_id 
_struct_asym.details 
A N N 1 ? 
B N N 2 ? 
C N N 3 ? 
# 
_struct_ref.id                         1 
_struct_ref.db_name                    UNP 
_struct_ref.db_code                    DYLX_DROME 
_struct_ref.pdbx_db_accession          Q94524 
_struct_ref.entity_id                  1 
_struct_ref.pdbx_seq_one_letter_code   
;MDDSREESQFIVDDVSKTIKEAIETTIGGNAYQHDKVNNWTGQVVENCLTVLTKEQKPYKYIVTAMIMQKNGAGLHTASS
CYWNNDTDGSCTVRWENKTMYCIVSVFGLAV
;
_struct_ref.pdbx_align_begin           1 
_struct_ref.pdbx_db_isoform            ? 
# 
_struct_ref_seq.align_id                      1 
_struct_ref_seq.ref_id                        1 
_struct_ref_seq.pdbx_PDB_id_code              1YGT 
_struct_ref_seq.pdbx_strand_id                A 
_struct_ref_seq.seq_align_beg                 1 
_struct_ref_seq.pdbx_seq_align_beg_ins_code   ? 
_struct_ref_seq.seq_align_end                 111 
_struct_ref_seq.pdbx_seq_align_end_ins_code   ? 
_struct_ref_seq.pdbx_db_accession             Q94524 
_struct_ref_seq.db_align_beg                  1 
_struct_ref_seq.pdbx_db_align_beg_ins_code    ? 
_struct_ref_seq.db_align_end                  111 
_struct_ref_seq.pdbx_db_align_end_ins_code    ? 
_struct_ref_seq.pdbx_auth_seq_align_beg       1 
_struct_ref_seq.pdbx_auth_seq_align_end       111 
# 
_pdbx_struct_assembly.id                   1 
_pdbx_struct_assembly.details              author_and_software_defined_assembly 
_pdbx_struct_assembly.method_details       PISA,PQS 
_pdbx_struct_assembly.oligomeric_details   dimeric 
_pdbx_struct_assembly.oligomeric_count     2 
# 
loop_
_pdbx_struct_assembly_prop.biol_id 
_pdbx_struct_assembly_prop.type 
_pdbx_struct_assembly_prop.value 
_pdbx_struct_assembly_prop.details 
1 'ABSA (A^2)' 3500  ? 
1 MORE         -53   ? 
1 'SSA (A^2)'  11610 ? 
# 
_pdbx_struct_assembly_gen.assembly_id       1 
_pdbx_struct_assembly_gen.oper_expression   1,2 
_pdbx_struct_assembly_gen.asym_id_list      A,B,C 
# 
loop_
_pdbx_struct_oper_list.id 
_pdbx_struct_oper_list.type 
_pdbx_struct_oper_list.name 
_pdbx_struct_oper_list.symmetry_operation 
_pdbx_struct_oper_list.matrix[1][1] 
_pdbx_struct_oper_list.matrix[1][2] 
_pdbx_struct_oper_list.matrix[1][3] 
_pdbx_struct_oper_list.vector[1] 
_pdbx_struct_oper_list.matrix[2][1] 
_pdbx_struct_oper_list.matrix[2][2] 
_pdbx_struct_oper_list.matrix[2][3] 
_pdbx_struct_oper_list.vector[2] 
_pdbx_struct_oper_list.matrix[3][1] 
_pdbx_struct_oper_list.matrix[3][2] 
_pdbx_struct_oper_list.matrix[3][3] 
_pdbx_struct_oper_list.vector[3] 
1 'identity operation'         1_555 x,y,z  1.0000000000  0.0000000000 0.0000000000 0.0000000000   0.0000000000 1.0000000000  0.0000000000 0.0000000000 0.0000000000 0.0000000000 1.0000000000 0.0000000000 
2 'crystal symmetry operation' 4_555 y,x,-z -0.9286061970 0.0419395935 0.3686890308 -15.3285784312 0.0419395935 -0.9753629947 0.2165827765 9.6249188486 0.3686890308 0.2165827765 0.9039691917 1.8733953748 
# 
_struct_biol.id                    1 
_struct_biol.details               
'The biological assembly is a dimer generated from the monomer in the asymmetric unit by the operations:y,x,-z.' 
_struct_biol.pdbx_parent_biol_id   ? 
# 
loop_
_struct_conf.conf_type_id 
_struct_conf.id 
_struct_conf.pdbx_PDB_helix_id 
_struct_conf.beg_label_comp_id 
_struct_conf.beg_label_asym_id 
_struct_conf.beg_label_seq_id 
_struct_conf.pdbx_beg_PDB_ins_code 
_struct_conf.end_label_comp_id 
_struct_conf.end_label_asym_id 
_struct_conf.end_label_seq_id 
_struct_conf.pdbx_end_PDB_ins_code 
_struct_conf.beg_auth_comp_id 
_struct_conf.beg_auth_asym_id 
_struct_conf.beg_auth_seq_id 
_struct_conf.end_auth_comp_id 
_struct_conf.end_auth_asym_id 
_struct_conf.end_auth_seq_id 
_struct_conf.pdbx_PDB_helix_class 
_struct_conf.details 
_struct_conf.pdbx_PDB_helix_length 
HELX_P HELX_P1 1 ASP A 13 ? GLY A 28 ? ASP A 13 GLY A 28 1 ? 16 
HELX_P HELX_P2 2 GLN A 33 ? LYS A 54 ? GLN A 33 LYS A 54 1 ? 22 
# 
_struct_conf_type.id          HELX_P 
_struct_conf_type.criteria    ? 
_struct_conf_type.reference   ? 
# 
_struct_sheet.id               A 
_struct_sheet.type             ? 
_struct_sheet.number_strands   3 
_struct_sheet.details          ? 
# 
loop_
_struct_sheet_order.sheet_id 
_struct_sheet_order.range_id_1 
_struct_sheet_order.range_id_2 
_struct_sheet_order.offset 
_struct_sheet_order.sense 
A 1 2 ? anti-parallel 
A 2 3 ? anti-parallel 
# 
loop_
_struct_sheet_range.sheet_id 
_struct_sheet_range.id 
_struct_sheet_range.beg_label_comp_id 
_struct_sheet_range.beg_label_asym_id 
_struct_sheet_range.beg_label_seq_id 
_struct_sheet_range.pdbx_beg_PDB_ins_code 
_struct_sheet_range.end_label_comp_id 
_struct_sheet_range.end_label_asym_id 
_struct_sheet_range.end_label_seq_id 
_struct_sheet_range.pdbx_end_PDB_ins_code 
_struct_sheet_range.beg_auth_comp_id 
_struct_sheet_range.beg_auth_asym_id 
_struct_sheet_range.beg_auth_seq_id 
_struct_sheet_range.end_auth_comp_id 
_struct_sheet_range.end_auth_asym_id 
_struct_sheet_range.end_auth_seq_id 
A 1 TYR A 59  ? GLN A 69  ? TYR A 59  GLN A 69  
A 2 MET A 100 ? ALA A 110 ? MET A 100 ALA A 110 
A 3 GLY A 89  ? GLU A 96  ? GLY A 89  GLU A 96  
# 
loop_
_pdbx_struct_sheet_hbond.sheet_id 
_pdbx_struct_sheet_hbond.range_id_1 
_pdbx_struct_sheet_hbond.range_id_2 
_pdbx_struct_sheet_hbond.range_1_label_atom_id 
_pdbx_struct_sheet_hbond.range_1_label_comp_id 
_pdbx_struct_sheet_hbond.range_1_label_asym_id 
_pdbx_struct_sheet_hbond.range_1_label_seq_id 
_pdbx_struct_sheet_hbond.range_1_PDB_ins_code 
_pdbx_struct_sheet_hbond.range_1_auth_atom_id 
_pdbx_struct_sheet_hbond.range_1_auth_comp_id 
_pdbx_struct_sheet_hbond.range_1_auth_asym_id 
_pdbx_struct_sheet_hbond.range_1_auth_seq_id 
_pdbx_struct_sheet_hbond.range_2_label_atom_id 
_pdbx_struct_sheet_hbond.range_2_label_comp_id 
_pdbx_struct_sheet_hbond.range_2_label_asym_id 
_pdbx_struct_sheet_hbond.range_2_label_seq_id 
_pdbx_struct_sheet_hbond.range_2_PDB_ins_code 
_pdbx_struct_sheet_hbond.range_2_auth_atom_id 
_pdbx_struct_sheet_hbond.range_2_auth_comp_id 
_pdbx_struct_sheet_hbond.range_2_auth_asym_id 
_pdbx_struct_sheet_hbond.range_2_auth_seq_id 
A 1 2 N LYS A 60  ? N LYS A 60  O LEU A 109 ? O LEU A 109 
A 2 3 O CYS A 102 ? O CYS A 102 N TRP A 95  ? N TRP A 95  
# 
_struct_site.id                   AC1 
_struct_site.pdbx_evidence_code   Software 
_struct_site.pdbx_auth_asym_id    A 
_struct_site.pdbx_auth_comp_id    SO4 
_struct_site.pdbx_auth_seq_id     112 
_struct_site.pdbx_auth_ins_code   ? 
_struct_site.pdbx_num_residues    3 
_struct_site.details              'BINDING SITE FOR RESIDUE SO4 A 112' 
# 
loop_
_struct_site_gen.id 
_struct_site_gen.site_id 
_struct_site_gen.pdbx_num_res 
_struct_site_gen.label_comp_id 
_struct_site_gen.label_asym_id 
_struct_site_gen.label_seq_id 
_struct_site_gen.pdbx_auth_ins_code 
_struct_site_gen.auth_comp_id 
_struct_site_gen.auth_asym_id 
_struct_site_gen.auth_seq_id 
_struct_site_gen.label_atom_id 
_struct_site_gen.label_alt_id 
_struct_site_gen.symmetry 
_struct_site_gen.details 
1 AC1 3 VAL A 15  ? VAL A 15  . ? 1_555 ? 
2 AC1 3 GLY A 108 ? GLY A 108 . ? 1_555 ? 
3 AC1 3 HOH C .   ? HOH A 158 . ? 1_555 ? 
# 
loop_
_pdbx_validate_symm_contact.id 
_pdbx_validate_symm_contact.PDB_model_num 
_pdbx_validate_symm_contact.auth_atom_id_1 
_pdbx_validate_symm_contact.auth_asym_id_1 
_pdbx_validate_symm_contact.auth_comp_id_1 
_pdbx_validate_symm_contact.auth_seq_id_1 
_pdbx_validate_symm_contact.PDB_ins_code_1 
_pdbx_validate_symm_contact.label_alt_id_1 
_pdbx_validate_symm_contact.site_symmetry_1 
_pdbx_validate_symm_contact.auth_atom_id_2 
_pdbx_validate_symm_contact.auth_asym_id_2 
_pdbx_validate_symm_contact.auth_comp_id_2 
_pdbx_validate_symm_contact.auth_seq_id_2 
_pdbx_validate_symm_contact.PDB_ins_code_2 
_pdbx_validate_symm_contact.label_alt_id_2 
_pdbx_validate_symm_contact.site_symmetry_2 
_pdbx_validate_symm_contact.dist 
1 1 O A HOH 115 ? ? 1_555 O A HOH 115 ? ? 6_554 2.03 
2 1 O A HOH 135 ? ? 1_555 O A HOH 251 ? ? 5_665 2.18 
3 1 O A HOH 151 ? ? 1_555 O A HOH 253 ? ? 4_555 2.19 
# 
loop_
_pdbx_validate_rmsd_angle.id 
_pdbx_validate_rmsd_angle.PDB_model_num 
_pdbx_validate_rmsd_angle.auth_atom_id_1 
_pdbx_validate_rmsd_angle.auth_asym_id_1 
_pdbx_validate_rmsd_angle.auth_comp_id_1 
_pdbx_validate_rmsd_angle.auth_seq_id_1 
_pdbx_validate_rmsd_angle.PDB_ins_code_1 
_pdbx_validate_rmsd_angle.label_alt_id_1 
_pdbx_validate_rmsd_angle.auth_atom_id_2 
_pdbx_validate_rmsd_angle.auth_asym_id_2 
_pdbx_validate_rmsd_angle.auth_comp_id_2 
_pdbx_validate_rmsd_angle.auth_seq_id_2 
_pdbx_validate_rmsd_angle.PDB_ins_code_2 
_pdbx_validate_rmsd_angle.label_alt_id_2 
_pdbx_validate_rmsd_angle.auth_atom_id_3 
_pdbx_validate_rmsd_angle.auth_asym_id_3 
_pdbx_validate_rmsd_angle.auth_comp_id_3 
_pdbx_validate_rmsd_angle.auth_seq_id_3 
_pdbx_validate_rmsd_angle.PDB_ins_code_3 
_pdbx_validate_rmsd_angle.label_alt_id_3 
_pdbx_validate_rmsd_angle.angle_value 
_pdbx_validate_rmsd_angle.angle_target_value 
_pdbx_validate_rmsd_angle.angle_deviation 
_pdbx_validate_rmsd_angle.angle_standard_deviation 
_pdbx_validate_rmsd_angle.linker_flag 
1 1 CB A ASP 13  ? ? CG  A ASP 13  ? ? OD2 A ASP 13  ? ? 123.97 118.30 5.67   0.90 N 
2 1 CB A ASP 35  ? ? CG  A ASP 35  ? ? OD1 A ASP 35  ? ? 112.04 118.30 -6.26  0.90 N 
3 1 CA A THR 53  ? ? CB  A THR 53  ? ? CG2 A THR 53  ? ? 103.84 112.40 -8.56  1.40 N 
4 1 CB A TYR 61  ? ? CG  A TYR 61  ? ? CD1 A TYR 61  ? ? 115.01 121.00 -5.99  0.60 N 
5 1 CG A MET 66  ? ? SD  A MET 66  ? ? CE  A MET 66  ? ? 88.48  100.20 -11.72 1.60 N 
6 1 CG A TRP 83  ? ? CD2 A TRP 83  ? ? CE3 A TRP 83  ? ? 128.31 133.90 -5.59  0.90 N 
7 1 CA A MET 100 ? ? CB  A MET 100 ? ? CG  A MET 100 ? ? 124.35 113.30 11.05  1.70 N 
8 1 CB A TYR 101 ? ? CG  A TYR 101 ? ? CD1 A TYR 101 ? ? 116.02 121.00 -4.98  0.60 N 
# 
loop_
_pdbx_validate_torsion.id 
_pdbx_validate_torsion.PDB_model_num 
_pdbx_validate_torsion.auth_comp_id 
_pdbx_validate_torsion.auth_asym_id 
_pdbx_validate_torsion.auth_seq_id 
_pdbx_validate_torsion.PDB_ins_code 
_pdbx_validate_torsion.label_alt_id 
_pdbx_validate_torsion.phi 
_pdbx_validate_torsion.psi 
1 1 ASN A 71 ? ? -149.73 10.81   
2 1 ASN A 97 ? ? -131.64 -159.64 
# 
loop_
_pdbx_struct_special_symmetry.id 
_pdbx_struct_special_symmetry.PDB_model_num 
_pdbx_struct_special_symmetry.auth_asym_id 
_pdbx_struct_special_symmetry.auth_comp_id 
_pdbx_struct_special_symmetry.auth_seq_id 
_pdbx_struct_special_symmetry.PDB_ins_code 
_pdbx_struct_special_symmetry.label_asym_id 
_pdbx_struct_special_symmetry.label_comp_id 
_pdbx_struct_special_symmetry.label_seq_id 
1 1 A HOH 169 ? C HOH . 
2 1 A HOH 184 ? C HOH . 
3 1 A HOH 256 ? C HOH . 
# 
loop_
_pdbx_phasing_MAD_set.id 
_pdbx_phasing_MAD_set.d_res_low 
_pdbx_phasing_MAD_set.d_res_high 
_pdbx_phasing_MAD_set.R_cullis_centric 
_pdbx_phasing_MAD_set.R_cullis_acentric 
_pdbx_phasing_MAD_set.R_kraut_centric 
_pdbx_phasing_MAD_set.R_kraut_acentric 
_pdbx_phasing_MAD_set.power_centric 
_pdbx_phasing_MAD_set.power_acentric 
ISO01 ? 1.76 0.000 0.000 0.112 0.016 0.000 0.000 
ANO01 ? 1.76 0.000 0.953 0.152 0.021 0.000 1.038 
ISO02 ? 1.76 0.522 0.463 0.218 0.030 2.195 3.543 
ANO02 ? 1.76 0.000 0.780 0.148 0.021 0.000 1.928 
ISO03 ? 1.76 0.491 0.447 0.181 0.025 2.537 3.614 
ANO03 ? 1.76 0.000 0.518 0.245 0.034 0.000 3.167 
ISO04 ? 1.76 0.766 0.751 0.257 0.036 0.982 1.707 
ANO04 ? 1.76 0.000 0.640 0.277 0.039 0.000 2.709 
# 
loop_
_pdbx_phasing_MAD_set_shell.id 
_pdbx_phasing_MAD_set_shell.d_res_low 
_pdbx_phasing_MAD_set_shell.d_res_high 
_pdbx_phasing_MAD_set_shell.R_cullis_centric 
_pdbx_phasing_MAD_set_shell.R_cullis_acentric 
_pdbx_phasing_MAD_set_shell.R_kraut_centric 
_pdbx_phasing_MAD_set_shell.R_kraut_acentric 
_pdbx_phasing_MAD_set_shell.power_centric 
_pdbx_phasing_MAD_set_shell.power_acentric 
ISO01 26.21 6.194 0.000 0.000 0.034 0.010 0.000 0.000 
ISO01 6.194 3.884 0.000 0.000 0.057 0.010 0.000 0.000 
ISO01 3.884 3.028 0.000 0.000 0.078 0.011 0.000 0.000 
ISO01 3.028 2.561 0.000 0.000 0.132 0.014 0.000 0.000 
ISO01 2.561 2.260 0.000 0.000 0.171 0.016 0.000 0.000 
ISO01 2.260 2.047 0.000 0.000 0.273 0.020 0.000 0.000 
ISO01 2.047 1.886 0.000 0.000 0.485 0.030 0.000 0.000 
ISO01 1.886 1.757 0.000 0.000 0.770 0.046 0.000 0.000 
ANO01 26.21 6.194 0.000 0.852 0.043 0.012 0.000 2.031 
ANO01 6.194 3.884 0.000 0.917 0.061 0.011 0.000 1.455 
ANO01 3.884 3.028 0.000 0.938 0.099 0.014 0.000 1.611 
ANO01 3.028 2.561 0.000 0.934 0.158 0.016 0.000 1.555 
ANO01 2.561 2.260 0.000 0.961 0.229 0.022 0.000 1.134 
ANO01 2.260 2.047 0.000 0.971 0.374 0.028 0.000 0.803 
ANO01 2.047 1.886 0.000 0.982 0.740 0.046 0.000 0.649 
ANO01 1.886 1.757 0.000 0.995 1.372 0.082 0.000 0.407 
ISO02 26.21 6.194 0.526 0.479 0.140 0.041 2.399 4.587 
ISO02 6.194 3.884 0.542 0.467 0.138 0.025 2.130 3.632 
ISO02 3.884 3.028 0.518 0.496 0.209 0.028 2.400 3.702 
ISO02 3.028 2.561 0.524 0.477 0.296 0.031 2.545 3.724 
ISO02 2.561 2.260 0.480 0.443 0.286 0.027 2.360 3.857 
ISO02 2.260 2.047 0.504 0.418 0.378 0.028 1.754 3.596 
ISO02 2.047 1.886 0.514 0.433 0.529 0.033 1.758 3.389 
ISO02 1.886 1.757 0.517 0.472 0.730 0.045 2.057 2.870 
ANO02 26.21 6.194 0.000 0.537 0.043 0.013 0.000 4.739 
ANO02 6.194 3.884 0.000 0.682 0.068 0.012 0.000 2.519 
ANO02 3.884 3.028 0.000 0.674 0.101 0.014 0.000 2.937 
ANO02 3.028 2.561 0.000 0.714 0.165 0.017 0.000 2.567 
ANO02 2.561 2.260 0.000 0.817 0.209 0.020 0.000 2.114 
ANO02 2.260 2.047 0.000 0.872 0.345 0.025 0.000 1.611 
ANO02 2.047 1.886 0.000 0.953 0.688 0.043 0.000 1.123 
ANO02 1.886 1.757 0.000 0.976 1.157 0.072 0.000 0.831 
ISO03 26.21 6.194 0.475 0.435 0.105 0.031 3.003 4.762 
ISO03 6.194 3.884 0.469 0.416 0.096 0.018 2.906 4.216 
ISO03 3.884 3.028 0.450 0.445 0.148 0.020 2.902 4.261 
ISO03 3.028 2.561 0.484 0.417 0.219 0.023 2.940 4.489 
ISO03 2.561 2.260 0.466 0.412 0.242 0.023 2.496 4.023 
ISO03 2.260 2.047 0.546 0.424 0.345 0.026 2.142 3.733 
ISO03 2.047 1.886 0.605 0.488 0.591 0.038 2.082 2.964 
ISO03 1.886 1.757 0.651 0.583 0.992 0.062 1.444 2.220 
ANO03 26.21 6.194 0.000 0.330 0.076 0.022 0.000 6.416 
ANO03 6.194 3.884 0.000 0.427 0.108 0.020 0.000 4.403 
ANO03 3.884 3.028 0.000 0.380 0.167 0.023 0.000 4.776 
ANO03 3.028 2.561 0.000 0.417 0.278 0.029 0.000 4.362 
ANO03 2.561 2.260 0.000 0.525 0.363 0.035 0.000 3.328 
ANO03 2.260 2.047 0.000 0.620 0.581 0.044 0.000 2.703 
ANO03 2.047 1.886 0.000 0.755 1.073 0.068 0.000 2.032 
ANO03 1.886 1.757 0.000 0.902 1.875 0.117 0.000 1.388 
ISO04 26.21 6.194 0.803 0.734 0.117 0.034 1.728 1.957 
ISO04 6.194 3.884 0.696 0.654 0.108 0.020 1.434 2.163 
ISO04 3.884 3.028 0.742 0.700 0.188 0.025 1.062 2.228 
ISO04 3.028 2.561 0.744 0.722 0.289 0.030 1.248 2.738 
ISO04 2.561 2.260 0.728 0.722 0.341 0.033 0.742 2.459 
ISO04 2.260 2.047 0.767 0.740 0.530 0.040 0.775 1.595 
ISO04 2.047 1.886 0.811 0.821 1.054 0.068 0.344 0.996 
ISO04 1.886 1.757 0.911 0.879 1.914 0.119 0.254 0.531 
ANO04 26.21 6.194 0.000 0.339 0.061 0.018 0.000 6.595 
ANO04 6.194 3.884 0.000 0.450 0.090 0.016 0.000 4.427 
ANO04 3.884 3.028 0.000 0.450 0.157 0.021 0.000 4.274 
ANO04 3.028 2.561 0.000 0.534 0.291 0.030 0.000 3.699 
ANO04 2.561 2.260 0.000 0.646 0.411 0.039 0.000 2.831 
ANO04 2.260 2.047 0.000 0.773 0.722 0.054 0.000 2.132 
ANO04 2.047 1.886 0.000 0.907 1.499 0.097 0.000 1.402 
ANO04 1.886 1.757 0.000 0.979 2.472 0.154 0.000 0.951 
# 
loop_
_pdbx_phasing_MAD_set_site.id 
_pdbx_phasing_MAD_set_site.atom_type_symbol 
_pdbx_phasing_MAD_set_site.Cartn_x 
_pdbx_phasing_MAD_set_site.Cartn_y 
_pdbx_phasing_MAD_set_site.Cartn_z 
_pdbx_phasing_MAD_set_site.occupancy 
_pdbx_phasing_MAD_set_site.b_iso 
1 X 10.957 -39.444 8.747   1.00 400.0 
2 X 22.966 -29.886 -14.541 1.00 400.0 
3 X 30.344 -18.629 14.926  1.00 400.0 
4 X -7.404 3.570   -5.761  1.00 400.0 
# 
loop_
_pdbx_phasing_MAD_shell.d_res_low 
_pdbx_phasing_MAD_shell.d_res_high 
_pdbx_phasing_MAD_shell.reflns_acentric 
_pdbx_phasing_MAD_shell.fom_acentric 
_pdbx_phasing_MAD_shell.reflns_centric 
_pdbx_phasing_MAD_shell.fom_centric 
26.21 4.74 418  0.900 164 0.768 
4.74  3.38 793  0.845 169 0.742 
3.38  2.77 1063 0.854 164 0.701 
2.77  2.40 1264 0.842 170 0.650 
2.40  2.15 1426 0.798 176 0.554 
2.15  1.96 1620 0.733 167 0.491 
1.96  1.82 1723 0.614 156 0.402 
1.82  1.70 1826 0.506 136 0.384 
# 
_phasing.method   MAD 
# 
_phasing_MAD.entry_id               1YGT 
_phasing_MAD.pdbx_d_res_low         26.210 
_phasing_MAD.pdbx_d_res_high        1.700 
_phasing_MAD.pdbx_reflns_acentric   10133 
_phasing_MAD.pdbx_fom_acentric      0.723 
_phasing_MAD.pdbx_reflns_centric    1302 
_phasing_MAD.pdbx_fom_centric       0.592 
# 
loop_
_pdbx_unobs_or_zero_occ_residues.id 
_pdbx_unobs_or_zero_occ_residues.PDB_model_num 
_pdbx_unobs_or_zero_occ_residues.polymer_flag 
_pdbx_unobs_or_zero_occ_residues.occupancy_flag 
_pdbx_unobs_or_zero_occ_residues.auth_asym_id 
_pdbx_unobs_or_zero_occ_residues.auth_comp_id 
_pdbx_unobs_or_zero_occ_residues.auth_seq_id 
_pdbx_unobs_or_zero_occ_residues.PDB_ins_code 
_pdbx_unobs_or_zero_occ_residues.label_asym_id 
_pdbx_unobs_or_zero_occ_residues.label_comp_id 
_pdbx_unobs_or_zero_occ_residues.label_seq_id 
1 1 Y 1 A MET 1 ? A MET 1 
2 1 Y 1 A ASP 2 ? A ASP 2 
3 1 Y 1 A ASP 3 ? A ASP 3 
4 1 Y 1 A SER 4 ? A SER 4 
5 1 Y 1 A ARG 5 ? A ARG 5 
6 1 Y 1 A GLU 6 ? A GLU 6 
7 1 Y 1 A GLU 7 ? A GLU 7 
# 
loop_
_chem_comp_atom.comp_id 
_chem_comp_atom.atom_id 
_chem_comp_atom.type_symbol 
_chem_comp_atom.pdbx_aromatic_flag 
_chem_comp_atom.pdbx_stereo_config 
_chem_comp_atom.pdbx_ordinal 
ALA N    N N N 1   
ALA CA   C N S 2   
ALA C    C N N 3   
ALA O    O N N 4   
ALA CB   C N N 5   
ALA OXT  O N N 6   
ALA H    H N N 7   
ALA H2   H N N 8   
ALA HA   H N N 9   
ALA HB1  H N N 10  
ALA HB2  H N N 11  
ALA HB3  H N N 12  
ALA HXT  H N N 13  
ARG N    N N N 14  
ARG CA   C N S 15  
ARG C    C N N 16  
ARG O    O N N 17  
ARG CB   C N N 18  
ARG CG   C N N 19  
ARG CD   C N N 20  
ARG NE   N N N 21  
ARG CZ   C N N 22  
ARG NH1  N N N 23  
ARG NH2  N N N 24  
ARG OXT  O N N 25  
ARG H    H N N 26  
ARG H2   H N N 27  
ARG HA   H N N 28  
ARG HB2  H N N 29  
ARG HB3  H N N 30  
ARG HG2  H N N 31  
ARG HG3  H N N 32  
ARG HD2  H N N 33  
ARG HD3  H N N 34  
ARG HE   H N N 35  
ARG HH11 H N N 36  
ARG HH12 H N N 37  
ARG HH21 H N N 38  
ARG HH22 H N N 39  
ARG HXT  H N N 40  
ASN N    N N N 41  
ASN CA   C N S 42  
ASN C    C N N 43  
ASN O    O N N 44  
ASN CB   C N N 45  
ASN CG   C N N 46  
ASN OD1  O N N 47  
ASN ND2  N N N 48  
ASN OXT  O N N 49  
ASN H    H N N 50  
ASN H2   H N N 51  
ASN HA   H N N 52  
ASN HB2  H N N 53  
ASN HB3  H N N 54  
ASN HD21 H N N 55  
ASN HD22 H N N 56  
ASN HXT  H N N 57  
ASP N    N N N 58  
ASP CA   C N S 59  
ASP C    C N N 60  
ASP O    O N N 61  
ASP CB   C N N 62  
ASP CG   C N N 63  
ASP OD1  O N N 64  
ASP OD2  O N N 65  
ASP OXT  O N N 66  
ASP H    H N N 67  
ASP H2   H N N 68  
ASP HA   H N N 69  
ASP HB2  H N N 70  
ASP HB3  H N N 71  
ASP HD2  H N N 72  
ASP HXT  H N N 73  
CYS N    N N N 74  
CYS CA   C N R 75  
CYS C    C N N 76  
CYS O    O N N 77  
CYS CB   C N N 78  
CYS SG   S N N 79  
CYS OXT  O N N 80  
CYS H    H N N 81  
CYS H2   H N N 82  
CYS HA   H N N 83  
CYS HB2  H N N 84  
CYS HB3  H N N 85  
CYS HG   H N N 86  
CYS HXT  H N N 87  
GLN N    N N N 88  
GLN CA   C N S 89  
GLN C    C N N 90  
GLN O    O N N 91  
GLN CB   C N N 92  
GLN CG   C N N 93  
GLN CD   C N N 94  
GLN OE1  O N N 95  
GLN NE2  N N N 96  
GLN OXT  O N N 97  
GLN H    H N N 98  
GLN H2   H N N 99  
GLN HA   H N N 100 
GLN HB2  H N N 101 
GLN HB3  H N N 102 
GLN HG2  H N N 103 
GLN HG3  H N N 104 
GLN HE21 H N N 105 
GLN HE22 H N N 106 
GLN HXT  H N N 107 
GLU N    N N N 108 
GLU CA   C N S 109 
GLU C    C N N 110 
GLU O    O N N 111 
GLU CB   C N N 112 
GLU CG   C N N 113 
GLU CD   C N N 114 
GLU OE1  O N N 115 
GLU OE2  O N N 116 
GLU OXT  O N N 117 
GLU H    H N N 118 
GLU H2   H N N 119 
GLU HA   H N N 120 
GLU HB2  H N N 121 
GLU HB3  H N N 122 
GLU HG2  H N N 123 
GLU HG3  H N N 124 
GLU HE2  H N N 125 
GLU HXT  H N N 126 
GLY N    N N N 127 
GLY CA   C N N 128 
GLY C    C N N 129 
GLY O    O N N 130 
GLY OXT  O N N 131 
GLY H    H N N 132 
GLY H2   H N N 133 
GLY HA2  H N N 134 
GLY HA3  H N N 135 
GLY HXT  H N N 136 
HIS N    N N N 137 
HIS CA   C N S 138 
HIS C    C N N 139 
HIS O    O N N 140 
HIS CB   C N N 141 
HIS CG   C Y N 142 
HIS ND1  N Y N 143 
HIS CD2  C Y N 144 
HIS CE1  C Y N 145 
HIS NE2  N Y N 146 
HIS OXT  O N N 147 
HIS H    H N N 148 
HIS H2   H N N 149 
HIS HA   H N N 150 
HIS HB2  H N N 151 
HIS HB3  H N N 152 
HIS HD1  H N N 153 
HIS HD2  H N N 154 
HIS HE1  H N N 155 
HIS HE2  H N N 156 
HIS HXT  H N N 157 
HOH O    O N N 158 
HOH H1   H N N 159 
HOH H2   H N N 160 
ILE N    N N N 161 
ILE CA   C N S 162 
ILE C    C N N 163 
ILE O    O N N 164 
ILE CB   C N S 165 
ILE CG1  C N N 166 
ILE CG2  C N N 167 
ILE CD1  C N N 168 
ILE OXT  O N N 169 
ILE H    H N N 170 
ILE H2   H N N 171 
ILE HA   H N N 172 
ILE HB   H N N 173 
ILE HG12 H N N 174 
ILE HG13 H N N 175 
ILE HG21 H N N 176 
ILE HG22 H N N 177 
ILE HG23 H N N 178 
ILE HD11 H N N 179 
ILE HD12 H N N 180 
ILE HD13 H N N 181 
ILE HXT  H N N 182 
LEU N    N N N 183 
LEU CA   C N S 184 
LEU C    C N N 185 
LEU O    O N N 186 
LEU CB   C N N 187 
LEU CG   C N N 188 
LEU CD1  C N N 189 
LEU CD2  C N N 190 
LEU OXT  O N N 191 
LEU H    H N N 192 
LEU H2   H N N 193 
LEU HA   H N N 194 
LEU HB2  H N N 195 
LEU HB3  H N N 196 
LEU HG   H N N 197 
LEU HD11 H N N 198 
LEU HD12 H N N 199 
LEU HD13 H N N 200 
LEU HD21 H N N 201 
LEU HD22 H N N 202 
LEU HD23 H N N 203 
LEU HXT  H N N 204 
LYS N    N N N 205 
LYS CA   C N S 206 
LYS C    C N N 207 
LYS O    O N N 208 
LYS CB   C N N 209 
LYS CG   C N N 210 
LYS CD   C N N 211 
LYS CE   C N N 212 
LYS NZ   N N N 213 
LYS OXT  O N N 214 
LYS H    H N N 215 
LYS H2   H N N 216 
LYS HA   H N N 217 
LYS HB2  H N N 218 
LYS HB3  H N N 219 
LYS HG2  H N N 220 
LYS HG3  H N N 221 
LYS HD2  H N N 222 
LYS HD3  H N N 223 
LYS HE2  H N N 224 
LYS HE3  H N N 225 
LYS HZ1  H N N 226 
LYS HZ2  H N N 227 
LYS HZ3  H N N 228 
LYS HXT  H N N 229 
MET N    N N N 230 
MET CA   C N S 231 
MET C    C N N 232 
MET O    O N N 233 
MET CB   C N N 234 
MET CG   C N N 235 
MET SD   S N N 236 
MET CE   C N N 237 
MET OXT  O N N 238 
MET H    H N N 239 
MET H2   H N N 240 
MET HA   H N N 241 
MET HB2  H N N 242 
MET HB3  H N N 243 
MET HG2  H N N 244 
MET HG3  H N N 245 
MET HE1  H N N 246 
MET HE2  H N N 247 
MET HE3  H N N 248 
MET HXT  H N N 249 
PHE N    N N N 250 
PHE CA   C N S 251 
PHE C    C N N 252 
PHE O    O N N 253 
PHE CB   C N N 254 
PHE CG   C Y N 255 
PHE CD1  C Y N 256 
PHE CD2  C Y N 257 
PHE CE1  C Y N 258 
PHE CE2  C Y N 259 
PHE CZ   C Y N 260 
PHE OXT  O N N 261 
PHE H    H N N 262 
PHE H2   H N N 263 
PHE HA   H N N 264 
PHE HB2  H N N 265 
PHE HB3  H N N 266 
PHE HD1  H N N 267 
PHE HD2  H N N 268 
PHE HE1  H N N 269 
PHE HE2  H N N 270 
PHE HZ   H N N 271 
PHE HXT  H N N 272 
PRO N    N N N 273 
PRO CA   C N S 274 
PRO C    C N N 275 
PRO O    O N N 276 
PRO CB   C N N 277 
PRO CG   C N N 278 
PRO CD   C N N 279 
PRO OXT  O N N 280 
PRO H    H N N 281 
PRO HA   H N N 282 
PRO HB2  H N N 283 
PRO HB3  H N N 284 
PRO HG2  H N N 285 
PRO HG3  H N N 286 
PRO HD2  H N N 287 
PRO HD3  H N N 288 
PRO HXT  H N N 289 
SER N    N N N 290 
SER CA   C N S 291 
SER C    C N N 292 
SER O    O N N 293 
SER CB   C N N 294 
SER OG   O N N 295 
SER OXT  O N N 296 
SER H    H N N 297 
SER H2   H N N 298 
SER HA   H N N 299 
SER HB2  H N N 300 
SER HB3  H N N 301 
SER HG   H N N 302 
SER HXT  H N N 303 
SO4 S    S N N 304 
SO4 O1   O N N 305 
SO4 O2   O N N 306 
SO4 O3   O N N 307 
SO4 O4   O N N 308 
THR N    N N N 309 
THR CA   C N S 310 
THR C    C N N 311 
THR O    O N N 312 
THR CB   C N R 313 
THR OG1  O N N 314 
THR CG2  C N N 315 
THR OXT  O N N 316 
THR H    H N N 317 
THR H2   H N N 318 
THR HA   H N N 319 
THR HB   H N N 320 
THR HG1  H N N 321 
THR HG21 H N N 322 
THR HG22 H N N 323 
THR HG23 H N N 324 
THR HXT  H N N 325 
TRP N    N N N 326 
TRP CA   C N S 327 
TRP C    C N N 328 
TRP O    O N N 329 
TRP CB   C N N 330 
TRP CG   C Y N 331 
TRP CD1  C Y N 332 
TRP CD2  C Y N 333 
TRP NE1  N Y N 334 
TRP CE2  C Y N 335 
TRP CE3  C Y N 336 
TRP CZ2  C Y N 337 
TRP CZ3  C Y N 338 
TRP CH2  C Y N 339 
TRP OXT  O N N 340 
TRP H    H N N 341 
TRP H2   H N N 342 
TRP HA   H N N 343 
TRP HB2  H N N 344 
TRP HB3  H N N 345 
TRP HD1  H N N 346 
TRP HE1  H N N 347 
TRP HE3  H N N 348 
TRP HZ2  H N N 349 
TRP HZ3  H N N 350 
TRP HH2  H N N 351 
TRP HXT  H N N 352 
TYR N    N N N 353 
TYR CA   C N S 354 
TYR C    C N N 355 
TYR O    O N N 356 
TYR CB   C N N 357 
TYR CG   C Y N 358 
TYR CD1  C Y N 359 
TYR CD2  C Y N 360 
TYR CE1  C Y N 361 
TYR CE2  C Y N 362 
TYR CZ   C Y N 363 
TYR OH   O N N 364 
TYR OXT  O N N 365 
TYR H    H N N 366 
TYR H2   H N N 367 
TYR HA   H N N 368 
TYR HB2  H N N 369 
TYR HB3  H N N 370 
TYR HD1  H N N 371 
TYR HD2  H N N 372 
TYR HE1  H N N 373 
TYR HE2  H N N 374 
TYR HH   H N N 375 
TYR HXT  H N N 376 
VAL N    N N N 377 
VAL CA   C N S 378 
VAL C    C N N 379 
VAL O    O N N 380 
VAL CB   C N N 381 
VAL CG1  C N N 382 
VAL CG2  C N N 383 
VAL OXT  O N N 384 
VAL H    H N N 385 
VAL H2   H N N 386 
VAL HA   H N N 387 
VAL HB   H N N 388 
VAL HG11 H N N 389 
VAL HG12 H N N 390 
VAL HG13 H N N 391 
VAL HG21 H N N 392 
VAL HG22 H N N 393 
VAL HG23 H N N 394 
VAL HXT  H N N 395 
# 
loop_
_chem_comp_bond.comp_id 
_chem_comp_bond.atom_id_1 
_chem_comp_bond.atom_id_2 
_chem_comp_bond.value_order 
_chem_comp_bond.pdbx_aromatic_flag 
_chem_comp_bond.pdbx_stereo_config 
_chem_comp_bond.pdbx_ordinal 
ALA N   CA   sing N N 1   
ALA N   H    sing N N 2   
ALA N   H2   sing N N 3   
ALA CA  C    sing N N 4   
ALA CA  CB   sing N N 5   
ALA CA  HA   sing N N 6   
ALA C   O    doub N N 7   
ALA C   OXT  sing N N 8   
ALA CB  HB1  sing N N 9   
ALA CB  HB2  sing N N 10  
ALA CB  HB3  sing N N 11  
ALA OXT HXT  sing N N 12  
ARG N   CA   sing N N 13  
ARG N   H    sing N N 14  
ARG N   H2   sing N N 15  
ARG CA  C    sing N N 16  
ARG CA  CB   sing N N 17  
ARG CA  HA   sing N N 18  
ARG C   O    doub N N 19  
ARG C   OXT  sing N N 20  
ARG CB  CG   sing N N 21  
ARG CB  HB2  sing N N 22  
ARG CB  HB3  sing N N 23  
ARG CG  CD   sing N N 24  
ARG CG  HG2  sing N N 25  
ARG CG  HG3  sing N N 26  
ARG CD  NE   sing N N 27  
ARG CD  HD2  sing N N 28  
ARG CD  HD3  sing N N 29  
ARG NE  CZ   sing N N 30  
ARG NE  HE   sing N N 31  
ARG CZ  NH1  sing N N 32  
ARG CZ  NH2  doub N N 33  
ARG NH1 HH11 sing N N 34  
ARG NH1 HH12 sing N N 35  
ARG NH2 HH21 sing N N 36  
ARG NH2 HH22 sing N N 37  
ARG OXT HXT  sing N N 38  
ASN N   CA   sing N N 39  
ASN N   H    sing N N 40  
ASN N   H2   sing N N 41  
ASN CA  C    sing N N 42  
ASN CA  CB   sing N N 43  
ASN CA  HA   sing N N 44  
ASN C   O    doub N N 45  
ASN C   OXT  sing N N 46  
ASN CB  CG   sing N N 47  
ASN CB  HB2  sing N N 48  
ASN CB  HB3  sing N N 49  
ASN CG  OD1  doub N N 50  
ASN CG  ND2  sing N N 51  
ASN ND2 HD21 sing N N 52  
ASN ND2 HD22 sing N N 53  
ASN OXT HXT  sing N N 54  
ASP N   CA   sing N N 55  
ASP N   H    sing N N 56  
ASP N   H2   sing N N 57  
ASP CA  C    sing N N 58  
ASP CA  CB   sing N N 59  
ASP CA  HA   sing N N 60  
ASP C   O    doub N N 61  
ASP C   OXT  sing N N 62  
ASP CB  CG   sing N N 63  
ASP CB  HB2  sing N N 64  
ASP CB  HB3  sing N N 65  
ASP CG  OD1  doub N N 66  
ASP CG  OD2  sing N N 67  
ASP OD2 HD2  sing N N 68  
ASP OXT HXT  sing N N 69  
CYS N   CA   sing N N 70  
CYS N   H    sing N N 71  
CYS N   H2   sing N N 72  
CYS CA  C    sing N N 73  
CYS CA  CB   sing N N 74  
CYS CA  HA   sing N N 75  
CYS C   O    doub N N 76  
CYS C   OXT  sing N N 77  
CYS CB  SG   sing N N 78  
CYS CB  HB2  sing N N 79  
CYS CB  HB3  sing N N 80  
CYS SG  HG   sing N N 81  
CYS OXT HXT  sing N N 82  
GLN N   CA   sing N N 83  
GLN N   H    sing N N 84  
GLN N   H2   sing N N 85  
GLN CA  C    sing N N 86  
GLN CA  CB   sing N N 87  
GLN CA  HA   sing N N 88  
GLN C   O    doub N N 89  
GLN C   OXT  sing N N 90  
GLN CB  CG   sing N N 91  
GLN CB  HB2  sing N N 92  
GLN CB  HB3  sing N N 93  
GLN CG  CD   sing N N 94  
GLN CG  HG2  sing N N 95  
GLN CG  HG3  sing N N 96  
GLN CD  OE1  doub N N 97  
GLN CD  NE2  sing N N 98  
GLN NE2 HE21 sing N N 99  
GLN NE2 HE22 sing N N 100 
GLN OXT HXT  sing N N 101 
GLU N   CA   sing N N 102 
GLU N   H    sing N N 103 
GLU N   H2   sing N N 104 
GLU CA  C    sing N N 105 
GLU CA  CB   sing N N 106 
GLU CA  HA   sing N N 107 
GLU C   O    doub N N 108 
GLU C   OXT  sing N N 109 
GLU CB  CG   sing N N 110 
GLU CB  HB2  sing N N 111 
GLU CB  HB3  sing N N 112 
GLU CG  CD   sing N N 113 
GLU CG  HG2  sing N N 114 
GLU CG  HG3  sing N N 115 
GLU CD  OE1  doub N N 116 
GLU CD  OE2  sing N N 117 
GLU OE2 HE2  sing N N 118 
GLU OXT HXT  sing N N 119 
GLY N   CA   sing N N 120 
GLY N   H    sing N N 121 
GLY N   H2   sing N N 122 
GLY CA  C    sing N N 123 
GLY CA  HA2  sing N N 124 
GLY CA  HA3  sing N N 125 
GLY C   O    doub N N 126 
GLY C   OXT  sing N N 127 
GLY OXT HXT  sing N N 128 
HIS N   CA   sing N N 129 
HIS N   H    sing N N 130 
HIS N   H2   sing N N 131 
HIS CA  C    sing N N 132 
HIS CA  CB   sing N N 133 
HIS CA  HA   sing N N 134 
HIS C   O    doub N N 135 
HIS C   OXT  sing N N 136 
HIS CB  CG   sing N N 137 
HIS CB  HB2  sing N N 138 
HIS CB  HB3  sing N N 139 
HIS CG  ND1  sing Y N 140 
HIS CG  CD2  doub Y N 141 
HIS ND1 CE1  doub Y N 142 
HIS ND1 HD1  sing N N 143 
HIS CD2 NE2  sing Y N 144 
HIS CD2 HD2  sing N N 145 
HIS CE1 NE2  sing Y N 146 
HIS CE1 HE1  sing N N 147 
HIS NE2 HE2  sing N N 148 
HIS OXT HXT  sing N N 149 
HOH O   H1   sing N N 150 
HOH O   H2   sing N N 151 
ILE N   CA   sing N N 152 
ILE N   H    sing N N 153 
ILE N   H2   sing N N 154 
ILE CA  C    sing N N 155 
ILE CA  CB   sing N N 156 
ILE CA  HA   sing N N 157 
ILE C   O    doub N N 158 
ILE C   OXT  sing N N 159 
ILE CB  CG1  sing N N 160 
ILE CB  CG2  sing N N 161 
ILE CB  HB   sing N N 162 
ILE CG1 CD1  sing N N 163 
ILE CG1 HG12 sing N N 164 
ILE CG1 HG13 sing N N 165 
ILE CG2 HG21 sing N N 166 
ILE CG2 HG22 sing N N 167 
ILE CG2 HG23 sing N N 168 
ILE CD1 HD11 sing N N 169 
ILE CD1 HD12 sing N N 170 
ILE CD1 HD13 sing N N 171 
ILE OXT HXT  sing N N 172 
LEU N   CA   sing N N 173 
LEU N   H    sing N N 174 
LEU N   H2   sing N N 175 
LEU CA  C    sing N N 176 
LEU CA  CB   sing N N 177 
LEU CA  HA   sing N N 178 
LEU C   O    doub N N 179 
LEU C   OXT  sing N N 180 
LEU CB  CG   sing N N 181 
LEU CB  HB2  sing N N 182 
LEU CB  HB3  sing N N 183 
LEU CG  CD1  sing N N 184 
LEU CG  CD2  sing N N 185 
LEU CG  HG   sing N N 186 
LEU CD1 HD11 sing N N 187 
LEU CD1 HD12 sing N N 188 
LEU CD1 HD13 sing N N 189 
LEU CD2 HD21 sing N N 190 
LEU CD2 HD22 sing N N 191 
LEU CD2 HD23 sing N N 192 
LEU OXT HXT  sing N N 193 
LYS N   CA   sing N N 194 
LYS N   H    sing N N 195 
LYS N   H2   sing N N 196 
LYS CA  C    sing N N 197 
LYS CA  CB   sing N N 198 
LYS CA  HA   sing N N 199 
LYS C   O    doub N N 200 
LYS C   OXT  sing N N 201 
LYS CB  CG   sing N N 202 
LYS CB  HB2  sing N N 203 
LYS CB  HB3  sing N N 204 
LYS CG  CD   sing N N 205 
LYS CG  HG2  sing N N 206 
LYS CG  HG3  sing N N 207 
LYS CD  CE   sing N N 208 
LYS CD  HD2  sing N N 209 
LYS CD  HD3  sing N N 210 
LYS CE  NZ   sing N N 211 
LYS CE  HE2  sing N N 212 
LYS CE  HE3  sing N N 213 
LYS NZ  HZ1  sing N N 214 
LYS NZ  HZ2  sing N N 215 
LYS NZ  HZ3  sing N N 216 
LYS OXT HXT  sing N N 217 
MET N   CA   sing N N 218 
MET N   H    sing N N 219 
MET N   H2   sing N N 220 
MET CA  C    sing N N 221 
MET CA  CB   sing N N 222 
MET CA  HA   sing N N 223 
MET C   O    doub N N 224 
MET C   OXT  sing N N 225 
MET CB  CG   sing N N 226 
MET CB  HB2  sing N N 227 
MET CB  HB3  sing N N 228 
MET CG  SD   sing N N 229 
MET CG  HG2  sing N N 230 
MET CG  HG3  sing N N 231 
MET SD  CE   sing N N 232 
MET CE  HE1  sing N N 233 
MET CE  HE2  sing N N 234 
MET CE  HE3  sing N N 235 
MET OXT HXT  sing N N 236 
PHE N   CA   sing N N 237 
PHE N   H    sing N N 238 
PHE N   H2   sing N N 239 
PHE CA  C    sing N N 240 
PHE CA  CB   sing N N 241 
PHE CA  HA   sing N N 242 
PHE C   O    doub N N 243 
PHE C   OXT  sing N N 244 
PHE CB  CG   sing N N 245 
PHE CB  HB2  sing N N 246 
PHE CB  HB3  sing N N 247 
PHE CG  CD1  doub Y N 248 
PHE CG  CD2  sing Y N 249 
PHE CD1 CE1  sing Y N 250 
PHE CD1 HD1  sing N N 251 
PHE CD2 CE2  doub Y N 252 
PHE CD2 HD2  sing N N 253 
PHE CE1 CZ   doub Y N 254 
PHE CE1 HE1  sing N N 255 
PHE CE2 CZ   sing Y N 256 
PHE CE2 HE2  sing N N 257 
PHE CZ  HZ   sing N N 258 
PHE OXT HXT  sing N N 259 
PRO N   CA   sing N N 260 
PRO N   CD   sing N N 261 
PRO N   H    sing N N 262 
PRO CA  C    sing N N 263 
PRO CA  CB   sing N N 264 
PRO CA  HA   sing N N 265 
PRO C   O    doub N N 266 
PRO C   OXT  sing N N 267 
PRO CB  CG   sing N N 268 
PRO CB  HB2  sing N N 269 
PRO CB  HB3  sing N N 270 
PRO CG  CD   sing N N 271 
PRO CG  HG2  sing N N 272 
PRO CG  HG3  sing N N 273 
PRO CD  HD2  sing N N 274 
PRO CD  HD3  sing N N 275 
PRO OXT HXT  sing N N 276 
SER N   CA   sing N N 277 
SER N   H    sing N N 278 
SER N   H2   sing N N 279 
SER CA  C    sing N N 280 
SER CA  CB   sing N N 281 
SER CA  HA   sing N N 282 
SER C   O    doub N N 283 
SER C   OXT  sing N N 284 
SER CB  OG   sing N N 285 
SER CB  HB2  sing N N 286 
SER CB  HB3  sing N N 287 
SER OG  HG   sing N N 288 
SER OXT HXT  sing N N 289 
SO4 S   O1   doub N N 290 
SO4 S   O2   doub N N 291 
SO4 S   O3   sing N N 292 
SO4 S   O4   sing N N 293 
THR N   CA   sing N N 294 
THR N   H    sing N N 295 
THR N   H2   sing N N 296 
THR CA  C    sing N N 297 
THR CA  CB   sing N N 298 
THR CA  HA   sing N N 299 
THR C   O    doub N N 300 
THR C   OXT  sing N N 301 
THR CB  OG1  sing N N 302 
THR CB  CG2  sing N N 303 
THR CB  HB   sing N N 304 
THR OG1 HG1  sing N N 305 
THR CG2 HG21 sing N N 306 
THR CG2 HG22 sing N N 307 
THR CG2 HG23 sing N N 308 
THR OXT HXT  sing N N 309 
TRP N   CA   sing N N 310 
TRP N   H    sing N N 311 
TRP N   H2   sing N N 312 
TRP CA  C    sing N N 313 
TRP CA  CB   sing N N 314 
TRP CA  HA   sing N N 315 
TRP C   O    doub N N 316 
TRP C   OXT  sing N N 317 
TRP CB  CG   sing N N 318 
TRP CB  HB2  sing N N 319 
TRP CB  HB3  sing N N 320 
TRP CG  CD1  doub Y N 321 
TRP CG  CD2  sing Y N 322 
TRP CD1 NE1  sing Y N 323 
TRP CD1 HD1  sing N N 324 
TRP CD2 CE2  doub Y N 325 
TRP CD2 CE3  sing Y N 326 
TRP NE1 CE2  sing Y N 327 
TRP NE1 HE1  sing N N 328 
TRP CE2 CZ2  sing Y N 329 
TRP CE3 CZ3  doub Y N 330 
TRP CE3 HE3  sing N N 331 
TRP CZ2 CH2  doub Y N 332 
TRP CZ2 HZ2  sing N N 333 
TRP CZ3 CH2  sing Y N 334 
TRP CZ3 HZ3  sing N N 335 
TRP CH2 HH2  sing N N 336 
TRP OXT HXT  sing N N 337 
TYR N   CA   sing N N 338 
TYR N   H    sing N N 339 
TYR N   H2   sing N N 340 
TYR CA  C    sing N N 341 
TYR CA  CB   sing N N 342 
TYR CA  HA   sing N N 343 
TYR C   O    doub N N 344 
TYR C   OXT  sing N N 345 
TYR CB  CG   sing N N 346 
TYR CB  HB2  sing N N 347 
TYR CB  HB3  sing N N 348 
TYR CG  CD1  doub Y N 349 
TYR CG  CD2  sing Y N 350 
TYR CD1 CE1  sing Y N 351 
TYR CD1 HD1  sing N N 352 
TYR CD2 CE2  doub Y N 353 
TYR CD2 HD2  sing N N 354 
TYR CE1 CZ   doub Y N 355 
TYR CE1 HE1  sing N N 356 
TYR CE2 CZ   sing Y N 357 
TYR CE2 HE2  sing N N 358 
TYR CZ  OH   sing N N 359 
TYR OH  HH   sing N N 360 
TYR OXT HXT  sing N N 361 
VAL N   CA   sing N N 362 
VAL N   H    sing N N 363 
VAL N   H2   sing N N 364 
VAL CA  C    sing N N 365 
VAL CA  CB   sing N N 366 
VAL CA  HA   sing N N 367 
VAL C   O    doub N N 368 
VAL C   OXT  sing N N 369 
VAL CB  CG1  sing N N 370 
VAL CB  CG2  sing N N 371 
VAL CB  HB   sing N N 372 
VAL CG1 HG11 sing N N 373 
VAL CG1 HG12 sing N N 374 
VAL CG1 HG13 sing N N 375 
VAL CG2 HG21 sing N N 376 
VAL CG2 HG22 sing N N 377 
VAL CG2 HG23 sing N N 378 
VAL OXT HXT  sing N N 379 
# 
_atom_sites.entry_id                    1YGT 
_atom_sites.fract_transf_matrix[1][1]   -0.00946517 
_atom_sites.fract_transf_matrix[1][2]   -0.00864783 
_atom_sites.fract_transf_matrix[1][3]   -0.01409696 
_atom_sites.fract_transf_matrix[2][1]   0.00322963 
_atom_sites.fract_transf_matrix[2][2]   0.00498494 
_atom_sites.fract_transf_matrix[2][3]   -0.01810560 
_atom_sites.fract_transf_matrix[3][1]   0.01487925 
_atom_sites.fract_transf_matrix[3][2]   -0.01422686 
_atom_sites.fract_transf_matrix[3][3]   -0.00126290 
_atom_sites.fract_transf_vector[1]      0.351536 
_atom_sites.fract_transf_vector[2]      0.386972 
_atom_sites.fract_transf_vector[3]      0.183688 
# 
loop_
_atom_type.symbol 
C 
N 
O 
S 
# 
loop_
_atom_site.group_PDB 
_atom_site.id 
_atom_site.type_symbol 
_atom_site.label_atom_id 
_atom_site.label_alt_id 
_atom_site.label_comp_id 
_atom_site.label_asym_id 
_atom_site.label_entity_id 
_atom_site.label_seq_id 
_atom_site.pdbx_PDB_ins_code 
_atom_site.Cartn_x 
_atom_site.Cartn_y 
_atom_site.Cartn_z 
_atom_site.occupancy 
_atom_site.B_iso_or_equiv 
_atom_site.pdbx_formal_charge 
_atom_site.auth_seq_id 
_atom_site.auth_comp_id 
_atom_site.auth_asym_id 
_atom_site.auth_atom_id 
_atom_site.pdbx_PDB_model_num 
ATOM   1   N N   . SER A 1 8   ? 20.624  13.023  -11.362 1.00 42.32 ? 8   SER A N   1 
ATOM   2   C CA  . SER A 1 8   ? 19.901  12.828  -10.065 1.00 40.90 ? 8   SER A CA  1 
ATOM   3   C C   . SER A 1 8   ? 19.991  11.381  -9.619  1.00 40.34 ? 8   SER A C   1 
ATOM   4   O O   . SER A 1 8   ? 20.355  10.528  -10.431 1.00 41.23 ? 8   SER A O   1 
ATOM   5   C CB  . SER A 1 8   ? 18.423  13.232  -10.161 1.00 41.15 ? 8   SER A CB  1 
ATOM   6   O OG  . SER A 1 8   ? 17.717  12.272  -10.924 1.00 44.43 ? 8   SER A OG  1 
ATOM   7   N N   . GLN A 1 9   ? 19.686  11.140  -8.352  1.00 35.92 ? 9   GLN A N   1 
ATOM   8   C CA  . GLN A 1 9   ? 19.681  9.760   -7.872  1.00 36.74 ? 9   GLN A CA  1 
ATOM   9   C C   . GLN A 1 9   ? 18.827  9.727   -6.586  1.00 33.91 ? 9   GLN A C   1 
ATOM   10  O O   . GLN A 1 9   ? 18.423  10.769  -6.060  1.00 28.72 ? 9   GLN A O   1 
ATOM   11  C CB  . GLN A 1 9   ? 21.063  9.190   -7.672  1.00 38.99 ? 9   GLN A CB  1 
ATOM   12  C CG  . GLN A 1 9   ? 21.931  9.508   -6.500  1.00 41.65 ? 9   GLN A CG  1 
ATOM   13  C CD  . GLN A 1 9   ? 21.444  9.172   -5.119  1.00 44.81 ? 9   GLN A CD  1 
ATOM   14  O OE1 . GLN A 1 9   ? 21.321  8.024   -4.668  1.00 47.58 ? 9   GLN A OE1 1 
ATOM   15  N NE2 . GLN A 1 9   ? 21.186  10.177  -4.275  1.00 46.71 ? 9   GLN A NE2 1 
ATOM   16  N N   . PHE A 1 10  ? 18.497  8.501   -6.179  1.00 30.93 ? 10  PHE A N   1 
ATOM   17  C CA  . PHE A 1 10  ? 17.695  8.444   -4.949  1.00 29.25 ? 10  PHE A CA  1 
ATOM   18  C C   . PHE A 1 10  ? 17.858  7.076   -4.305  1.00 27.81 ? 10  PHE A C   1 
ATOM   19  O O   . PHE A 1 10  ? 18.235  6.126   -4.993  1.00 28.88 ? 10  PHE A O   1 
ATOM   20  C CB  . PHE A 1 10  ? 16.225  8.725   -5.215  1.00 31.57 ? 10  PHE A CB  1 
ATOM   21  C CG  . PHE A 1 10  ? 15.553  7.695   -6.065  1.00 34.31 ? 10  PHE A CG  1 
ATOM   22  C CD1 . PHE A 1 10  ? 14.786  6.684   -5.536  1.00 35.78 ? 10  PHE A CD1 1 
ATOM   23  C CD2 . PHE A 1 10  ? 15.723  7.748   -7.443  1.00 35.81 ? 10  PHE A CD2 1 
ATOM   24  C CE1 . PHE A 1 10  ? 14.193  5.739   -6.363  1.00 37.28 ? 10  PHE A CE1 1 
ATOM   25  C CE2 . PHE A 1 10  ? 15.145  6.811   -8.274  1.00 38.06 ? 10  PHE A CE2 1 
ATOM   26  C CZ  . PHE A 1 10  ? 14.359  5.796   -7.727  1.00 38.47 ? 10  PHE A CZ  1 
ATOM   27  N N   . ILE A 1 11  ? 17.662  7.064   -3.001  1.00 26.39 ? 11  ILE A N   1 
ATOM   28  C CA  . ILE A 1 11  ? 17.622  5.812   -2.233  1.00 28.62 ? 11  ILE A CA  1 
ATOM   29  C C   . ILE A 1 11  ? 16.230  5.722   -1.605  1.00 27.66 ? 11  ILE A C   1 
ATOM   30  O O   . ILE A 1 11  ? 15.827  6.664   -0.902  1.00 25.70 ? 11  ILE A O   1 
ATOM   31  C CB  . ILE A 1 11  ? 18.650  5.853   -1.089  1.00 30.79 ? 11  ILE A CB  1 
ATOM   32  C CG1 . ILE A 1 11  ? 20.025  5.848   -1.786  1.00 31.46 ? 11  ILE A CG1 1 
ATOM   33  C CG2 . ILE A 1 11  ? 18.439  4.645   -0.193  1.00 33.08 ? 11  ILE A CG2 1 
ATOM   34  C CD1 . ILE A 1 11  ? 21.094  6.335   -0.838  1.00 32.65 ? 11  ILE A CD1 1 
ATOM   35  N N   . VAL A 1 12  ? 15.547  4.624   -1.802  1.00 27.23 ? 12  VAL A N   1 
ATOM   36  C CA  . VAL A 1 12  ? 14.172  4.416   -1.320  1.00 27.72 ? 12  VAL A CA  1 
ATOM   37  C C   . VAL A 1 12  ? 14.050  4.090   0.147   1.00 25.41 ? 12  VAL A C   1 
ATOM   38  O O   . VAL A 1 12  ? 14.890  3.363   0.684   1.00 26.51 ? 12  VAL A O   1 
ATOM   39  C CB  . VAL A 1 12  ? 13.505  3.264   -2.106  1.00 29.99 ? 12  VAL A CB  1 
ATOM   40  C CG1 . VAL A 1 12  ? 12.063  3.081   -1.647  1.00 30.50 ? 12  VAL A CG1 1 
ATOM   41  C CG2 . VAL A 1 12  ? 13.522  3.569   -3.603  1.00 31.97 ? 12  VAL A CG2 1 
ATOM   42  N N   . ASP A 1 13  ? 13.248  4.857   0.905   1.00 23.36 ? 13  ASP A N   1 
ATOM   43  C CA  . ASP A 1 13  ? 13.112  4.573   2.336   1.00 24.56 ? 13  ASP A CA  1 
ATOM   44  C C   . ASP A 1 13  ? 12.585  3.138   2.572   1.00 25.70 ? 13  ASP A C   1 
ATOM   45  O O   . ASP A 1 13  ? 11.854  2.517   1.773   1.00 25.71 ? 13  ASP A O   1 
ATOM   46  C CB  . ASP A 1 13  ? 12.176  5.615   2.921   1.00 26.24 ? 13  ASP A CB  1 
ATOM   47  C CG  . ASP A 1 13  ? 10.744  5.419   2.478   1.00 30.55 ? 13  ASP A CG  1 
ATOM   48  O OD1 . ASP A 1 13  ? 10.038  4.758   3.293   1.00 32.58 ? 13  ASP A OD1 1 
ATOM   49  O OD2 . ASP A 1 13  ? 10.269  5.900   1.440   1.00 33.94 ? 13  ASP A OD2 1 
ATOM   50  N N   . ASP A 1 14  ? 12.907  2.622   3.719   1.00 28.05 ? 14  ASP A N   1 
ATOM   51  C CA  . ASP A 1 14  ? 12.591  1.257   4.143   1.00 32.71 ? 14  ASP A CA  1 
ATOM   52  C C   . ASP A 1 14  ? 11.108  0.922   4.120   1.00 30.06 ? 14  ASP A C   1 
ATOM   53  O O   . ASP A 1 14  ? 10.813  -0.147  3.596   1.00 31.63 ? 14  ASP A O   1 
ATOM   54  C CB  . ASP A 1 14  ? 13.165  0.928   5.544   1.00 37.22 ? 14  ASP A CB  1 
ATOM   55  C CG  . ASP A 1 14  ? 14.581  0.384   5.531   1.00 43.19 ? 14  ASP A CG  1 
ATOM   56  O OD1 . ASP A 1 14  ? 15.259  0.251   4.470   1.00 45.27 ? 14  ASP A OD1 1 
ATOM   57  O OD2 . ASP A 1 14  ? 15.125  0.087   6.651   1.00 46.26 ? 14  ASP A OD2 1 
ATOM   58  N N   . VAL A 1 15  ? 10.244  1.781   4.603   1.00 30.08 ? 15  VAL A N   1 
ATOM   59  C CA  . VAL A 1 15  ? 8.810   1.488   4.574   1.00 29.61 ? 15  VAL A CA  1 
ATOM   60  C C   . VAL A 1 15  ? 8.320   1.352   3.141   1.00 26.49 ? 15  VAL A C   1 
ATOM   61  O O   . VAL A 1 15  ? 7.672   0.340   2.835   1.00 26.31 ? 15  VAL A O   1 
ATOM   62  C CB  . VAL A 1 15  ? 7.997   2.562   5.336   1.00 30.49 ? 15  VAL A CB  1 
ATOM   63  C CG1 . VAL A 1 15  ? 6.513   2.247   5.228   1.00 29.72 ? 15  VAL A CG1 1 
ATOM   64  C CG2 . VAL A 1 15  ? 8.411   2.541   6.822   1.00 34.76 ? 15  VAL A CG2 1 
ATOM   65  N N   . SER A 1 16  ? 8.670   2.292   2.262   1.00 25.56 ? 16  SER A N   1 
ATOM   66  C CA  . SER A 1 16  ? 8.213   2.220   0.876   1.00 24.21 ? 16  SER A CA  1 
ATOM   67  C C   . SER A 1 16  ? 8.749   0.926   0.221   1.00 24.71 ? 16  SER A C   1 
ATOM   68  O O   . SER A 1 16  ? 8.018   0.256   -0.492  1.00 25.07 ? 16  SER A O   1 
ATOM   69  C CB  . SER A 1 16  ? 8.616   3.421   -0.025  1.00 26.62 ? 16  SER A CB  1 
ATOM   70  O OG  . SER A 1 16  ? 8.133   4.601   0.614   1.00 30.39 ? 16  SER A OG  1 
ATOM   71  N N   . LYS A 1 17  ? 9.978   0.541   0.531   1.00 25.26 ? 17  LYS A N   1 
ATOM   72  C CA  . LYS A 1 17  ? 10.610  -0.565  -0.173  1.00 27.37 ? 17  LYS A CA  1 
ATOM   73  C C   . LYS A 1 17  ? 9.923   -1.869  0.242   1.00 27.73 ? 17  LYS A C   1 
ATOM   74  O O   . LYS A 1 17  ? 9.591   -2.660  -0.671  1.00 28.41 ? 17  LYS A O   1 
ATOM   75  C CB  . LYS A 1 17  ? 12.115  -0.525  0.068   1.00 30.63 ? 17  LYS A CB  1 
ATOM   76  C CG  . LYS A 1 17  ? 12.954  -1.736  -0.053  1.00 38.51 ? 17  LYS A CG  1 
ATOM   77  C CD  . LYS A 1 17  ? 12.561  -2.936  -0.866  1.00 41.77 ? 17  LYS A CD  1 
ATOM   78  C CE  . LYS A 1 17  ? 12.543  -4.222  -0.022  1.00 44.56 ? 17  LYS A CE  1 
ATOM   79  N NZ  . LYS A 1 17  ? 12.315  -5.457  -0.821  1.00 44.57 ? 17  LYS A NZ  1 
ATOM   80  N N   . THR A 1 18  ? 9.629   -1.939  1.514   1.00 26.76 ? 18  THR A N   1 
ATOM   81  C CA  . THR A 1 18  ? 9.039   -3.170  2.061   1.00 30.29 ? 18  THR A CA  1 
ATOM   82  C C   . THR A 1 18  ? 7.546   -3.230  1.724   1.00 29.48 ? 18  THR A C   1 
ATOM   83  O O   . THR A 1 18  ? 7.100   -4.345  1.417   1.00 27.25 ? 18  THR A O   1 
ATOM   84  C CB  . THR A 1 18  ? 9.313   -3.345  3.548   1.00 34.57 ? 18  THR A CB  1 
ATOM   85  O OG1 . THR A 1 18  ? 8.579   -2.371  4.300   1.00 37.76 ? 18  THR A OG1 1 
ATOM   86  C CG2 . THR A 1 18  ? 10.794  -3.129  3.891   1.00 33.94 ? 18  THR A CG2 1 
ATOM   87  N N   . ILE A 1 19  ? 6.815   -2.129  1.604   1.00 27.71 ? 19  ILE A N   1 
ATOM   88  C CA  . ILE A 1 19  ? 5.441   -2.182  1.135   1.00 27.17 ? 19  ILE A CA  1 
ATOM   89  C C   . ILE A 1 19  ? 5.374   -2.630  -0.330  1.00 26.25 ? 19  ILE A C   1 
ATOM   90  O O   . ILE A 1 19  ? 4.562   -3.429  -0.824  1.00 26.35 ? 19  ILE A O   1 
ATOM   91  C CB  . ILE A 1 19  ? 4.743   -0.833  1.354   1.00 28.68 ? 19  ILE A CB  1 
ATOM   92  C CG1 . ILE A 1 19  ? 4.620   -0.518  2.847   1.00 29.23 ? 19  ILE A CG1 1 
ATOM   93  C CG2 . ILE A 1 19  ? 3.420   -0.794  0.654   1.00 28.32 ? 19  ILE A CG2 1 
ATOM   94  C CD1 . ILE A 1 19  ? 3.791   -1.531  3.631   1.00 32.24 ? 19  ILE A CD1 1 
ATOM   95  N N   . LYS A 1 20  ? 6.263   -2.052  -1.168  1.00 23.35 ? 20  LYS A N   1 
ATOM   96  C CA  . LYS A 1 20  ? 6.297   -2.399  -2.588  1.00 26.38 ? 20  LYS A CA  1 
ATOM   97  C C   . LYS A 1 20  ? 6.608   -3.888  -2.726  1.00 26.48 ? 20  LYS A C   1 
ATOM   98  O O   . LYS A 1 20  ? 5.981   -4.585  -3.518  1.00 25.94 ? 20  LYS A O   1 
ATOM   99  C CB  . LYS A 1 20  ? 7.310   -1.548  -3.388  1.00 28.84 ? 20  LYS A CB  1 
ATOM   100 C CG  . LYS A 1 20  ? 7.049   -1.699  -4.889  1.00 33.50 ? 20  LYS A CG  1 
ATOM   101 C CD  . LYS A 1 20  ? 7.607   -0.546  -5.713  1.00 36.85 ? 20  LYS A CD  1 
ATOM   102 C CE  . LYS A 1 20  ? 7.277   -0.593  -7.200  1.00 41.34 ? 20  LYS A CE  1 
ATOM   103 N NZ  . LYS A 1 20  ? 8.047   0.491   -7.911  1.00 43.83 ? 20  LYS A NZ  1 
ATOM   104 N N   . GLU A 1 21  ? 7.559   -4.384  -1.940  1.00 28.89 ? 21  GLU A N   1 
ATOM   105 C CA  . GLU A 1 21  ? 7.854   -5.819  -2.012  1.00 34.08 ? 21  GLU A CA  1 
ATOM   106 C C   . GLU A 1 21  ? 6.634   -6.658  -1.631  1.00 33.03 ? 21  GLU A C   1 
ATOM   107 O O   . GLU A 1 21  ? 6.354   -7.685  -2.271  1.00 33.75 ? 21  GLU A O   1 
ATOM   108 C CB  . GLU A 1 21  ? 9.049   -6.214  -1.131  1.00 39.49 ? 21  GLU A CB  1 
ATOM   109 C CG  . GLU A 1 21  ? 9.315   -7.700  -1.054  1.00 47.38 ? 21  GLU A CG  1 
ATOM   110 C CD  . GLU A 1 21  ? 9.902   -8.376  -2.267  1.00 53.93 ? 21  GLU A CD  1 
ATOM   111 O OE1 . GLU A 1 21  ? 10.239  -7.761  -3.325  1.00 57.61 ? 21  GLU A OE1 1 
ATOM   112 O OE2 . GLU A 1 21  ? 10.017  -9.633  -2.231  1.00 56.92 ? 21  GLU A OE2 1 
ATOM   113 N N   . ALA A 1 22  ? 5.859   -6.260  -0.619  1.00 31.84 ? 22  ALA A N   1 
ATOM   114 C CA  . ALA A 1 22  ? 4.670   -7.009  -0.226  1.00 29.65 ? 22  ALA A CA  1 
ATOM   115 C C   . ALA A 1 22  ? 3.642   -7.022  -1.341  1.00 29.20 ? 22  ALA A C   1 
ATOM   116 O O   . ALA A 1 22  ? 2.984   -8.034  -1.638  1.00 28.51 ? 22  ALA A O   1 
ATOM   117 C CB  . ALA A 1 22  ? 4.083   -6.426  1.056   1.00 29.86 ? 22  ALA A CB  1 
ATOM   118 N N   . ILE A 1 23  ? 3.492   -5.880  -2.039  1.00 24.55 ? 23  ILE A N   1 
ATOM   119 C CA  . ILE A 1 23  ? 2.602   -5.891  -3.196  1.00 24.17 ? 23  ILE A CA  1 
ATOM   120 C C   . ILE A 1 23  ? 3.107   -6.848  -4.286  1.00 26.63 ? 23  ILE A C   1 
ATOM   121 O O   . ILE A 1 23  ? 2.320   -7.626  -4.850  1.00 27.72 ? 23  ILE A O   1 
ATOM   122 C CB  . ILE A 1 23  ? 2.500   -4.494  -3.826  1.00 25.64 ? 23  ILE A CB  1 
ATOM   123 C CG1 . ILE A 1 23  ? 1.986   -3.507  -2.777  1.00 25.25 ? 23  ILE A CG1 1 
ATOM   124 C CG2 . ILE A 1 23  ? 1.608   -4.573  -5.051  1.00 26.17 ? 23  ILE A CG2 1 
ATOM   125 C CD1 . ILE A 1 23  ? 1.980   -2.033  -3.254  1.00 26.10 ? 23  ILE A CD1 1 
ATOM   126 N N   . GLU A 1 24  ? 4.366   -6.748  -4.622  1.00 25.88 ? 24  GLU A N   1 
ATOM   127 C CA  . GLU A 1 24  ? 4.891   -7.562  -5.749  1.00 29.29 ? 24  GLU A CA  1 
ATOM   128 C C   . GLU A 1 24  ? 4.782   -9.041  -5.417  1.00 30.91 ? 24  GLU A C   1 
ATOM   129 O O   . GLU A 1 24  ? 4.517   -9.882  -6.297  1.00 31.90 ? 24  GLU A O   1 
ATOM   130 C CB  . GLU A 1 24  ? 6.324   -7.088  -5.991  1.00 32.87 ? 24  GLU A CB  1 
ATOM   131 C CG  . GLU A 1 24  ? 7.119   -8.046  -6.871  1.00 38.48 ? 24  GLU A CG  1 
ATOM   132 C CD  . GLU A 1 24  ? 6.739   -7.931  -8.321  1.00 41.05 ? 24  GLU A CD  1 
ATOM   133 O OE1 . GLU A 1 24  ? 6.565   -6.795  -8.808  1.00 43.38 ? 24  GLU A OE1 1 
ATOM   134 O OE2 . GLU A 1 24  ? 6.596   -8.987  -8.968  1.00 44.39 ? 24  GLU A OE2 1 
ATOM   135 N N   . THR A 1 25  ? 5.005   -9.410  -4.177  1.00 30.55 ? 25  THR A N   1 
ATOM   136 C CA  . THR A 1 25  ? 4.929   -10.795 -3.724  1.00 34.12 ? 25  THR A CA  1 
ATOM   137 C C   . THR A 1 25  ? 3.486   -11.276 -3.855  1.00 34.57 ? 25  THR A C   1 
ATOM   138 O O   . THR A 1 25  ? 3.186   -12.413 -4.199  1.00 35.81 ? 25  THR A O   1 
ATOM   139 C CB  . THR A 1 25  ? 5.346   -10.932 -2.252  1.00 36.71 ? 25  THR A CB  1 
ATOM   140 O OG1 . THR A 1 25  ? 6.734   -10.611 -2.078  1.00 39.29 ? 25  THR A OG1 1 
ATOM   141 C CG2 . THR A 1 25  ? 5.104   -12.332 -1.726  1.00 38.49 ? 25  THR A CG2 1 
ATOM   142 N N   . THR A 1 26  ? 2.547   -10.431 -3.432  1.00 31.90 ? 26  THR A N   1 
ATOM   143 C CA  . THR A 1 26  ? 1.133   -10.804 -3.447  1.00 31.22 ? 26  THR A CA  1 
ATOM   144 C C   . THR A 1 26  ? 0.544   -10.881 -4.820  1.00 30.95 ? 26  THR A C   1 
ATOM   145 O O   . THR A 1 26  ? -0.230  -11.851 -5.028  1.00 34.17 ? 26  THR A O   1 
ATOM   146 C CB  . THR A 1 26  ? 0.354   -9.843  -2.525  1.00 30.80 ? 26  THR A CB  1 
ATOM   147 O OG1 . THR A 1 26  ? 1.063   -9.778  -1.269  1.00 32.29 ? 26  THR A OG1 1 
ATOM   148 C CG2 . THR A 1 26  ? -1.085  -10.292 -2.330  1.00 32.19 ? 26  THR A CG2 1 
ATOM   149 N N   . ILE A 1 27  ? 0.772   -9.939  -5.733  1.00 28.48 ? 27  ILE A N   1 
ATOM   150 C CA  . ILE A 1 27  ? 0.108   -9.934  -6.985  1.00 29.09 ? 27  ILE A CA  1 
ATOM   151 C C   . ILE A 1 27  ? 0.988   -9.971  -8.233  1.00 31.23 ? 27  ILE A C   1 
ATOM   152 O O   . ILE A 1 27  ? 0.452   -9.994  -9.343  1.00 33.35 ? 27  ILE A O   1 
ATOM   153 C CB  . ILE A 1 27  ? -0.914  -8.775  -7.078  1.00 29.68 ? 27  ILE A CB  1 
ATOM   154 C CG1 . ILE A 1 27  ? -0.224  -7.423  -6.774  1.00 29.71 ? 27  ILE A CG1 1 
ATOM   155 C CG2 . ILE A 1 27  ? -2.081  -8.941  -6.093  1.00 29.17 ? 27  ILE A CG2 1 
ATOM   156 C CD1 . ILE A 1 27  ? -1.155  -6.254  -7.090  1.00 29.91 ? 27  ILE A CD1 1 
ATOM   157 N N   . GLY A 1 28  ? 2.311   -9.953  -8.071  1.00 31.43 ? 28  GLY A N   1 
ATOM   158 C CA  . GLY A 1 28  ? 3.218   -9.860  -9.201  1.00 33.48 ? 28  GLY A CA  1 
ATOM   159 C C   . GLY A 1 28  ? 3.186   -11.187 -9.971  1.00 33.89 ? 28  GLY A C   1 
ATOM   160 O O   . GLY A 1 28  ? 3.135   -12.250 -9.381  1.00 34.42 ? 28  GLY A O   1 
ATOM   161 N N   . GLY A 1 29  ? 3.134   -11.032 -11.288 1.00 37.26 ? 29  GLY A N   1 
ATOM   162 C CA  . GLY A 1 29  ? 3.026   -12.206 -12.142 1.00 39.25 ? 29  GLY A CA  1 
ATOM   163 C C   . GLY A 1 29  ? 1.559   -12.430 -12.473 1.00 40.74 ? 29  GLY A C   1 
ATOM   164 O O   . GLY A 1 29  ? 1.317   -13.310 -13.309 1.00 42.52 ? 29  GLY A O   1 
ATOM   165 N N   . ASN A 1 30  ? 0.617   -11.588 -12.042 1.00 37.68 ? 30  ASN A N   1 
ATOM   166 C CA  . ASN A 1 30  ? -0.804  -11.899 -12.293 1.00 37.23 ? 30  ASN A CA  1 
ATOM   167 C C   . ASN A 1 30  ? -1.532  -10.940 -13.217 1.00 35.34 ? 30  ASN A C   1 
ATOM   168 O O   . ASN A 1 30  ? -1.128  -9.793  -13.389 1.00 37.00 ? 30  ASN A O   1 
ATOM   169 C CB  . ASN A 1 30  ? -1.553  -12.020 -10.966 1.00 38.72 ? 30  ASN A CB  1 
ATOM   170 C CG  . ASN A 1 30  ? -1.260  -13.271 -10.172 1.00 42.04 ? 30  ASN A CG  1 
ATOM   171 O OD1 . ASN A 1 30  ? -0.610  -13.273 -9.140  1.00 42.48 ? 30  ASN A OD1 1 
ATOM   172 N ND2 . ASN A 1 30  ? -1.787  -14.427 -10.578 1.00 44.16 ? 30  ASN A ND2 1 
ATOM   173 N N   . ALA A 1 31  ? -2.588  -11.386 -13.910 1.00 32.25 ? 31  ALA A N   1 
ATOM   174 C CA  . ALA A 1 31  ? -3.285  -10.470 -14.799 1.00 30.19 ? 31  ALA A CA  1 
ATOM   175 C C   . ALA A 1 31  ? -4.633  -10.196 -14.112 1.00 27.87 ? 31  ALA A C   1 
ATOM   176 O O   . ALA A 1 31  ? -5.166  -11.109 -13.498 1.00 31.34 ? 31  ALA A O   1 
ATOM   177 C CB  . ALA A 1 31  ? -3.502  -10.886 -16.230 1.00 31.39 ? 31  ALA A CB  1 
ATOM   178 N N   . TYR A 1 32  ? -5.117  -8.984  -14.263 1.00 29.95 ? 32  TYR A N   1 
ATOM   179 C CA  . TYR A 1 32  ? -6.407  -8.639  -13.651 1.00 28.21 ? 32  TYR A CA  1 
ATOM   180 C C   . TYR A 1 32  ? -7.462  -9.675  -14.019 1.00 30.78 ? 32  TYR A C   1 
ATOM   181 O O   . TYR A 1 32  ? -7.735  -9.932  -15.203 1.00 29.12 ? 32  TYR A O   1 
ATOM   182 C CB  . TYR A 1 32  ? -6.846  -7.275  -14.221 1.00 26.24 ? 32  TYR A CB  1 
ATOM   183 C CG  . TYR A 1 32  ? -8.153  -6.788  -13.628 1.00 26.85 ? 32  TYR A CG  1 
ATOM   184 C CD1 . TYR A 1 32  ? -8.099  -6.132  -12.375 1.00 26.37 ? 32  TYR A CD1 1 
ATOM   185 C CD2 . TYR A 1 32  ? -9.369  -7.052  -14.189 1.00 27.62 ? 32  TYR A CD2 1 
ATOM   186 C CE1 . TYR A 1 32  ? -9.290  -5.715  -11.795 1.00 27.32 ? 32  TYR A CE1 1 
ATOM   187 C CE2 . TYR A 1 32  ? -10.550 -6.611  -13.616 1.00 28.27 ? 32  TYR A CE2 1 
ATOM   188 C CZ  . TYR A 1 32  ? -10.493 -5.950  -12.422 1.00 25.82 ? 32  TYR A CZ  1 
ATOM   189 O OH  . TYR A 1 32  ? -11.648 -5.547  -11.793 1.00 28.44 ? 32  TYR A OH  1 
ATOM   190 N N   . GLN A 1 33  ? -8.149  -10.211 -13.006 1.00 30.49 ? 33  GLN A N   1 
ATOM   191 C CA  . GLN A 1 33  ? -9.243  -11.149 -13.196 1.00 31.55 ? 33  GLN A CA  1 
ATOM   192 C C   . GLN A 1 33  ? -10.323 -10.714 -12.199 1.00 32.26 ? 33  GLN A C   1 
ATOM   193 O O   . GLN A 1 33  ? -10.125 -10.883 -10.982 1.00 31.09 ? 33  GLN A O   1 
ATOM   194 C CB  . GLN A 1 33  ? -8.812  -12.598 -13.026 1.00 32.20 ? 33  GLN A CB  1 
ATOM   195 C CG  . GLN A 1 33  ? -7.759  -13.180 -13.944 1.00 36.36 ? 33  GLN A CG  1 
ATOM   196 C CD  . GLN A 1 33  ? -7.022  -14.368 -13.351 1.00 39.68 ? 33  GLN A CD  1 
ATOM   197 O OE1 . GLN A 1 33  ? -5.793  -14.259 -13.123 1.00 40.11 ? 33  GLN A OE1 1 
ATOM   198 N NE2 . GLN A 1 33  ? -7.683  -15.489 -13.091 1.00 39.14 ? 33  GLN A NE2 1 
ATOM   199 N N   . HIS A 1 34  ? -11.435 -10.148 -12.662 1.00 31.47 ? 34  HIS A N   1 
ATOM   200 C CA  . HIS A 1 34  ? -12.431 -9.560  -11.804 1.00 34.99 ? 34  HIS A CA  1 
ATOM   201 C C   . HIS A 1 34  ? -12.768 -10.410 -10.601 1.00 35.78 ? 34  HIS A C   1 
ATOM   202 O O   . HIS A 1 34  ? -12.847 -9.900  -9.476  1.00 36.87 ? 34  HIS A O   1 
ATOM   203 C CB  . HIS A 1 34  ? -13.786 -9.206  -12.494 1.00 40.18 ? 34  HIS A CB  1 
ATOM   204 C CG  . HIS A 1 34  ? -14.757 -8.734  -11.439 1.00 43.75 ? 34  HIS A CG  1 
ATOM   205 N ND1 . HIS A 1 34  ? -14.754 -7.440  -10.980 1.00 45.88 ? 34  HIS A ND1 1 
ATOM   206 C CD2 . HIS A 1 34  ? -15.703 -9.387  -10.720 1.00 47.40 ? 34  HIS A CD2 1 
ATOM   207 C CE1 . HIS A 1 34  ? -15.662 -7.287  -10.037 1.00 46.61 ? 34  HIS A CE1 1 
ATOM   208 N NE2 . HIS A 1 34  ? -16.255 -8.451  -9.850  1.00 48.98 ? 34  HIS A NE2 1 
ATOM   209 N N   . ASP A 1 35  ? -13.120 -11.677 -10.757 1.00 32.89 ? 35  ASP A N   1 
ATOM   210 C CA  . ASP A 1 35  ? -13.578 -12.509 -9.680  1.00 35.48 ? 35  ASP A CA  1 
ATOM   211 C C   . ASP A 1 35  ? -12.485 -12.802 -8.637  1.00 31.99 ? 35  ASP A C   1 
ATOM   212 O O   . ASP A 1 35  ? -12.887 -13.296 -7.583  1.00 32.89 ? 35  ASP A O   1 
ATOM   213 C CB  . ASP A 1 35  ? -14.111 -13.874 -10.121 1.00 41.99 ? 35  ASP A CB  1 
ATOM   214 C CG  . ASP A 1 35  ? -15.315 -13.862 -11.037 1.00 48.68 ? 35  ASP A CG  1 
ATOM   215 O OD1 . ASP A 1 35  ? -16.150 -12.962 -10.715 1.00 51.58 ? 35  ASP A OD1 1 
ATOM   216 O OD2 . ASP A 1 35  ? -15.466 -14.698 -11.994 1.00 50.69 ? 35  ASP A OD2 1 
ATOM   217 N N   . LYS A 1 36  ? -11.219 -12.596 -8.950  1.00 29.25 ? 36  LYS A N   1 
ATOM   218 C CA  . LYS A 1 36  ? -10.156 -12.914 -8.000  1.00 29.58 ? 36  LYS A CA  1 
ATOM   219 C C   . LYS A 1 36  ? -9.614  -11.650 -7.286  1.00 28.24 ? 36  LYS A C   1 
ATOM   220 O O   . LYS A 1 36  ? -8.841  -11.767 -6.311  1.00 28.11 ? 36  LYS A O   1 
ATOM   221 C CB  . LYS A 1 36  ? -8.961  -13.565 -8.705  1.00 32.78 ? 36  LYS A CB  1 
ATOM   222 C CG  . LYS A 1 36  ? -9.164  -14.936 -9.396  1.00 34.49 ? 36  LYS A CG  1 
ATOM   223 C CD  . LYS A 1 36  ? -9.849  -15.965 -8.520  1.00 40.29 ? 36  LYS A CD  1 
ATOM   224 C CE  . LYS A 1 36  ? -10.296 -17.213 -9.288  1.00 43.58 ? 36  LYS A CE  1 
ATOM   225 N NZ  . LYS A 1 36  ? -11.622 -17.145 -9.978  1.00 44.28 ? 36  LYS A NZ  1 
ATOM   226 N N   . VAL A 1 37  ? -9.886  -10.493 -7.852  1.00 26.73 ? 37  VAL A N   1 
ATOM   227 C CA  . VAL A 1 37  ? -9.184  -9.299  -7.333  1.00 23.73 ? 37  VAL A CA  1 
ATOM   228 C C   . VAL A 1 37  ? -9.630  -8.879  -5.947  1.00 28.18 ? 37  VAL A C   1 
ATOM   229 O O   . VAL A 1 37  ? -8.785  -8.284  -5.233  1.00 24.91 ? 37  VAL A O   1 
ATOM   230 C CB  . VAL A 1 37  ? -9.289  -8.168  -8.352  1.00 25.59 ? 37  VAL A CB  1 
ATOM   231 C CG1 . VAL A 1 37  ? -8.549  -6.916  -7.881  1.00 23.21 ? 37  VAL A CG1 1 
ATOM   232 C CG2 . VAL A 1 37  ? -8.611  -8.594  -9.668  1.00 25.48 ? 37  VAL A CG2 1 
ATOM   233 N N   . ASN A 1 38  ? -10.868 -9.142  -5.547  1.00 26.88 ? 38  ASN A N   1 
ATOM   234 C CA  . ASN A 1 38  ? -11.270 -8.705  -4.202  1.00 31.38 ? 38  ASN A CA  1 
ATOM   235 C C   . ASN A 1 38  ? -10.419 -9.481  -3.219  1.00 30.59 ? 38  ASN A C   1 
ATOM   236 O O   . ASN A 1 38  ? -9.967  -8.837  -2.257  1.00 28.63 ? 38  ASN A O   1 
ATOM   237 C CB  . ASN A 1 38  ? -12.785 -8.883  -3.961  1.00 34.82 ? 38  ASN A CB  1 
ATOM   238 C CG  . ASN A 1 38  ? -13.588 -7.881  -4.767  1.00 38.73 ? 38  ASN A CG  1 
ATOM   239 O OD1 . ASN A 1 38  ? -13.338 -6.664  -4.919  1.00 40.76 ? 38  ASN A OD1 1 
ATOM   240 N ND2 . ASN A 1 38  ? -14.648 -8.358  -5.425  1.00 40.30 ? 38  ASN A ND2 1 
ATOM   241 N N   . ASN A 1 39  ? -10.193 -10.776 -3.418  1.00 29.32 ? 39  ASN A N   1 
ATOM   242 C CA  . ASN A 1 39  ? -9.307  -11.527 -2.535  1.00 31.71 ? 39  ASN A CA  1 
ATOM   243 C C   . ASN A 1 39  ? -7.851  -11.070 -2.593  1.00 28.34 ? 39  ASN A C   1 
ATOM   244 O O   . ASN A 1 39  ? -7.157  -10.859 -1.595  1.00 26.87 ? 39  ASN A O   1 
ATOM   245 C CB  . ASN A 1 39  ? -9.402  -13.007 -2.933  1.00 35.83 ? 39  ASN A CB  1 
ATOM   246 C CG  . ASN A 1 39  ? -8.444  -13.858 -2.130  1.00 40.48 ? 39  ASN A CG  1 
ATOM   247 O OD1 . ASN A 1 39  ? -7.378  -14.186 -2.641  1.00 44.99 ? 39  ASN A OD1 1 
ATOM   248 N ND2 . ASN A 1 39  ? -8.757  -14.126 -0.860  1.00 43.55 ? 39  ASN A ND2 1 
ATOM   249 N N   . TRP A 1 40  ? -7.350  -10.716 -3.800  1.00 25.24 ? 40  TRP A N   1 
ATOM   250 C CA  . TRP A 1 40  ? -5.999  -10.210 -3.874  1.00 23.97 ? 40  TRP A CA  1 
ATOM   251 C C   . TRP A 1 40  ? -5.851  -8.890  -3.081  1.00 22.22 ? 40  TRP A C   1 
ATOM   252 O O   . TRP A 1 40  ? -4.765  -8.664  -2.513  1.00 21.12 ? 40  TRP A O   1 
ATOM   253 C CB  . TRP A 1 40  ? -5.473  -9.926  -5.296  1.00 23.51 ? 40  TRP A CB  1 
ATOM   254 C CG  . TRP A 1 40  ? -5.528  -11.183 -6.134  1.00 28.08 ? 40  TRP A CG  1 
ATOM   255 C CD1 . TRP A 1 40  ? -5.581  -12.480 -5.718  1.00 29.54 ? 40  TRP A CD1 1 
ATOM   256 C CD2 . TRP A 1 40  ? -5.402  -11.211 -7.565  1.00 28.64 ? 40  TRP A CD2 1 
ATOM   257 N NE1 . TRP A 1 40  ? -5.552  -13.319 -6.815  1.00 31.71 ? 40  TRP A NE1 1 
ATOM   258 C CE2 . TRP A 1 40  ? -5.466  -12.561 -7.932  1.00 29.97 ? 40  TRP A CE2 1 
ATOM   259 C CE3 . TRP A 1 40  ? -5.356  -10.197 -8.520  1.00 26.96 ? 40  TRP A CE3 1 
ATOM   260 C CZ2 . TRP A 1 40  ? -5.415  -12.941 -9.291  1.00 29.98 ? 40  TRP A CZ2 1 
ATOM   261 C CZ3 . TRP A 1 40  ? -5.292  -10.563 -9.852  1.00 31.38 ? 40  TRP A CZ3 1 
ATOM   262 C CH2 . TRP A 1 40  ? -5.330  -11.925 -10.188 1.00 28.82 ? 40  TRP A CH2 1 
ATOM   263 N N   . THR A 1 41  ? -6.836  -7.999  -3.218  1.00 22.66 ? 41  THR A N   1 
ATOM   264 C CA  . THR A 1 41  ? -6.727  -6.691  -2.574  1.00 22.64 ? 41  THR A CA  1 
ATOM   265 C C   . THR A 1 41  ? -6.681  -6.919  -1.046  1.00 23.00 ? 41  THR A C   1 
ATOM   266 O O   . THR A 1 41  ? -5.927  -6.281  -0.274  1.00 22.30 ? 41  THR A O   1 
ATOM   267 C CB  . THR A 1 41  ? -7.927  -5.810  -2.948  1.00 24.66 ? 41  THR A CB  1 
ATOM   268 O OG1 . THR A 1 41  ? -8.033  -5.695  -4.408  1.00 26.61 ? 41  THR A OG1 1 
ATOM   269 C CG2 . THR A 1 41  ? -7.821  -4.360  -2.480  1.00 27.38 ? 41  THR A CG2 1 
ATOM   270 N N   . GLY A 1 42  ? -7.498  -7.857  -0.558  1.00 22.17 ? 42  GLY A N   1 
ATOM   271 C CA  . GLY A 1 42  ? -7.504  -8.189  0.877   1.00 24.36 ? 42  GLY A CA  1 
ATOM   272 C C   . GLY A 1 42  ? -6.162  -8.794  1.279   1.00 23.47 ? 42  GLY A C   1 
ATOM   273 O O   . GLY A 1 42  ? -5.622  -8.562  2.386   1.00 22.22 ? 42  GLY A O   1 
ATOM   274 N N   . GLN A 1 43  ? -5.572  -9.644  0.432   1.00 21.99 ? 43  GLN A N   1 
ATOM   275 C CA  . GLN A 1 43  ? -4.274  -10.207 0.743   1.00 22.01 ? 43  GLN A CA  1 
ATOM   276 C C   . GLN A 1 43  ? -3.191  -9.110  0.785   1.00 22.57 ? 43  GLN A C   1 
ATOM   277 O O   . GLN A 1 43  ? -2.282  -9.182  1.584   1.00 22.67 ? 43  GLN A O   1 
ATOM   278 C CB  . GLN A 1 43  ? -3.861  -11.280 -0.269  1.00 26.97 ? 43  GLN A CB  1 
ATOM   279 C CG  . GLN A 1 43  ? -4.714  -12.556 -0.127  1.00 27.99 ? 43  GLN A CG  1 
ATOM   280 C CD  . GLN A 1 43  ? -4.271  -13.555 -1.193  1.00 35.87 ? 43  GLN A CD  1 
ATOM   281 O OE1 . GLN A 1 43  ? -3.141  -13.641 -1.675  1.00 40.11 ? 43  GLN A OE1 1 
ATOM   282 N NE2 . GLN A 1 43  ? -5.184  -14.404 -1.615  1.00 39.88 ? 43  GLN A NE2 1 
ATOM   283 N N   . VAL A 1 44  ? -3.227  -8.127  -0.121  1.00 19.57 ? 44  VAL A N   1 
ATOM   284 C CA  . VAL A 1 44  ? -2.241  -7.050  -0.103  1.00 19.99 ? 44  VAL A CA  1 
ATOM   285 C C   . VAL A 1 44  ? -2.311  -6.282  1.224   1.00 16.89 ? 44  VAL A C   1 
ATOM   286 O O   . VAL A 1 44  ? -1.285  -6.020  1.855   1.00 20.62 ? 44  VAL A O   1 
ATOM   287 C CB  . VAL A 1 44  ? -2.532  -6.044  -1.255  1.00 21.85 ? 44  VAL A CB  1 
ATOM   288 C CG1 . VAL A 1 44  ? -1.633  -4.790  -1.154  1.00 23.56 ? 44  VAL A CG1 1 
ATOM   289 C CG2 . VAL A 1 44  ? -2.174  -6.716  -2.589  1.00 23.11 ? 44  VAL A CG2 1 
ATOM   290 N N   . VAL A 1 45  ? -3.539  -5.987  1.647   1.00 18.72 ? 45  VAL A N   1 
ATOM   291 C CA  . VAL A 1 45  ? -3.614  -5.178  2.895   1.00 23.10 ? 45  VAL A CA  1 
ATOM   292 C C   . VAL A 1 45  ? -3.097  -5.960  4.100   1.00 22.45 ? 45  VAL A C   1 
ATOM   293 O O   . VAL A 1 45  ? -2.527  -5.455  5.062   1.00 23.40 ? 45  VAL A O   1 
ATOM   294 C CB  . VAL A 1 45  ? -5.004  -4.620  3.252   1.00 24.05 ? 45  VAL A CB  1 
ATOM   295 C CG1 . VAL A 1 45  ? -5.442  -3.550  2.204   1.00 28.52 ? 45  VAL A CG1 1 
ATOM   296 C CG2 . VAL A 1 45  ? -6.140  -5.593  3.381   1.00 27.54 ? 45  VAL A CG2 1 
ATOM   297 N N   . GLU A 1 46  ? -3.533  -7.244  4.161   1.00 21.51 ? 46  GLU A N   1 
ATOM   298 C CA  . GLU A 1 46  ? -3.067  -8.073  5.255   1.00 23.53 ? 46  GLU A CA  1 
ATOM   299 C C   . GLU A 1 46  ? -1.565  -8.263  5.252   1.00 22.27 ? 46  GLU A C   1 
ATOM   300 O O   . GLU A 1 46  ? -0.965  -8.179  6.345   1.00 21.51 ? 46  GLU A O   1 
ATOM   301 C CB  . GLU A 1 46  ? -3.790  -9.448  5.195   1.00 29.46 ? 46  GLU A CB  1 
ATOM   302 C CG  . GLU A 1 46  ? -5.296  -9.245  5.451   1.00 40.45 ? 46  GLU A CG  1 
ATOM   303 C CD  . GLU A 1 46  ? -6.148  -10.490 5.352   1.00 49.28 ? 46  GLU A CD  1 
ATOM   304 O OE1 . GLU A 1 46  ? -5.643  -11.655 5.278   1.00 52.70 ? 46  GLU A OE1 1 
ATOM   305 O OE2 . GLU A 1 46  ? -7.419  -10.358 5.338   1.00 53.23 ? 46  GLU A OE2 1 
ATOM   306 N N   . ASN A 1 47  ? -0.916  -8.460  4.087   1.00 21.63 ? 47  ASN A N   1 
ATOM   307 C CA  . ASN A 1 47  ? 0.515   -8.632  4.076   1.00 22.50 ? 47  ASN A CA  1 
ATOM   308 C C   . ASN A 1 47  ? 1.229   -7.301  4.351   1.00 21.66 ? 47  ASN A C   1 
ATOM   309 O O   . ASN A 1 47  ? 2.240   -7.397  5.044   1.00 24.49 ? 47  ASN A O   1 
ATOM   310 C CB  . ASN A 1 47  ? 1.019   -9.243  2.773   1.00 22.45 ? 47  ASN A CB  1 
ATOM   311 C CG  . ASN A 1 47  ? 0.469   -10.649 2.543   1.00 26.60 ? 47  ASN A CG  1 
ATOM   312 O OD1 . ASN A 1 47  ? -0.061  -11.334 3.440   1.00 28.34 ? 47  ASN A OD1 1 
ATOM   313 N ND2 . ASN A 1 47  ? 0.496   -11.148 1.305   1.00 29.00 ? 47  ASN A ND2 1 
ATOM   314 N N   . CYS A 1 48  ? 0.657   -6.191  3.934   1.00 20.03 ? 48  CYS A N   1 
ATOM   315 C CA  . CYS A 1 48  ? 1.357   -4.926  4.251   1.00 20.76 ? 48  CYS A CA  1 
ATOM   316 C C   . CYS A 1 48  ? 1.092   -4.623  5.734   1.00 24.41 ? 48  CYS A C   1 
ATOM   317 O O   . CYS A 1 48  ? 2.004   -4.080  6.390   1.00 25.61 ? 48  CYS A O   1 
ATOM   318 C CB  . CYS A 1 48  ? 0.830   -3.779  3.404   1.00 22.37 ? 48  CYS A CB  1 
ATOM   319 S SG  . CYS A 1 48  ? 1.234   -3.908  1.652   1.00 25.37 ? 48  CYS A SG  1 
ATOM   320 N N   . LEU A 1 49  ? -0.039  -4.991  6.339   1.00 22.77 ? 49  LEU A N   1 
ATOM   321 C CA  . LEU A 1 49  ? -0.175  -4.673  7.752   1.00 23.04 ? 49  LEU A CA  1 
ATOM   322 C C   . LEU A 1 49  ? 0.846   -5.462  8.523   1.00 25.88 ? 49  LEU A C   1 
ATOM   323 O O   . LEU A 1 49  ? 1.446   -4.992  9.500   1.00 26.82 ? 49  LEU A O   1 
ATOM   324 C CB  . LEU A 1 49  ? -1.620  -4.913  8.194   1.00 21.56 ? 49  LEU A CB  1 
ATOM   325 C CG  . LEU A 1 49  ? -1.913  -4.596  9.650   1.00 21.28 ? 49  LEU A CG  1 
ATOM   326 C CD1 . LEU A 1 49  ? -1.666  -3.119  9.906   1.00 22.40 ? 49  LEU A CD1 1 
ATOM   327 C CD2 . LEU A 1 49  ? -3.320  -4.953  9.982   1.00 24.81 ? 49  LEU A CD2 1 
ATOM   328 N N   . THR A 1 50  ? 1.033   -6.758  8.181   1.00 25.53 ? 50  THR A N   1 
ATOM   329 C CA  . THR A 1 50  ? 2.031   -7.595  8.808   1.00 29.25 ? 50  THR A CA  1 
ATOM   330 C C   . THR A 1 50  ? 3.436   -6.962  8.660   1.00 29.11 ? 50  THR A C   1 
ATOM   331 O O   . THR A 1 50  ? 4.116   -6.919  9.696   1.00 34.82 ? 50  THR A O   1 
ATOM   332 C CB  . THR A 1 50  ? 2.018   -8.981  8.169   1.00 30.26 ? 50  THR A CB  1 
ATOM   333 O OG1 . THR A 1 50  ? 0.823   -9.658  8.474   1.00 31.46 ? 50  THR A OG1 1 
ATOM   334 C CG2 . THR A 1 50  ? 3.196   -9.816  8.701   1.00 36.22 ? 50  THR A CG2 1 
ATOM   335 N N   . VAL A 1 51  ? 3.790   -6.353  7.555   1.00 28.36 ? 51  VAL A N   1 
ATOM   336 C CA  . VAL A 1 51  ? 5.059   -5.640  7.400   1.00 27.64 ? 51  VAL A CA  1 
ATOM   337 C C   . VAL A 1 51  ? 5.186   -4.696  8.619   1.00 26.74 ? 51  VAL A C   1 
ATOM   338 O O   . VAL A 1 51  ? 6.292   -4.354  9.074   1.00 30.87 ? 51  VAL A O   1 
ATOM   339 C CB  . VAL A 1 51  ? 5.188   -4.798  6.120   1.00 27.79 ? 51  VAL A CB  1 
ATOM   340 C CG1 . VAL A 1 51  ? 6.405   -3.883  6.078   1.00 30.98 ? 51  VAL A CG1 1 
ATOM   341 C CG2 . VAL A 1 51  ? 5.162   -5.684  4.869   1.00 27.26 ? 51  VAL A CG2 1 
ATOM   342 N N   . LEU A 1 52  ? 4.122   -3.965  8.945   1.00 24.56 ? 52  LEU A N   1 
ATOM   343 C CA  . LEU A 1 52  ? 4.235   -2.957  9.981   1.00 23.91 ? 52  LEU A CA  1 
ATOM   344 C C   . LEU A 1 52  ? 4.233   -3.602  11.374  1.00 20.25 ? 52  LEU A C   1 
ATOM   345 O O   . LEU A 1 52  ? 5.078   -3.220  12.198  1.00 21.87 ? 52  LEU A O   1 
ATOM   346 C CB  . LEU A 1 52  ? 3.080   -1.938  9.902   1.00 23.57 ? 52  LEU A CB  1 
ATOM   347 C CG  . LEU A 1 52  ? 2.995   -1.357  8.460   1.00 29.03 ? 52  LEU A CG  1 
ATOM   348 C CD1 . LEU A 1 52  ? 1.657   -0.666  8.328   1.00 29.12 ? 52  LEU A CD1 1 
ATOM   349 C CD2 . LEU A 1 52  ? 4.205   -0.464  8.242   1.00 28.61 ? 52  LEU A CD2 1 
ATOM   350 N N   . THR A 1 53  ? 3.318   -4.508  11.607  1.00 20.23 ? 53  THR A N   1 
ATOM   351 C CA  . THR A 1 53  ? 3.117   -4.944  13.017  1.00 18.98 ? 53  THR A CA  1 
ATOM   352 C C   . THR A 1 53  ? 4.193   -5.878  13.525  1.00 21.35 ? 53  THR A C   1 
ATOM   353 O O   . THR A 1 53  ? 4.389   -5.899  14.742  1.00 21.45 ? 53  THR A O   1 
ATOM   354 C CB  . THR A 1 53  ? 1.727   -5.633  13.222  1.00 21.16 ? 53  THR A CB  1 
ATOM   355 O OG1 . THR A 1 53  ? 1.608   -6.735  12.349  1.00 22.40 ? 53  THR A OG1 1 
ATOM   356 C CG2 . THR A 1 53  ? 0.724   -4.522  12.939  1.00 21.85 ? 53  THR A CG2 1 
ATOM   357 N N   . LYS A 1 54  ? 4.929   -6.540  12.628  1.00 22.61 ? 54  LYS A N   1 
ATOM   358 C CA  . LYS A 1 54  ? 6.027   -7.388  13.082  1.00 24.76 ? 54  LYS A CA  1 
ATOM   359 C C   . LYS A 1 54  ? 7.153   -6.621  13.775  1.00 24.49 ? 54  LYS A C   1 
ATOM   360 O O   . LYS A 1 54  ? 7.898   -7.215  14.571  1.00 24.02 ? 54  LYS A O   1 
ATOM   361 C CB  . LYS A 1 54  ? 6.572   -8.203  11.917  1.00 28.10 ? 54  LYS A CB  1 
ATOM   362 C CG  . LYS A 1 54  ? 7.307   -7.366  10.872  1.00 33.45 ? 54  LYS A CG  1 
ATOM   363 C CD  . LYS A 1 54  ? 7.684   -8.284  9.699   1.00 38.43 ? 54  LYS A CD  1 
ATOM   364 C CE  . LYS A 1 54  ? 9.030   -7.934  9.098   1.00 41.57 ? 54  LYS A CE  1 
ATOM   365 N NZ  . LYS A 1 54  ? 9.222   -8.687  7.824   1.00 44.63 ? 54  LYS A NZ  1 
ATOM   366 N N   . GLU A 1 55  ? 7.231   -5.314  13.620  1.00 21.05 ? 55  GLU A N   1 
ATOM   367 C CA  . GLU A 1 55  ? 8.262   -4.521  14.257  1.00 23.08 ? 55  GLU A CA  1 
ATOM   368 C C   . GLU A 1 55  ? 7.944   -4.200  15.701  1.00 20.23 ? 55  GLU A C   1 
ATOM   369 O O   . GLU A 1 55  ? 8.711   -3.651  16.445  1.00 22.88 ? 55  GLU A O   1 
ATOM   370 C CB  . GLU A 1 55  ? 8.484   -3.172  13.508  1.00 29.33 ? 55  GLU A CB  1 
ATOM   371 C CG  . GLU A 1 55  ? 9.154   -3.396  12.149  1.00 34.46 ? 55  GLU A CG  1 
ATOM   372 C CD  . GLU A 1 55  ? 10.435  -4.228  12.242  1.00 40.22 ? 55  GLU A CD  1 
ATOM   373 O OE1 . GLU A 1 55  ? 11.329  -3.918  13.062  1.00 42.42 ? 55  GLU A OE1 1 
ATOM   374 O OE2 . GLU A 1 55  ? 10.557  -5.244  11.470  1.00 44.56 ? 55  GLU A OE2 1 
ATOM   375 N N   . GLN A 1 56  ? 6.734   -4.526  16.171  1.00 20.38 ? 56  GLN A N   1 
ATOM   376 C CA  . GLN A 1 56  ? 6.279   -4.321  17.541  1.00 21.70 ? 56  GLN A CA  1 
ATOM   377 C C   . GLN A 1 56  ? 6.504   -2.912  18.057  1.00 23.61 ? 56  GLN A C   1 
ATOM   378 O O   . GLN A 1 56  ? 6.990   -2.680  19.178  1.00 24.82 ? 56  GLN A O   1 
ATOM   379 C CB  . GLN A 1 56  ? 6.958   -5.371  18.486  1.00 21.47 ? 56  GLN A CB  1 
ATOM   380 C CG  . GLN A 1 56  ? 6.944   -6.776  17.959  1.00 20.68 ? 56  GLN A CG  1 
ATOM   381 C CD  . GLN A 1 56  ? 5.607   -7.496  18.012  1.00 20.20 ? 56  GLN A CD  1 
ATOM   382 O OE1 . GLN A 1 56  ? 4.667   -6.992  18.623  1.00 20.94 ? 56  GLN A OE1 1 
ATOM   383 N NE2 . GLN A 1 56  ? 5.571   -8.583  17.304  1.00 18.57 ? 56  GLN A NE2 1 
ATOM   384 N N   . LYS A 1 57  ? 6.105   -1.894  17.300  1.00 21.91 ? 57  LYS A N   1 
ATOM   385 C CA  . LYS A 1 57  ? 6.216   -0.490  17.665  1.00 21.06 ? 57  LYS A CA  1 
ATOM   386 C C   . LYS A 1 57  ? 4.919   0.025   18.261  1.00 21.84 ? 57  LYS A C   1 
ATOM   387 O O   . LYS A 1 57  ? 3.844   -0.503  17.909  1.00 23.55 ? 57  LYS A O   1 
ATOM   388 C CB  . LYS A 1 57  ? 6.609   0.450   16.522  1.00 21.88 ? 57  LYS A CB  1 
ATOM   389 C CG  . LYS A 1 57  ? 7.976   0.022   15.972  1.00 28.79 ? 57  LYS A CG  1 
ATOM   390 C CD  . LYS A 1 57  ? 8.372   0.863   14.755  1.00 35.40 ? 57  LYS A CD  1 
ATOM   391 C CE  . LYS A 1 57  ? 9.778   0.401   14.314  1.00 39.49 ? 57  LYS A CE  1 
ATOM   392 N NZ  . LYS A 1 57  ? 10.795  1.098   15.153  1.00 44.35 ? 57  LYS A NZ  1 
ATOM   393 N N   . PRO A 1 58  ? 4.897   1.078   19.057  1.00 20.18 ? 58  PRO A N   1 
ATOM   394 C CA  . PRO A 1 58  ? 3.740   1.553   19.816  1.00 21.36 ? 58  PRO A CA  1 
ATOM   395 C C   . PRO A 1 58  ? 2.785   2.462   19.067  1.00 20.13 ? 58  PRO A C   1 
ATOM   396 O O   . PRO A 1 58  ? 2.605   3.677   19.272  1.00 23.61 ? 58  PRO A O   1 
ATOM   397 C CB  . PRO A 1 58  ? 4.376   2.273   21.037  1.00 21.67 ? 58  PRO A CB  1 
ATOM   398 C CG  . PRO A 1 58  ? 5.623   2.805   20.392  1.00 25.10 ? 58  PRO A CG  1 
ATOM   399 C CD  . PRO A 1 58  ? 6.184   1.591   19.650  1.00 21.82 ? 58  PRO A CD  1 
ATOM   400 N N   . TYR A 1 59  ? 2.286   1.846   17.965  1.00 18.52 ? 59  TYR A N   1 
ATOM   401 C CA  . TYR A 1 59  ? 1.409   2.606   17.074  1.00 17.99 ? 59  TYR A CA  1 
ATOM   402 C C   . TYR A 1 59  ? 0.165   1.787   16.701  1.00 19.05 ? 59  TYR A C   1 
ATOM   403 O O   . TYR A 1 59  ? 0.127   0.558   16.723  1.00 21.41 ? 59  TYR A O   1 
ATOM   404 C CB  . TYR A 1 59  ? 2.119   2.785   15.696  1.00 20.95 ? 59  TYR A CB  1 
ATOM   405 C CG  . TYR A 1 59  ? 3.258   3.795   15.792  1.00 24.42 ? 59  TYR A CG  1 
ATOM   406 C CD1 . TYR A 1 59  ? 4.495   3.335   16.209  1.00 29.53 ? 59  TYR A CD1 1 
ATOM   407 C CD2 . TYR A 1 59  ? 3.041   5.111   15.457  1.00 26.21 ? 59  TYR A CD2 1 
ATOM   408 C CE1 . TYR A 1 59  ? 5.551   4.214   16.317  1.00 32.68 ? 59  TYR A CE1 1 
ATOM   409 C CE2 . TYR A 1 59  ? 4.104   6.017   15.540  1.00 30.64 ? 59  TYR A CE2 1 
ATOM   410 C CZ  . TYR A 1 59  ? 5.315   5.541   15.993  1.00 33.38 ? 59  TYR A CZ  1 
ATOM   411 O OH  . TYR A 1 59  ? 6.460   6.341   16.117  1.00 38.74 ? 59  TYR A OH  1 
ATOM   412 N N   . LYS A 1 60  ? -0.911  2.545   16.397  1.00 17.28 ? 60  LYS A N   1 
ATOM   413 C CA  . LYS A 1 60  ? -2.073  1.919   15.735  1.00 16.65 ? 60  LYS A CA  1 
ATOM   414 C C   . LYS A 1 60  ? -1.823  2.151   14.203  1.00 15.64 ? 60  LYS A C   1 
ATOM   415 O O   . LYS A 1 60  ? -1.147  3.102   13.804  1.00 16.20 ? 60  LYS A O   1 
ATOM   416 C CB  . LYS A 1 60  ? -3.377  2.624   16.058  1.00 18.01 ? 60  LYS A CB  1 
ATOM   417 C CG  . LYS A 1 60  ? -3.761  2.304   17.529  1.00 17.85 ? 60  LYS A CG  1 
ATOM   418 C CD  . LYS A 1 60  ? -5.014  3.046   17.962  1.00 21.44 ? 60  LYS A CD  1 
ATOM   419 C CE  . LYS A 1 60  ? -5.436  2.695   19.420  1.00 21.57 ? 60  LYS A CE  1 
ATOM   420 N NZ  . LYS A 1 60  ? -6.768  3.417   19.683  1.00 19.97 ? 60  LYS A NZ  1 
ATOM   421 N N   . TYR A 1 61  ? -2.263  1.175   13.423  1.00 15.27 ? 61  TYR A N   1 
ATOM   422 C CA  . TYR A 1 61  ? -2.048  1.298   11.971  1.00 17.98 ? 61  TYR A CA  1 
ATOM   423 C C   . TYR A 1 61  ? -3.369  1.179   11.210  1.00 17.74 ? 61  TYR A C   1 
ATOM   424 O O   . TYR A 1 61  ? -4.207  0.302   11.459  1.00 17.34 ? 61  TYR A O   1 
ATOM   425 C CB  . TYR A 1 61  ? -1.107  0.192   11.434  1.00 18.38 ? 61  TYR A CB  1 
ATOM   426 C CG  . TYR A 1 61  ? 0.330   0.302   11.984  1.00 20.64 ? 61  TYR A CG  1 
ATOM   427 C CD1 . TYR A 1 61  ? 0.634   -0.581  13.024  1.00 21.59 ? 61  TYR A CD1 1 
ATOM   428 C CD2 . TYR A 1 61  ? 1.265   1.245   11.541  1.00 20.87 ? 61  TYR A CD2 1 
ATOM   429 C CE1 . TYR A 1 61  ? 1.914   -0.507  13.594  1.00 20.86 ? 61  TYR A CE1 1 
ATOM   430 C CE2 . TYR A 1 61  ? 2.567   1.275   12.093  1.00 20.74 ? 61  TYR A CE2 1 
ATOM   431 C CZ  . TYR A 1 61  ? 2.820   0.374   13.126  1.00 22.42 ? 61  TYR A CZ  1 
ATOM   432 O OH  . TYR A 1 61  ? 4.117   0.456   13.691  1.00 25.69 ? 61  TYR A OH  1 
ATOM   433 N N   . ILE A 1 62  ? -3.396  1.905   10.082  1.00 14.64 ? 62  ILE A N   1 
ATOM   434 C CA  . ILE A 1 62  ? -4.519  1.772   9.098   1.00 16.19 ? 62  ILE A CA  1 
ATOM   435 C C   . ILE A 1 62  ? -3.768  1.466   7.768   1.00 17.54 ? 62  ILE A C   1 
ATOM   436 O O   . ILE A 1 62  ? -2.823  2.190   7.420   1.00 16.06 ? 62  ILE A O   1 
ATOM   437 C CB  . ILE A 1 62  ? -5.273  3.095   8.924   1.00 20.14 ? 62  ILE A CB  1 
ATOM   438 C CG1 . ILE A 1 62  ? -5.903  3.637   10.252  1.00 23.12 ? 62  ILE A CG1 1 
ATOM   439 C CG2 . ILE A 1 62  ? -6.361  2.893   7.796   1.00 18.57 ? 62  ILE A CG2 1 
ATOM   440 C CD1 . ILE A 1 62  ? -6.879  2.670   10.828  1.00 27.51 ? 62  ILE A CD1 1 
ATOM   441 N N   . VAL A 1 63  ? -4.240  0.413   7.044   1.00 16.38 ? 63  VAL A N   1 
ATOM   442 C CA  . VAL A 1 63  ? -3.614  0.127   5.720   1.00 16.05 ? 63  VAL A CA  1 
ATOM   443 C C   . VAL A 1 63  ? -4.809  0.044   4.762   1.00 16.70 ? 63  VAL A C   1 
ATOM   444 O O   . VAL A 1 63  ? -5.801  -0.656  4.949   1.00 18.33 ? 63  VAL A O   1 
ATOM   445 C CB  . VAL A 1 63  ? -2.916  -1.234  5.707   1.00 16.45 ? 63  VAL A CB  1 
ATOM   446 C CG1 . VAL A 1 63  ? -2.317  -1.566  4.344   1.00 20.57 ? 63  VAL A CG1 1 
ATOM   447 C CG2 . VAL A 1 63  ? -1.690  -1.259  6.671   1.00 18.88 ? 63  VAL A CG2 1 
ATOM   448 N N   . THR A 1 64  ? -4.640  0.791   3.627   1.00 17.65 ? 64  THR A N   1 
ATOM   449 C CA  . THR A 1 64  ? -5.726  0.750   2.652   1.00 19.02 ? 64  THR A CA  1 
ATOM   450 C C   . THR A 1 64  ? -5.062  0.356   1.336   1.00 20.72 ? 64  THR A C   1 
ATOM   451 O O   . THR A 1 64  ? -3.946  0.737   1.078   1.00 21.76 ? 64  THR A O   1 
ATOM   452 C CB  . THR A 1 64  ? -6.437  2.082   2.415   1.00 24.03 ? 64  THR A CB  1 
ATOM   453 O OG1 . THR A 1 64  ? -5.444  3.024   1.950   1.00 29.61 ? 64  THR A OG1 1 
ATOM   454 C CG2 . THR A 1 64  ? -7.051  2.635   3.699   1.00 25.56 ? 64  THR A CG2 1 
ATOM   455 N N   . ALA A 1 65  ? -5.853  -0.305  0.507   1.00 18.67 ? 65  ALA A N   1 
ATOM   456 C CA  . ALA A 1 65  ? -5.229  -0.621  -0.818  1.00 19.08 ? 65  ALA A CA  1 
ATOM   457 C C   . ALA A 1 65  ? -6.339  -0.512  -1.865  1.00 21.52 ? 65  ALA A C   1 
ATOM   458 O O   . ALA A 1 65  ? -7.515  -0.761  -1.590  1.00 23.10 ? 65  ALA A O   1 
ATOM   459 C CB  . ALA A 1 65  ? -4.738  -2.061  -0.824  1.00 23.29 ? 65  ALA A CB  1 
ATOM   460 N N   . MET A 1 66  ? -5.875  -0.249  -3.122  1.00 18.66 ? 66  MET A N   1 
ATOM   461 C CA  . MET A 1 66  ? -6.856  -0.195  -4.211  1.00 21.00 ? 66  MET A CA  1 
ATOM   462 C C   . MET A 1 66  ? -6.173  -0.900  -5.394  1.00 18.28 ? 66  MET A C   1 
ATOM   463 O O   . MET A 1 66  ? -4.980  -0.731  -5.597  1.00 19.96 ? 66  MET A O   1 
ATOM   464 C CB  . MET A 1 66  ? -6.829  1.292   -4.610  1.00 26.12 ? 66  MET A CB  1 
ATOM   465 C CG  . MET A 1 66  ? -8.097  1.907   -5.073  1.00 31.44 ? 66  MET A CG  1 
ATOM   466 S SD  . MET A 1 66  ? -7.510  3.686   -5.429  1.00 32.37 ? 66  MET A SD  1 
ATOM   467 C CE  . MET A 1 66  ? -7.144  3.187   -7.071  1.00 26.00 ? 66  MET A CE  1 
ATOM   468 N N   . ILE A 1 67  ? -6.975  -1.715  -6.106  1.00 20.20 ? 67  ILE A N   1 
ATOM   469 C CA  . ILE A 1 67  ? -6.457  -2.294  -7.376  1.00 21.85 ? 67  ILE A CA  1 
ATOM   470 C C   . ILE A 1 67  ? -7.405  -1.815  -8.491  1.00 21.98 ? 67  ILE A C   1 
ATOM   471 O O   . ILE A 1 67  ? -8.642  -1.937  -8.378  1.00 21.51 ? 67  ILE A O   1 
ATOM   472 C CB  . ILE A 1 67  ? -6.390  -3.824  -7.314  1.00 21.73 ? 67  ILE A CB  1 
ATOM   473 C CG1 . ILE A 1 67  ? -5.192  -4.171  -6.359  1.00 21.92 ? 67  ILE A CG1 1 
ATOM   474 C CG2 . ILE A 1 67  ? -6.016  -4.461  -8.683  1.00 24.62 ? 67  ILE A CG2 1 
ATOM   475 C CD1 . ILE A 1 67  ? -5.129  -5.672  -6.086  1.00 25.51 ? 67  ILE A CD1 1 
ATOM   476 N N   . MET A 1 68  ? -6.807  -1.135  -9.481  1.00 21.65 ? 68  MET A N   1 
ATOM   477 C CA  . MET A 1 68  ? -7.658  -0.642  -10.594 1.00 20.09 ? 68  MET A CA  1 
ATOM   478 C C   . MET A 1 68  ? -7.179  -1.358  -11.898 1.00 20.77 ? 68  MET A C   1 
ATOM   479 O O   . MET A 1 68  ? -6.017  -1.465  -12.178 1.00 21.35 ? 68  MET A O   1 
ATOM   480 C CB  . MET A 1 68  ? -7.558  0.894   -10.778 1.00 21.47 ? 68  MET A CB  1 
ATOM   481 C CG  . MET A 1 68  ? -8.471  1.402   -11.929 1.00 22.02 ? 68  MET A CG  1 
ATOM   482 S SD  . MET A 1 68  ? -8.430  3.244   -12.221 1.00 16.57 ? 68  MET A SD  1 
ATOM   483 C CE  . MET A 1 68  ? -6.776  3.345   -12.732 1.00 25.34 ? 68  MET A CE  1 
ATOM   484 N N   . GLN A 1 69  ? -8.216  -1.870  -12.629 1.00 20.68 ? 69  GLN A N   1 
ATOM   485 C CA  . GLN A 1 69  ? -7.850  -2.467  -13.914 1.00 21.91 ? 69  GLN A CA  1 
ATOM   486 C C   . GLN A 1 69  ? -7.322  -1.359  -14.806 1.00 25.06 ? 69  GLN A C   1 
ATOM   487 O O   . GLN A 1 69  ? -7.929  -0.263  -14.873 1.00 25.35 ? 69  GLN A O   1 
ATOM   488 C CB  . GLN A 1 69  ? -9.171  -3.024  -14.466 1.00 23.65 ? 69  GLN A CB  1 
ATOM   489 C CG  . GLN A 1 69  ? -8.980  -3.647  -15.862 1.00 24.57 ? 69  GLN A CG  1 
ATOM   490 C CD  . GLN A 1 69  ? -10.344 -4.041  -16.396 1.00 29.81 ? 69  GLN A CD  1 
ATOM   491 O OE1 . GLN A 1 69  ? -11.388 -3.486  -16.150 1.00 28.51 ? 69  GLN A OE1 1 
ATOM   492 N NE2 . GLN A 1 69  ? -10.291 -5.104  -17.228 1.00 31.72 ? 69  GLN A NE2 1 
ATOM   493 N N   . LYS A 1 70  ? -6.272  -1.595  -15.597 1.00 25.01 ? 70  LYS A N   1 
ATOM   494 C CA  . LYS A 1 70  ? -5.814  -0.606  -16.552 1.00 28.78 ? 70  LYS A CA  1 
ATOM   495 C C   . LYS A 1 70  ? -6.701  -0.584  -17.804 1.00 30.03 ? 70  LYS A C   1 
ATOM   496 O O   . LYS A 1 70  ? -6.863  -1.608  -18.465 1.00 30.12 ? 70  LYS A O   1 
ATOM   497 C CB  . LYS A 1 70  ? -4.382  -0.874  -16.987 1.00 30.72 ? 70  LYS A CB  1 
ATOM   498 C CG  . LYS A 1 70  ? -3.279  -0.498  -16.030 1.00 35.31 ? 70  LYS A CG  1 
ATOM   499 C CD  . LYS A 1 70  ? -1.942  -0.593  -16.814 1.00 35.78 ? 70  LYS A CD  1 
ATOM   500 C CE  . LYS A 1 70  ? -0.846  0.254   -16.241 1.00 36.59 ? 70  LYS A CE  1 
ATOM   501 N NZ  . LYS A 1 70  ? 0.520   -0.273  -16.509 1.00 33.62 ? 70  LYS A NZ  1 
ATOM   502 N N   . ASN A 1 71  ? -7.338  0.546   -18.053 1.00 30.38 ? 71  ASN A N   1 
ATOM   503 C CA  . ASN A 1 71  ? -8.336  0.721   -19.091 1.00 32.79 ? 71  ASN A CA  1 
ATOM   504 C C   . ASN A 1 71  ? -8.274  2.180   -19.570 1.00 31.75 ? 71  ASN A C   1 
ATOM   505 O O   . ASN A 1 71  ? -9.192  2.555   -20.295 1.00 33.53 ? 71  ASN A O   1 
ATOM   506 C CB  . ASN A 1 71  ? -9.751  0.511   -18.542 1.00 36.46 ? 71  ASN A CB  1 
ATOM   507 C CG  . ASN A 1 71  ? -10.874 0.220   -19.484 1.00 41.82 ? 71  ASN A CG  1 
ATOM   508 O OD1 . ASN A 1 71  ? -10.642 -0.423  -20.527 1.00 45.23 ? 71  ASN A OD1 1 
ATOM   509 N ND2 . ASN A 1 71  ? -12.097 0.684   -19.267 1.00 41.11 ? 71  ASN A ND2 1 
ATOM   510 N N   . GLY A 1 72  ? -7.289  2.964   -19.205 1.00 30.27 ? 72  GLY A N   1 
ATOM   511 C CA  . GLY A 1 72  ? -7.211  4.363   -19.611 1.00 30.79 ? 72  GLY A CA  1 
ATOM   512 C C   . GLY A 1 72  ? -7.984  5.364   -18.743 1.00 29.74 ? 72  GLY A C   1 
ATOM   513 O O   . GLY A 1 72  ? -7.951  6.596   -19.005 1.00 30.12 ? 72  GLY A O   1 
ATOM   514 N N   . ALA A 1 73  ? -8.617  4.911   -17.644 1.00 26.69 ? 73  ALA A N   1 
ATOM   515 C CA  . ALA A 1 73  ? -9.352  5.846   -16.802 1.00 26.69 ? 73  ALA A CA  1 
ATOM   516 C C   . ALA A 1 73  ? -8.466  6.718   -15.915 1.00 24.76 ? 73  ALA A C   1 
ATOM   517 O O   . ALA A 1 73  ? -7.380  6.307   -15.472 1.00 26.22 ? 73  ALA A O   1 
ATOM   518 C CB  . ALA A 1 73  ? -10.359 5.187   -15.860 1.00 26.54 ? 73  ALA A CB  1 
ATOM   519 N N   . GLY A 1 74  ? -8.871  7.960   -15.710 1.00 24.74 ? 74  GLY A N   1 
ATOM   520 C CA  . GLY A 1 74  ? -8.095  8.828   -14.790 1.00 22.35 ? 74  GLY A CA  1 
ATOM   521 C C   . GLY A 1 74  ? -8.460  8.461   -13.346 1.00 20.27 ? 74  GLY A C   1 
ATOM   522 O O   . GLY A 1 74  ? -9.511  7.961   -13.112 1.00 21.95 ? 74  GLY A O   1 
ATOM   523 N N   . LEU A 1 75  ? -7.462  8.563   -12.478 1.00 22.16 ? 75  LEU A N   1 
ATOM   524 C CA  . LEU A 1 75  ? -7.743  8.294   -11.036 1.00 22.87 ? 75  LEU A CA  1 
ATOM   525 C C   . LEU A 1 75  ? -6.938  9.233   -10.144 1.00 25.03 ? 75  LEU A C   1 
ATOM   526 O O   . LEU A 1 75  ? -5.818  9.565   -10.408 1.00 25.24 ? 75  LEU A O   1 
ATOM   527 C CB  . LEU A 1 75  ? -7.224  6.883   -10.778 1.00 28.12 ? 75  LEU A CB  1 
ATOM   528 C CG  . LEU A 1 75  ? -7.313  6.551   -9.258  1.00 32.30 ? 75  LEU A CG  1 
ATOM   529 C CD1 . LEU A 1 75  ? -8.731  6.223   -8.881  1.00 31.71 ? 75  LEU A CD1 1 
ATOM   530 C CD2 . LEU A 1 75  ? -6.278  5.482   -9.022  1.00 36.16 ? 75  LEU A CD2 1 
ATOM   531 N N   . HIS A 1 76  ? -7.612  9.751   -9.085  1.00 24.55 ? 76  HIS A N   1 
ATOM   532 C CA  . HIS A 1 76  ? -6.956  10.773  -8.246  1.00 21.88 ? 76  HIS A CA  1 
ATOM   533 C C   . HIS A 1 76  ? -7.287  10.360  -6.824  1.00 21.60 ? 76  HIS A C   1 
ATOM   534 O O   . HIS A 1 76  ? -8.360  9.937   -6.517  1.00 19.38 ? 76  HIS A O   1 
ATOM   535 C CB  . HIS A 1 76  ? -7.620  12.134  -8.474  1.00 24.55 ? 76  HIS A CB  1 
ATOM   536 C CG  . HIS A 1 76  ? -7.537  12.606  -9.923  1.00 31.50 ? 76  HIS A CG  1 
ATOM   537 N ND1 . HIS A 1 76  ? -6.651  13.529  -10.386 1.00 34.43 ? 76  HIS A ND1 1 
ATOM   538 C CD2 . HIS A 1 76  ? -8.314  12.181  -10.973 1.00 34.37 ? 76  HIS A CD2 1 
ATOM   539 C CE1 . HIS A 1 76  ? -6.880  13.672  -11.715 1.00 34.11 ? 76  HIS A CE1 1 
ATOM   540 N NE2 . HIS A 1 76  ? -7.843  12.847  -12.084 1.00 35.15 ? 76  HIS A NE2 1 
ATOM   541 N N   . THR A 1 77  ? -6.215  10.441  -5.983  1.00 20.72 ? 77  THR A N   1 
ATOM   542 C CA  . THR A 1 77  ? -6.542  10.101  -4.567  1.00 21.44 ? 77  THR A CA  1 
ATOM   543 C C   . THR A 1 77  ? -5.840  11.165  -3.714  1.00 19.86 ? 77  THR A C   1 
ATOM   544 O O   . THR A 1 77  ? -4.965  11.960  -4.051  1.00 23.31 ? 77  THR A O   1 
ATOM   545 C CB  . THR A 1 77  ? -5.971  8.744   -4.161  1.00 25.16 ? 77  THR A CB  1 
ATOM   546 O OG1 . THR A 1 77  ? -4.522  8.824   -4.311  1.00 31.61 ? 77  THR A OG1 1 
ATOM   547 C CG2 . THR A 1 77  ? -6.424  7.531   -4.998  1.00 28.56 ? 77  THR A CG2 1 
ATOM   548 N N   . ALA A 1 78  ? -6.418  11.307  -2.487  1.00 19.44 ? 78  ALA A N   1 
ATOM   549 C CA  . ALA A 1 78  ? -5.846  12.254  -1.526  1.00 18.46 ? 78  ALA A CA  1 
ATOM   550 C C   . ALA A 1 78  ? -6.282  11.819  -0.093  1.00 18.76 ? 78  ALA A C   1 
ATOM   551 O O   . ALA A 1 78  ? -7.181  11.063  0.107   1.00 19.33 ? 78  ALA A O   1 
ATOM   552 C CB  . ALA A 1 78  ? -6.452  13.621  -1.711  1.00 20.07 ? 78  ALA A CB  1 
ATOM   553 N N   . SER A 1 79  ? -5.491  12.312  0.847   1.00 19.47 ? 79  SER A N   1 
ATOM   554 C CA  . SER A 1 79  ? -5.879  12.007  2.237   1.00 18.64 ? 79  SER A CA  1 
ATOM   555 C C   . SER A 1 79  ? -5.596  13.200  3.117   1.00 20.55 ? 79  SER A C   1 
ATOM   556 O O   . SER A 1 79  ? -4.763  14.046  2.770   1.00 23.26 ? 79  SER A O   1 
ATOM   557 C CB  . SER A 1 79  ? -5.101  10.817  2.844   1.00 22.98 ? 79  SER A CB  1 
ATOM   558 O OG  . SER A 1 79  ? -3.705  11.169  2.835   1.00 30.99 ? 79  SER A OG  1 
ATOM   559 N N   . SER A 1 80  ? -6.314  13.244  4.235   1.00 18.38 ? 80  SER A N   1 
ATOM   560 C CA  . SER A 1 80  ? -6.048  14.359  5.195   1.00 21.04 ? 80  SER A CA  1 
ATOM   561 C C   . SER A 1 80  ? -6.223  13.738  6.574   1.00 20.77 ? 80  SER A C   1 
ATOM   562 O O   . SER A 1 80  ? -7.066  12.855  6.753   1.00 22.78 ? 80  SER A O   1 
ATOM   563 C CB  . SER A 1 80  ? -7.137  15.407  4.995   1.00 26.32 ? 80  SER A CB  1 
ATOM   564 O OG  . SER A 1 80  ? -6.849  16.623  5.640   1.00 33.39 ? 80  SER A OG  1 
ATOM   565 N N   . CYS A 1 81  ? -5.475  14.227  7.556   1.00 18.74 ? 81  CYS A N   1 
ATOM   566 C CA  . CYS A 1 81  ? -5.600  13.597  8.871   1.00 18.75 ? 81  CYS A CA  1 
ATOM   567 C C   . CYS A 1 81  ? -5.574  14.650  9.985   1.00 17.07 ? 81  CYS A C   1 
ATOM   568 O O   . CYS A 1 81  ? -5.176  15.809  9.767   1.00 18.66 ? 81  CYS A O   1 
ATOM   569 C CB  . CYS A 1 81  ? -4.253  12.877  9.097   1.00 22.16 ? 81  CYS A CB  1 
ATOM   570 S SG  . CYS A 1 81  ? -3.944  11.566  7.807   1.00 26.99 ? 81  CYS A SG  1 
ATOM   571 N N   . TYR A 1 82  ? -6.172  14.235  11.085  1.00 17.12 ? 82  TYR A N   1 
ATOM   572 C CA  . TYR A 1 82  ? -6.208  15.103  12.300  1.00 18.39 ? 82  TYR A CA  1 
ATOM   573 C C   . TYR A 1 82  ? -5.516  14.221  13.315  1.00 16.75 ? 82  TYR A C   1 
ATOM   574 O O   . TYR A 1 82  ? -6.081  13.242  13.819  1.00 17.63 ? 82  TYR A O   1 
ATOM   575 C CB  . TYR A 1 82  ? -7.667  15.369  12.665  1.00 17.61 ? 82  TYR A CB  1 
ATOM   576 C CG  . TYR A 1 82  ? -7.942  16.385  13.778  1.00 18.74 ? 82  TYR A CG  1 
ATOM   577 C CD1 . TYR A 1 82  ? -7.630  17.716  13.556  1.00 23.63 ? 82  TYR A CD1 1 
ATOM   578 C CD2 . TYR A 1 82  ? -8.601  15.968  14.904  1.00 22.16 ? 82  TYR A CD2 1 
ATOM   579 C CE1 . TYR A 1 82  ? -7.955  18.640  14.568  1.00 26.22 ? 82  TYR A CE1 1 
ATOM   580 C CE2 . TYR A 1 82  ? -8.914  16.849  15.929  1.00 26.09 ? 82  TYR A CE2 1 
ATOM   581 C CZ  . TYR A 1 82  ? -8.588  18.184  15.672  1.00 27.80 ? 82  TYR A CZ  1 
ATOM   582 O OH  . TYR A 1 82  ? -8.919  19.118  16.657  1.00 32.78 ? 82  TYR A OH  1 
ATOM   583 N N   . TRP A 1 83  ? -4.260  14.581  13.638  1.00 17.66 ? 83  TRP A N   1 
ATOM   584 C CA  . TRP A 1 83  ? -3.437  13.691  14.446  1.00 17.22 ? 83  TRP A CA  1 
ATOM   585 C C   . TRP A 1 83  ? -2.289  14.449  15.109  1.00 19.90 ? 83  TRP A C   1 
ATOM   586 O O   . TRP A 1 83  ? -2.306  15.664  14.990  1.00 18.73 ? 83  TRP A O   1 
ATOM   587 C CB  . TRP A 1 83  ? -2.908  12.610  13.458  1.00 19.60 ? 83  TRP A CB  1 
ATOM   588 C CG  . TRP A 1 83  ? -2.036  12.948  12.325  1.00 21.22 ? 83  TRP A CG  1 
ATOM   589 C CD1 . TRP A 1 83  ? -1.469  14.187  12.071  1.00 21.26 ? 83  TRP A CD1 1 
ATOM   590 C CD2 . TRP A 1 83  ? -1.577  12.087  11.261  1.00 20.90 ? 83  TRP A CD2 1 
ATOM   591 N NE1 . TRP A 1 83  ? -0.694  14.146  10.907  1.00 21.92 ? 83  TRP A NE1 1 
ATOM   592 C CE2 . TRP A 1 83  ? -0.783  12.846  10.435  1.00 23.30 ? 83  TRP A CE2 1 
ATOM   593 C CE3 . TRP A 1 83  ? -1.867  10.719  11.054  1.00 24.06 ? 83  TRP A CE3 1 
ATOM   594 C CZ2 . TRP A 1 83  ? -0.158  12.299  9.281   1.00 26.04 ? 83  TRP A CZ2 1 
ATOM   595 C CZ3 . TRP A 1 83  ? -1.241  10.214  9.893   1.00 24.88 ? 83  TRP A CZ3 1 
ATOM   596 C CH2 . TRP A 1 83  ? -0.435  10.973  9.085   1.00 25.00 ? 83  TRP A CH2 1 
ATOM   597 N N   . ASN A 1 84  ? -1.267  13.747  15.577  1.00 17.69 ? 84  ASN A N   1 
ATOM   598 C CA  . ASN A 1 84  ? -0.109  14.468  16.143  1.00 18.52 ? 84  ASN A CA  1 
ATOM   599 C C   . ASN A 1 84  ? 0.978   14.464  15.092  1.00 18.67 ? 84  ASN A C   1 
ATOM   600 O O   . ASN A 1 84  ? 1.609   13.483  14.780  1.00 18.39 ? 84  ASN A O   1 
ATOM   601 C CB  . ASN A 1 84  ? 0.241   13.739  17.446  1.00 20.85 ? 84  ASN A CB  1 
ATOM   602 C CG  . ASN A 1 84  ? 1.454   14.462  18.067  1.00 22.26 ? 84  ASN A CG  1 
ATOM   603 O OD1 . ASN A 1 84  ? 2.232   15.197  17.452  1.00 23.07 ? 84  ASN A OD1 1 
ATOM   604 N ND2 . ASN A 1 84  ? 1.642   14.243  19.359  1.00 21.20 ? 84  ASN A ND2 1 
ATOM   605 N N   . ASN A 1 85  ? 1.226   15.686  14.531  1.00 20.63 ? 85  ASN A N   1 
ATOM   606 C CA  . ASN A 1 85  ? 2.185   15.769  13.428  1.00 24.70 ? 85  ASN A CA  1 
ATOM   607 C C   . ASN A 1 85  ? 3.596   15.494  13.843  1.00 26.23 ? 85  ASN A C   1 
ATOM   608 O O   . ASN A 1 85  ? 4.459   15.267  12.991  1.00 27.08 ? 85  ASN A O   1 
ATOM   609 C CB  . ASN A 1 85  ? 2.151   17.192  12.839  1.00 31.55 ? 85  ASN A CB  1 
ATOM   610 C CG  . ASN A 1 85  ? 1.098   17.464  11.806  1.00 37.49 ? 85  ASN A CG  1 
ATOM   611 O OD1 . ASN A 1 85  ? 1.100   18.585  11.216  1.00 42.11 ? 85  ASN A OD1 1 
ATOM   612 N ND2 . ASN A 1 85  ? 0.186   16.579  11.512  1.00 36.95 ? 85  ASN A ND2 1 
ATOM   613 N N   . ASP A 1 86  ? 3.917   15.575  15.130  1.00 24.06 ? 86  ASP A N   1 
ATOM   614 C CA  . ASP A 1 86  ? 5.245   15.283  15.611  1.00 27.54 ? 86  ASP A CA  1 
ATOM   615 C C   . ASP A 1 86  ? 5.553   13.790  15.611  1.00 24.65 ? 86  ASP A C   1 
ATOM   616 O O   . ASP A 1 86  ? 6.713   13.403  15.476  1.00 27.22 ? 86  ASP A O   1 
ATOM   617 C CB  . ASP A 1 86  ? 5.356   15.708  17.087  1.00 33.22 ? 86  ASP A CB  1 
ATOM   618 C CG  . ASP A 1 86  ? 5.474   17.150  17.477  1.00 40.56 ? 86  ASP A CG  1 
ATOM   619 O OD1 . ASP A 1 86  ? 5.745   17.932  16.547  1.00 43.89 ? 86  ASP A OD1 1 
ATOM   620 O OD2 . ASP A 1 86  ? 5.395   17.539  18.688  1.00 43.32 ? 86  ASP A OD2 1 
ATOM   621 N N   . THR A 1 87  ? 4.526   12.929  15.753  1.00 22.31 ? 87  THR A N   1 
ATOM   622 C CA  . THR A 1 87  ? 4.760   11.507  15.886  1.00 19.33 ? 87  THR A CA  1 
ATOM   623 C C   . THR A 1 87  ? 4.080   10.589  14.869  1.00 19.99 ? 87  THR A C   1 
ATOM   624 O O   . THR A 1 87  ? 4.471   9.435   14.777  1.00 22.85 ? 87  THR A O   1 
ATOM   625 C CB  . THR A 1 87  ? 4.175   11.060  17.261  1.00 20.16 ? 87  THR A CB  1 
ATOM   626 O OG1 . THR A 1 87  ? 2.792   11.394  17.381  1.00 19.96 ? 87  THR A OG1 1 
ATOM   627 C CG2 . THR A 1 87  ? 4.858   11.841  18.436  1.00 22.46 ? 87  THR A CG2 1 
ATOM   628 N N   . ASP A 1 88  ? 3.042   11.120  14.212  1.00 19.83 ? 88  ASP A N   1 
ATOM   629 C CA  . ASP A 1 88  ? 2.206   10.287  13.349  1.00 18.70 ? 88  ASP A CA  1 
ATOM   630 C C   . ASP A 1 88  ? 2.497   10.544  11.898  1.00 18.29 ? 88  ASP A C   1 
ATOM   631 O O   . ASP A 1 88  ? 2.964   11.639  11.514  1.00 23.38 ? 88  ASP A O   1 
ATOM   632 C CB  . ASP A 1 88  ? 0.711   10.570  13.596  1.00 17.71 ? 88  ASP A CB  1 
ATOM   633 C CG  . ASP A 1 88  ? 0.363   10.435  15.030  1.00 19.09 ? 88  ASP A CG  1 
ATOM   634 O OD1 . ASP A 1 88  ? 1.111   9.818   15.806  1.00 20.36 ? 88  ASP A OD1 1 
ATOM   635 O OD2 . ASP A 1 88  ? -0.771  10.855  15.407  1.00 17.89 ? 88  ASP A OD2 1 
ATOM   636 N N   . GLY A 1 89  ? 2.340   9.567   11.049  1.00 19.12 ? 89  GLY A N   1 
ATOM   637 C CA  . GLY A 1 89  ? 2.744   9.728   9.654   1.00 19.40 ? 89  GLY A CA  1 
ATOM   638 C C   . GLY A 1 89  ? 2.159   8.658   8.715   1.00 20.81 ? 89  GLY A C   1 
ATOM   639 O O   . GLY A 1 89  ? 1.430   7.766   9.093   1.00 19.12 ? 89  GLY A O   1 
ATOM   640 N N   . SER A 1 90  ? 2.496   8.874   7.421   1.00 21.67 ? 90  SER A N   1 
ATOM   641 C CA  . SER A 1 90  ? 1.910   7.963   6.441   1.00 21.21 ? 90  SER A CA  1 
ATOM   642 C C   . SER A 1 90  ? 2.874   7.785   5.265   1.00 19.19 ? 90  SER A C   1 
ATOM   643 O O   . SER A 1 90  ? 3.936   8.458   5.193   1.00 22.92 ? 90  SER A O   1 
ATOM   644 C CB  . SER A 1 90  ? 0.555   8.487   5.988   1.00 24.11 ? 90  SER A CB  1 
ATOM   645 O OG  . SER A 1 90  ? 0.865   9.629   5.131   1.00 31.27 ? 90  SER A OG  1 
ATOM   646 N N   . CYS A 1 91  ? 2.608   6.740   4.533   1.00 19.45 ? 91  CYS A N   1 
ATOM   647 C CA  . CYS A 1 91  ? 3.427   6.471   3.300   1.00 20.70 ? 91  CYS A CA  1 
ATOM   648 C C   . CYS A 1 91  ? 2.481   5.910   2.248   1.00 22.26 ? 91  CYS A C   1 
ATOM   649 O O   . CYS A 1 91  ? 1.592   5.117   2.547   1.00 20.50 ? 91  CYS A O   1 
ATOM   650 C CB  . CYS A 1 91  ? 4.440   5.394   3.680   1.00 22.92 ? 91  CYS A CB  1 
ATOM   651 S SG  . CYS A 1 91  ? 5.465   4.870   2.246   1.00 31.34 ? 91  CYS A SG  1 
ATOM   652 N N   . THR A 1 92  ? 2.723   6.332   0.982   1.00 20.30 ? 92  THR A N   1 
ATOM   653 C CA  . THR A 1 92  ? 1.856   5.750   -0.052  1.00 20.62 ? 92  THR A CA  1 
ATOM   654 C C   . THR A 1 92  ? 2.800   5.164   -1.106  1.00 22.64 ? 92  THR A C   1 
ATOM   655 O O   . THR A 1 92  ? 3.853   5.792   -1.401  1.00 23.64 ? 92  THR A O   1 
ATOM   656 C CB  . THR A 1 92  ? 0.928   6.783   -0.717  1.00 25.85 ? 92  THR A CB  1 
ATOM   657 O OG1 . THR A 1 92  ? 0.049   7.228   0.326   1.00 28.05 ? 92  THR A OG1 1 
ATOM   658 C CG2 . THR A 1 92  ? 0.118   6.239   -1.879  1.00 26.18 ? 92  THR A CG2 1 
ATOM   659 N N   . VAL A 1 93  ? 2.402   4.009   -1.641  1.00 20.79 ? 93  VAL A N   1 
ATOM   660 C CA  . VAL A 1 93  ? 3.251   3.366   -2.651  1.00 23.18 ? 93  VAL A CA  1 
ATOM   661 C C   . VAL A 1 93  ? 2.384   3.081   -3.846  1.00 24.29 ? 93  VAL A C   1 
ATOM   662 O O   . VAL A 1 93  ? 1.284   2.551   -3.748  1.00 19.82 ? 93  VAL A O   1 
ATOM   663 C CB  . VAL A 1 93  ? 3.798   2.055   -2.065  1.00 26.22 ? 93  VAL A CB  1 
ATOM   664 C CG1 . VAL A 1 93  ? 4.391   1.159   -3.157  1.00 29.62 ? 93  VAL A CG1 1 
ATOM   665 C CG2 . VAL A 1 93  ? 4.855   2.273   -0.987  1.00 28.56 ? 93  VAL A CG2 1 
ATOM   666 N N   . ARG A 1 94  ? 2.951   3.295   -5.054  1.00 24.13 ? 94  ARG A N   1 
ATOM   667 C CA  . ARG A 1 94  ? 2.121   2.910   -6.221  1.00 27.17 ? 94  ARG A CA  1 
ATOM   668 C C   . ARG A 1 94  ? 2.887   1.799   -6.960  1.00 26.95 ? 94  ARG A C   1 
ATOM   669 O O   . ARG A 1 94  ? 4.134   1.827   -6.990  1.00 30.23 ? 94  ARG A O   1 
ATOM   670 C CB  . ARG A 1 94  ? 1.889   4.066   -7.202  1.00 32.31 ? 94  ARG A CB  1 
ATOM   671 C CG  . ARG A 1 94  ? 1.339   5.374   -6.695  1.00 39.40 ? 94  ARG A CG  1 
ATOM   672 C CD  . ARG A 1 94  ? 1.482   6.538   -7.681  1.00 43.96 ? 94  ARG A CD  1 
ATOM   673 N NE  . ARG A 1 94  ? 1.162   6.123   -9.068  1.00 48.06 ? 94  ARG A NE  1 
ATOM   674 C CZ  . ARG A 1 94  ? 0.600   7.022   -9.892  1.00 50.99 ? 94  ARG A CZ  1 
ATOM   675 N NH1 . ARG A 1 94  ? 0.345   8.242   -9.394  1.00 50.72 ? 94  ARG A NH1 1 
ATOM   676 N NH2 . ARG A 1 94  ? 0.290   6.734   -11.159 1.00 52.08 ? 94  ARG A NH2 1 
ATOM   677 N N   . TRP A 1 95  ? 2.197   0.836   -7.484  1.00 25.78 ? 95  TRP A N   1 
ATOM   678 C CA  . TRP A 1 95  ? 2.763   -0.344  -8.169  1.00 25.84 ? 95  TRP A CA  1 
ATOM   679 C C   . TRP A 1 95  ? 1.920   -0.639  -9.393  1.00 27.37 ? 95  TRP A C   1 
ATOM   680 O O   . TRP A 1 95  ? 0.726   -0.344  -9.401  1.00 28.20 ? 95  TRP A O   1 
ATOM   681 C CB  . TRP A 1 95  ? 2.776   -1.522  -7.203  1.00 26.39 ? 95  TRP A CB  1 
ATOM   682 C CG  . TRP A 1 95  ? 3.268   -2.840  -7.749  1.00 29.85 ? 95  TRP A CG  1 
ATOM   683 C CD1 . TRP A 1 95  ? 4.493   -3.412  -7.527  1.00 31.26 ? 95  TRP A CD1 1 
ATOM   684 C CD2 . TRP A 1 95  ? 2.536   -3.775  -8.554  1.00 31.55 ? 95  TRP A CD2 1 
ATOM   685 N NE1 . TRP A 1 95  ? 4.555   -4.661  -8.118  1.00 32.16 ? 95  TRP A NE1 1 
ATOM   686 C CE2 . TRP A 1 95  ? 3.371   -4.892  -8.762  1.00 33.11 ? 95  TRP A CE2 1 
ATOM   687 C CE3 . TRP A 1 95  ? 1.247   -3.796  -9.063  1.00 31.27 ? 95  TRP A CE3 1 
ATOM   688 C CZ2 . TRP A 1 95  ? 2.968   -6.005  -9.518  1.00 33.61 ? 95  TRP A CZ2 1 
ATOM   689 C CZ3 . TRP A 1 95  ? 0.811   -4.909  -9.771  1.00 33.25 ? 95  TRP A CZ3 1 
ATOM   690 C CH2 . TRP A 1 95  ? 1.689   -5.997  -9.981  1.00 33.85 ? 95  TRP A CH2 1 
ATOM   691 N N   . GLU A 1 96  ? 2.556   -1.095  -10.510 1.00 26.94 ? 96  GLU A N   1 
ATOM   692 C CA  . GLU A 1 96  ? 1.690   -1.420  -11.633 1.00 28.79 ? 96  GLU A CA  1 
ATOM   693 C C   . GLU A 1 96  ? 2.353   -2.545  -12.465 1.00 28.67 ? 96  GLU A C   1 
ATOM   694 O O   . GLU A 1 96  ? 3.529   -2.743  -12.255 1.00 28.78 ? 96  GLU A O   1 
ATOM   695 C CB  . GLU A 1 96  ? 1.479   -0.277  -12.624 1.00 30.82 ? 96  GLU A CB  1 
ATOM   696 C CG  . GLU A 1 96  ? 2.843   0.232   -13.149 1.00 35.55 ? 96  GLU A CG  1 
ATOM   697 C CD  . GLU A 1 96  ? 2.579   1.451   -14.024 1.00 39.02 ? 96  GLU A CD  1 
ATOM   698 O OE1 . GLU A 1 96  ? 1.797   1.383   -14.984 1.00 39.56 ? 96  GLU A OE1 1 
ATOM   699 O OE2 . GLU A 1 96  ? 3.081   2.536   -13.672 1.00 43.46 ? 96  GLU A OE2 1 
ATOM   700 N N   . ASN A 1 97  ? 1.456   -3.217  -13.172 1.00 27.99 ? 97  ASN A N   1 
ATOM   701 C CA  . ASN A 1 97  ? 2.006   -4.161  -14.198 1.00 29.65 ? 97  ASN A CA  1 
ATOM   702 C C   . ASN A 1 97  ? 1.242   -3.873  -15.474 1.00 29.83 ? 97  ASN A C   1 
ATOM   703 O O   . ASN A 1 97  ? 0.542   -2.863  -15.664 1.00 27.59 ? 97  ASN A O   1 
ATOM   704 C CB  . ASN A 1 97  ? 2.007   -5.573  -13.672 1.00 28.92 ? 97  ASN A CB  1 
ATOM   705 C CG  . ASN A 1 97  ? 0.695   -6.269  -13.524 1.00 27.82 ? 97  ASN A CG  1 
ATOM   706 O OD1 . ASN A 1 97  ? -0.313  -5.640  -13.869 1.00 27.33 ? 97  ASN A OD1 1 
ATOM   707 N ND2 . ASN A 1 97  ? 0.606   -7.495  -13.002 1.00 27.89 ? 97  ASN A ND2 1 
ATOM   708 N N   . LYS A 1 98  ? 1.190   -4.807  -16.480 1.00 32.71 ? 98  LYS A N   1 
ATOM   709 C CA  . LYS A 1 98  ? 0.485   -4.472  -17.708 1.00 31.42 ? 98  LYS A CA  1 
ATOM   710 C C   . LYS A 1 98  ? -1.006  -4.436  -17.518 1.00 30.12 ? 98  LYS A C   1 
ATOM   711 O O   . LYS A 1 98  ? -1.604  -3.782  -18.364 1.00 30.86 ? 98  LYS A O   1 
ATOM   712 C CB  . LYS A 1 98  ? 0.768   -5.495  -18.836 1.00 36.25 ? 98  LYS A CB  1 
ATOM   713 C CG  . LYS A 1 98  ? 2.205   -5.579  -19.313 1.00 39.99 ? 98  LYS A CG  1 
ATOM   714 C CD  . LYS A 1 98  ? 2.240   -6.596  -20.497 1.00 44.45 ? 98  LYS A CD  1 
ATOM   715 C CE  . LYS A 1 98  ? 3.599   -6.568  -21.193 1.00 46.46 ? 98  LYS A CE  1 
ATOM   716 N NZ  . LYS A 1 98  ? 3.570   -7.297  -22.503 1.00 50.28 ? 98  LYS A NZ  1 
ATOM   717 N N   . THR A 1 99  ? -1.642  -5.082  -16.526 1.00 28.43 ? 99  THR A N   1 
ATOM   718 C CA  . THR A 1 99  ? -3.097  -5.018  -16.513 1.00 27.88 ? 99  THR A CA  1 
ATOM   719 C C   . THR A 1 99  ? -3.677  -4.285  -15.297 1.00 25.73 ? 99  THR A C   1 
ATOM   720 O O   . THR A 1 99  ? -4.890  -4.122  -15.243 1.00 26.10 ? 99  THR A O   1 
ATOM   721 C CB  . THR A 1 99  ? -3.783  -6.403  -16.536 1.00 31.42 ? 99  THR A CB  1 
ATOM   722 O OG1 . THR A 1 99  ? -3.282  -7.194  -15.478 1.00 31.57 ? 99  THR A OG1 1 
ATOM   723 C CG2 . THR A 1 99  ? -3.547  -7.109  -17.902 1.00 32.81 ? 99  THR A CG2 1 
ATOM   724 N N   . MET A 1 100 ? -2.842  -3.935  -14.309 1.00 25.44 ? 100 MET A N   1 
ATOM   725 C CA  . MET A 1 100 ? -3.493  -3.344  -13.118 1.00 25.57 ? 100 MET A CA  1 
ATOM   726 C C   . MET A 1 100 ? -2.546  -2.304  -12.497 1.00 23.61 ? 100 MET A C   1 
ATOM   727 O O   . MET A 1 100 ? -1.337  -2.301  -12.586 1.00 22.73 ? 100 MET A O   1 
ATOM   728 C CB  . MET A 1 100 ? -3.531  -4.408  -12.009 1.00 23.87 ? 100 MET A CB  1 
ATOM   729 C CG  . MET A 1 100 ? -4.391  -5.622  -12.038 1.00 29.35 ? 100 MET A CG  1 
ATOM   730 S SD  . MET A 1 100 ? -4.141  -6.806  -10.739 1.00 15.46 ? 100 MET A SD  1 
ATOM   731 C CE  . MET A 1 100 ? -2.709  -7.770  -11.149 1.00 30.08 ? 100 MET A CE  1 
ATOM   732 N N   . TYR A 1 101 ? -3.128  -1.378  -11.715 1.00 22.57 ? 101 TYR A N   1 
ATOM   733 C CA  . TYR A 1 101 ? -2.410  -0.482  -10.854 1.00 22.67 ? 101 TYR A CA  1 
ATOM   734 C C   . TYR A 1 101 ? -2.829  -0.851  -9.405  1.00 21.76 ? 101 TYR A C   1 
ATOM   735 O O   . TYR A 1 101 ? -3.951  -1.318  -9.186  1.00 22.88 ? 101 TYR A O   1 
ATOM   736 C CB  . TYR A 1 101 ? -2.947  0.928   -11.009 1.00 24.88 ? 101 TYR A CB  1 
ATOM   737 C CG  . TYR A 1 101 ? -2.573  1.689   -12.245 1.00 29.93 ? 101 TYR A CG  1 
ATOM   738 C CD1 . TYR A 1 101 ? -1.293  2.223   -12.268 1.00 35.17 ? 101 TYR A CD1 1 
ATOM   739 C CD2 . TYR A 1 101 ? -3.428  1.867   -13.321 1.00 35.01 ? 101 TYR A CD2 1 
ATOM   740 C CE1 . TYR A 1 101 ? -0.843  2.950   -13.379 1.00 37.75 ? 101 TYR A CE1 1 
ATOM   741 C CE2 . TYR A 1 101 ? -2.995  2.607   -14.418 1.00 36.95 ? 101 TYR A CE2 1 
ATOM   742 C CZ  . TYR A 1 101 ? -1.722  3.130   -14.419 1.00 38.86 ? 101 TYR A CZ  1 
ATOM   743 O OH  . TYR A 1 101 ? -1.233  3.886   -15.494 1.00 43.09 ? 101 TYR A OH  1 
ATOM   744 N N   . CYS A 1 102 ? -1.854  -0.742  -8.491  1.00 23.68 ? 102 CYS A N   1 
ATOM   745 C CA  . CYS A 1 102 ? -2.238  -1.051  -7.077  1.00 21.99 ? 102 CYS A CA  1 
ATOM   746 C C   . CYS A 1 102 ? -1.598  0.055   -6.268  1.00 22.86 ? 102 CYS A C   1 
ATOM   747 O O   . CYS A 1 102 ? -0.403  0.392   -6.420  1.00 23.37 ? 102 CYS A O   1 
ATOM   748 C CB  . CYS A 1 102 ? -1.718  -2.414  -6.625  1.00 24.30 ? 102 CYS A CB  1 
ATOM   749 S SG  . CYS A 1 102 ? -1.919  -2.708  -4.833  1.00 23.63 ? 102 CYS A SG  1 
ATOM   750 N N   . ILE A 1 103 ? -2.402  0.755   -5.454  1.00 20.63 ? 103 ILE A N   1 
ATOM   751 C CA  . ILE A 1 103 ? -1.888  1.819   -4.628  1.00 18.74 ? 103 ILE A CA  1 
ATOM   752 C C   . ILE A 1 103 ? -2.169  1.424   -3.176  1.00 19.43 ? 103 ILE A C   1 
ATOM   753 O O   . ILE A 1 103 ? -3.313  1.068   -2.878  1.00 20.30 ? 103 ILE A O   1 
ATOM   754 C CB  . ILE A 1 103 ? -2.559  3.160   -4.944  1.00 22.64 ? 103 ILE A CB  1 
ATOM   755 C CG1 . ILE A 1 103 ? -2.288  3.530   -6.408  1.00 27.76 ? 103 ILE A CG1 1 
ATOM   756 C CG2 . ILE A 1 103 ? -2.059  4.274   -4.027  1.00 23.24 ? 103 ILE A CG2 1 
ATOM   757 C CD1 . ILE A 1 103 ? -3.039  4.803   -6.816  1.00 31.84 ? 103 ILE A CD1 1 
ATOM   758 N N   . VAL A 1 104 ? -1.111  1.538   -2.357  1.00 18.37 ? 104 VAL A N   1 
ATOM   759 C CA  . VAL A 1 104 ? -1.345  1.169   -0.944  1.00 18.14 ? 104 VAL A CA  1 
ATOM   760 C C   . VAL A 1 104 ? -0.921  2.427   -0.153  1.00 18.08 ? 104 VAL A C   1 
ATOM   761 O O   . VAL A 1 104 ? 0.119   3.042   -0.344  1.00 18.58 ? 104 VAL A O   1 
ATOM   762 C CB  . VAL A 1 104 ? -0.426  0.019   -0.513  1.00 19.10 ? 104 VAL A CB  1 
ATOM   763 C CG1 . VAL A 1 104 ? -0.356  -0.224  0.994   1.00 20.14 ? 104 VAL A CG1 1 
ATOM   764 C CG2 . VAL A 1 104 ? -0.880  -1.258  -1.224  1.00 20.25 ? 104 VAL A CG2 1 
ATOM   765 N N   . SER A 1 105 ? -1.795  2.669   0.869   1.00 17.03 ? 105 SER A N   1 
ATOM   766 C CA  . SER A 1 105 ? -1.375  3.755   1.797   1.00 19.17 ? 105 SER A CA  1 
ATOM   767 C C   . SER A 1 105 ? -1.420  3.208   3.244   1.00 17.04 ? 105 SER A C   1 
ATOM   768 O O   . SER A 1 105 ? -2.238  2.401   3.595   1.00 18.77 ? 105 SER A O   1 
ATOM   769 C CB  . SER A 1 105 ? -2.373  4.916   1.829   1.00 24.20 ? 105 SER A CB  1 
ATOM   770 O OG  . SER A 1 105 ? -2.402  5.607   0.609   1.00 27.66 ? 105 SER A OG  1 
ATOM   771 N N   . VAL A 1 106 ? -0.368  3.538   3.983   1.00 15.61 ? 106 VAL A N   1 
ATOM   772 C CA  . VAL A 1 106 ? -0.312  3.088   5.381   1.00 17.74 ? 106 VAL A CA  1 
ATOM   773 C C   . VAL A 1 106 ? -0.176  4.327   6.229   1.00 15.65 ? 106 VAL A C   1 
ATOM   774 O O   . VAL A 1 106 ? 0.446   5.326   5.944   1.00 17.15 ? 106 VAL A O   1 
ATOM   775 C CB  . VAL A 1 106 ? 0.957   2.252   5.637   1.00 20.27 ? 106 VAL A CB  1 
ATOM   776 C CG1 . VAL A 1 106 ? 0.834   0.944   4.780   1.00 21.49 ? 106 VAL A CG1 1 
ATOM   777 C CG2 . VAL A 1 106 ? 2.206   2.945   5.234   1.00 24.26 ? 106 VAL A CG2 1 
ATOM   778 N N   . PHE A 1 107 ? -0.877  4.264   7.366   1.00 14.75 ? 107 PHE A N   1 
ATOM   779 C CA  . PHE A 1 107 ? -0.839  5.367   8.321   1.00 16.79 ? 107 PHE A CA  1 
ATOM   780 C C   . PHE A 1 107 ? -0.588  4.777   9.707   1.00 15.79 ? 107 PHE A C   1 
ATOM   781 O O   . PHE A 1 107 ? -1.057  3.688   10.094  1.00 17.98 ? 107 PHE A O   1 
ATOM   782 C CB  . PHE A 1 107 ? -2.240  6.000   8.391   1.00 18.09 ? 107 PHE A CB  1 
ATOM   783 C CG  . PHE A 1 107 ? -2.781  6.523   7.102   1.00 17.90 ? 107 PHE A CG  1 
ATOM   784 C CD1 . PHE A 1 107 ? -3.433  5.684   6.235   1.00 18.46 ? 107 PHE A CD1 1 
ATOM   785 C CD2 . PHE A 1 107 ? -2.648  7.863   6.792   1.00 17.32 ? 107 PHE A CD2 1 
ATOM   786 C CE1 . PHE A 1 107 ? -3.922  6.101   4.991   1.00 19.31 ? 107 PHE A CE1 1 
ATOM   787 C CE2 . PHE A 1 107 ? -3.127  8.329   5.555   1.00 18.33 ? 107 PHE A CE2 1 
ATOM   788 C CZ  . PHE A 1 107 ? -3.771  7.470   4.702   1.00 17.55 ? 107 PHE A CZ  1 
ATOM   789 N N   . GLY A 1 108 ? 0.367   5.467   10.394  1.00 15.62 ? 108 GLY A N   1 
ATOM   790 C CA  . GLY A 1 108 ? 0.776   5.033   11.737  1.00 15.47 ? 108 GLY A CA  1 
ATOM   791 C C   . GLY A 1 108 ? 0.485   6.185   12.716  1.00 17.21 ? 108 GLY A C   1 
ATOM   792 O O   . GLY A 1 108 ? 0.899   7.323   12.521  1.00 19.15 ? 108 GLY A O   1 
ATOM   793 N N   . LEU A 1 109 ? -0.240  5.801   13.790  1.00 17.18 ? 109 LEU A N   1 
ATOM   794 C CA  . LEU A 1 109 ? -0.643  6.826   14.792  1.00 18.55 ? 109 LEU A CA  1 
ATOM   795 C C   . LEU A 1 109 ? -0.138  6.396   16.141  1.00 18.51 ? 109 LEU A C   1 
ATOM   796 O O   . LEU A 1 109 ? -0.497  5.288   16.570  1.00 21.60 ? 109 LEU A O   1 
ATOM   797 C CB  . LEU A 1 109 ? -2.175  6.863   14.809  1.00 21.45 ? 109 LEU A CB  1 
ATOM   798 C CG  . LEU A 1 109 ? -2.805  7.401   13.544  1.00 23.73 ? 109 LEU A CG  1 
ATOM   799 C CD1 . LEU A 1 109 ? -3.234  6.199   12.643  1.00 23.75 ? 109 LEU A CD1 1 
ATOM   800 C CD2 . LEU A 1 109 ? -4.004  8.259   13.856  1.00 27.53 ? 109 LEU A CD2 1 
ATOM   801 N N   . ALA A 1 110 ? 0.698   7.252   16.742  1.00 17.75 ? 110 ALA A N   1 
ATOM   802 C CA  . ALA A 1 110 ? 1.284   6.855   18.043  1.00 20.21 ? 110 ALA A CA  1 
ATOM   803 C C   . ALA A 1 110 ? 0.233   6.808   19.121  1.00 23.71 ? 110 ALA A C   1 
ATOM   804 O O   . ALA A 1 110 ? -0.752  7.540   19.215  1.00 24.16 ? 110 ALA A O   1 
ATOM   805 C CB  . ALA A 1 110 ? 2.340   7.920   18.390  1.00 20.51 ? 110 ALA A CB  1 
ATOM   806 N N   . VAL A 1 111 ? 0.420   5.781   19.984  1.00 25.98 ? 111 VAL A N   1 
ATOM   807 C CA  . VAL A 1 111 ? -0.464  5.494   21.104  1.00 29.90 ? 111 VAL A CA  1 
ATOM   808 C C   . VAL A 1 111 ? 0.031   6.118   22.416  1.00 34.31 ? 111 VAL A C   1 
ATOM   809 O O   . VAL A 1 111 ? -0.799  6.367   23.341  1.00 36.57 ? 111 VAL A O   1 
ATOM   810 C CB  . VAL A 1 111 ? -0.550  3.948   21.289  1.00 29.05 ? 111 VAL A CB  1 
ATOM   811 C CG1 . VAL A 1 111 ? -1.329  3.631   22.545  1.00 28.51 ? 111 VAL A CG1 1 
ATOM   812 C CG2 . VAL A 1 111 ? -1.376  3.323   20.152  1.00 28.77 ? 111 VAL A CG2 1 
ATOM   813 O OXT . VAL A 1 111 ? 1.258   6.095   22.707  1.00 34.25 ? 111 VAL A OXT 1 
HETATM 814 S S   . SO4 B 2 .   ? 4.594   4.816   9.224   1.00 80.12 ? 112 SO4 A S   1 
HETATM 815 O O1  . SO4 B 2 .   ? 5.621   3.761   8.902   1.00 79.82 ? 112 SO4 A O1  1 
HETATM 816 O O2  . SO4 B 2 .   ? 4.726   5.147   10.683  1.00 79.62 ? 112 SO4 A O2  1 
HETATM 817 O O3  . SO4 B 2 .   ? 4.890   6.018   8.370   1.00 79.44 ? 112 SO4 A O3  1 
HETATM 818 O O4  . SO4 B 2 .   ? 3.220   4.304   8.923   1.00 79.20 ? 112 SO4 A O4  1 
HETATM 819 O O   . HOH C 3 .   ? 4.757   -1.965  14.724  1.00 21.35 ? 113 HOH A O   1 
HETATM 820 O O   . HOH C 3 .   ? -7.295  18.766  19.482  1.00 20.04 ? 114 HOH A O   1 
HETATM 821 O O   . HOH C 3 .   ? -3.106  18.631  15.167  1.00 24.81 ? 115 HOH A O   1 
HETATM 822 O O   . HOH C 3 .   ? -3.545  17.352  12.626  1.00 23.77 ? 116 HOH A O   1 
HETATM 823 O O   . HOH C 3 .   ? -1.188  -7.738  11.736  1.00 39.16 ? 117 HOH A O   1 
HETATM 824 O O   . HOH C 3 .   ? 2.697   -9.133  13.249  1.00 26.10 ? 118 HOH A O   1 
HETATM 825 O O   . HOH C 3 .   ? 0.061   18.264  15.302  1.00 33.61 ? 119 HOH A O   1 
HETATM 826 O O   . HOH C 3 .   ? 3.453   5.596   21.489  1.00 34.09 ? 120 HOH A O   1 
HETATM 827 O O   . HOH C 3 .   ? -11.233 18.539  18.022  1.00 40.78 ? 121 HOH A O   1 
HETATM 828 O O   . HOH C 3 .   ? 7.633   -9.690  15.692  1.00 34.34 ? 122 HOH A O   1 
HETATM 829 O O   . HOH C 3 .   ? 3.032   -3.005  16.440  1.00 36.42 ? 123 HOH A O   1 
HETATM 830 O O   . HOH C 3 .   ? -5.093  17.022  16.372  1.00 38.57 ? 124 HOH A O   1 
HETATM 831 O O   . HOH C 3 .   ? 4.175   -9.504  4.924   1.00 38.48 ? 125 HOH A O   1 
HETATM 832 O O   . HOH C 3 .   ? -12.050 -12.395 -4.886  1.00 35.73 ? 126 HOH A O   1 
HETATM 833 O O   . HOH C 3 .   ? -13.102 -10.055 -6.974  1.00 33.44 ? 127 HOH A O   1 
HETATM 834 O O   . HOH C 3 .   ? -8.111  2.454   -15.948 1.00 32.74 ? 128 HOH A O   1 
HETATM 835 O O   . HOH C 3 .   ? 0.661   -1.091  18.938  1.00 41.64 ? 129 HOH A O   1 
HETATM 836 O O   . HOH C 3 .   ? -7.692  -6.572  -18.370 1.00 35.05 ? 130 HOH A O   1 
HETATM 837 O O   . HOH C 3 .   ? 6.665   5.650   -1.963  1.00 43.14 ? 131 HOH A O   1 
HETATM 838 O O   . HOH C 3 .   ? 5.579   -0.904  -10.604 1.00 35.52 ? 132 HOH A O   1 
HETATM 839 O O   . HOH C 3 .   ? 1.957   7.462   24.936  1.00 39.85 ? 133 HOH A O   1 
HETATM 840 O O   . HOH C 3 .   ? 5.711   4.354   23.519  0.50 30.03 ? 134 HOH A O   1 
HETATM 841 O O   . HOH C 3 .   ? -11.851 -9.630  -15.625 1.00 36.77 ? 135 HOH A O   1 
HETATM 842 O O   . HOH C 3 .   ? -5.567  13.953  -5.921  1.00 41.13 ? 136 HOH A O   1 
HETATM 843 O O   . HOH C 3 .   ? 18.784  6.681   -8.399  1.00 43.17 ? 137 HOH A O   1 
HETATM 844 O O   . HOH C 3 .   ? 4.246   8.752   0.769   1.00 33.21 ? 138 HOH A O   1 
HETATM 845 O O   . HOH C 3 .   ? 5.829   2.139   12.642  1.00 38.90 ? 139 HOH A O   1 
HETATM 846 O O   . HOH C 3 .   ? 0.543   -11.451 6.509   1.00 42.41 ? 140 HOH A O   1 
HETATM 847 O O   . HOH C 3 .   ? -0.921  -8.309  -15.883 1.00 35.88 ? 141 HOH A O   1 
HETATM 848 O O   . HOH C 3 .   ? 7.166   10.892  20.719  1.00 45.37 ? 142 HOH A O   1 
HETATM 849 O O   . HOH C 3 .   ? -0.451  -9.485  -18.459 1.00 40.97 ? 143 HOH A O   1 
HETATM 850 O O   . HOH C 3 .   ? -17.884 -13.676 -12.155 1.00 35.04 ? 144 HOH A O   1 
HETATM 851 O O   . HOH C 3 .   ? -5.255  3.125   -1.065  1.00 38.89 ? 145 HOH A O   1 
HETATM 852 O O   . HOH C 3 .   ? 10.835  -2.788  -3.301  1.00 46.01 ? 146 HOH A O   1 
HETATM 853 O O   . HOH C 3 .   ? -8.320  -11.919 1.092   1.00 46.83 ? 147 HOH A O   1 
HETATM 854 O O   . HOH C 3 .   ? 4.545   -11.199 12.190  1.00 40.61 ? 148 HOH A O   1 
HETATM 855 O O   . HOH C 3 .   ? 2.440   18.350  17.406  1.00 46.09 ? 149 HOH A O   1 
HETATM 856 O O   . HOH C 3 .   ? 16.584  2.664   -3.534  1.00 61.86 ? 150 HOH A O   1 
HETATM 857 O O   . HOH C 3 .   ? -2.112  -8.428  9.013   1.00 41.18 ? 151 HOH A O   1 
HETATM 858 O O   . HOH C 3 .   ? -1.266  7.404   25.908  0.50 34.04 ? 152 HOH A O   1 
HETATM 859 O O   . HOH C 3 .   ? -5.072  4.853   -16.417 1.00 50.49 ? 153 HOH A O   1 
HETATM 860 O O   . HOH C 3 .   ? -4.744  2.759   -17.673 1.00 43.11 ? 154 HOH A O   1 
HETATM 861 O O   . HOH C 3 .   ? 9.122   10.765  15.435  1.00 75.95 ? 155 HOH A O   1 
HETATM 862 O O   . HOH C 3 .   ? 4.071   -10.164 2.415   1.00 47.41 ? 156 HOH A O   1 
HETATM 863 O O   . HOH C 3 .   ? 7.788   3.992   13.136  1.00 54.72 ? 157 HOH A O   1 
HETATM 864 O O   . HOH C 3 .   ? 4.784   7.412   11.917  1.00 46.60 ? 158 HOH A O   1 
HETATM 865 O O   . HOH C 3 .   ? 8.090   -8.922  -4.285  1.00 72.69 ? 159 HOH A O   1 
HETATM 866 O O   . HOH C 3 .   ? 6.130   -8.837  6.445   1.00 44.34 ? 160 HOH A O   1 
HETATM 867 O O   . HOH C 3 .   ? 7.933   -6.992  2.488   1.00 40.01 ? 161 HOH A O   1 
HETATM 868 O O   . HOH C 3 .   ? 9.827   5.808   5.941   1.00 42.41 ? 162 HOH A O   1 
HETATM 869 O O   . HOH C 3 .   ? -6.738  -12.206 3.115   1.00 59.01 ? 163 HOH A O   1 
HETATM 870 O O   . HOH C 3 .   ? -11.382 -7.211  -0.434  1.00 40.45 ? 164 HOH A O   1 
HETATM 871 O O   . HOH C 3 .   ? -4.145  7.893   0.650   1.00 43.97 ? 165 HOH A O   1 
HETATM 872 O O   . HOH C 3 .   ? -13.278 0.817   -22.103 1.00 54.55 ? 166 HOH A O   1 
HETATM 873 O O   . HOH C 3 .   ? 17.683  1.267   -1.914  1.00 54.51 ? 167 HOH A O   1 
HETATM 874 O O   . HOH C 3 .   ? -3.494  9.115   -1.572  1.00 57.76 ? 168 HOH A O   1 
HETATM 875 O O   . HOH C 3 .   ? 13.423  2.215   14.553  0.50 66.13 ? 169 HOH A O   1 
HETATM 876 O O   . HOH C 3 .   ? 9.560   1.858   18.623  1.00 51.59 ? 170 HOH A O   1 
HETATM 877 O O   . HOH C 3 .   ? -5.491  1.475   -7.409  1.00 44.13 ? 171 HOH A O   1 
HETATM 878 O O   . HOH C 3 .   ? 3.584   -1.287  -16.489 1.00 50.29 ? 172 HOH A O   1 
HETATM 879 O O   . HOH C 3 .   ? -18.100 -10.573 -7.975  1.00 56.63 ? 173 HOH A O   1 
HETATM 880 O O   . HOH C 3 .   ? -3.486  8.734   20.589  1.00 38.28 ? 174 HOH A O   1 
HETATM 881 O O   . HOH C 3 .   ? 4.227   -12.924 -6.887  1.00 53.87 ? 175 HOH A O   1 
HETATM 882 O O   . HOH C 3 .   ? 11.519  3.587   -6.553  1.00 50.06 ? 176 HOH A O   1 
HETATM 883 O O   . HOH C 3 .   ? -5.875  18.700  8.304   1.00 52.39 ? 177 HOH A O   1 
HETATM 884 O O   . HOH C 3 .   ? 5.052   0.825   -16.369 1.00 76.74 ? 178 HOH A O   1 
HETATM 885 O O   . HOH C 3 .   ? 9.358   3.509   10.117  1.00 60.80 ? 179 HOH A O   1 
HETATM 886 O O   . HOH C 3 .   ? 6.601   -0.210  11.817  1.00 55.74 ? 180 HOH A O   1 
HETATM 887 O O   . HOH C 3 .   ? 8.203   1.070   10.583  1.00 51.95 ? 181 HOH A O   1 
HETATM 888 O O   . HOH C 3 .   ? -2.112  12.442  4.848   1.00 54.69 ? 182 HOH A O   1 
HETATM 889 O O   . HOH C 3 .   ? -13.260 -16.290 -6.893  1.00 55.36 ? 183 HOH A O   1 
HETATM 890 O O   . HOH C 3 .   ? -6.027  16.725  18.743  0.50 52.00 ? 184 HOH A O   1 
HETATM 891 O O   . HOH C 3 .   ? -0.442  -13.861 0.250   1.00 46.69 ? 185 HOH A O   1 
HETATM 892 O O   . HOH C 3 .   ? 5.579   -7.473  -11.519 1.00 51.02 ? 186 HOH A O   1 
HETATM 893 O O   . HOH C 3 .   ? 8.537   3.918   17.950  1.00 53.39 ? 187 HOH A O   1 
HETATM 894 O O   . HOH C 3 .   ? 8.159   10.375  18.434  1.00 62.50 ? 188 HOH A O   1 
HETATM 895 O O   . HOH C 3 .   ? 5.494   -4.782  -12.333 1.00 55.66 ? 189 HOH A O   1 
HETATM 896 O O   . HOH C 3 .   ? 5.454   2.279   -14.197 1.00 58.28 ? 190 HOH A O   1 
HETATM 897 O O   . HOH C 3 .   ? -15.873 -12.549 -2.701  1.00 73.30 ? 191 HOH A O   1 
HETATM 898 O O   . HOH C 3 .   ? -15.438 -10.171 -1.593  1.00 57.43 ? 192 HOH A O   1 
HETATM 899 O O   . HOH C 3 .   ? 14.473  9.429   -12.397 1.00 69.16 ? 193 HOH A O   1 
HETATM 900 O O   . HOH C 3 .   ? 11.608  -0.187  -3.901  1.00 46.93 ? 194 HOH A O   1 
HETATM 901 O O   . HOH C 3 .   ? 10.642  1.659   -5.397  1.00 68.10 ? 195 HOH A O   1 
HETATM 902 O O   . HOH C 3 .   ? 8.892   1.683   -3.624  1.00 53.81 ? 196 HOH A O   1 
HETATM 903 O O   . HOH C 3 .   ? 6.848   8.873   15.809  1.00 54.84 ? 197 HOH A O   1 
HETATM 904 O O   . HOH C 3 .   ? 14.796  -0.291  -4.257  1.00 54.96 ? 198 HOH A O   1 
HETATM 905 O O   . HOH C 3 .   ? 9.423   1.227   -10.241 1.00 78.04 ? 199 HOH A O   1 
HETATM 906 O O   . HOH C 3 .   ? 13.208  7.286   -13.555 1.00 73.18 ? 200 HOH A O   1 
HETATM 907 O O   . HOH C 3 .   ? 18.386  3.139   -5.423  1.00 66.91 ? 201 HOH A O   1 
HETATM 908 O O   . HOH C 3 .   ? 16.204  2.001   2.442   1.00 49.92 ? 202 HOH A O   1 
HETATM 909 O O   . HOH C 3 .   ? -3.390  15.813  6.673   1.00 37.66 ? 203 HOH A O   1 
HETATM 910 O O   . HOH C 3 .   ? 3.379   -8.731  -12.721 1.00 43.34 ? 204 HOH A O   1 
HETATM 911 O O   . HOH C 3 .   ? -2.855  17.379  9.072   1.00 45.95 ? 205 HOH A O   1 
HETATM 912 O O   . HOH C 3 .   ? -10.711 -15.536 -5.281  1.00 48.43 ? 206 HOH A O   1 
HETATM 913 O O   . HOH C 3 .   ? 8.047   -4.681  -7.803  1.00 54.85 ? 207 HOH A O   1 
HETATM 914 O O   . HOH C 3 .   ? 2.897   -12.943 -15.850 1.00 67.06 ? 208 HOH A O   1 
HETATM 915 O O   . HOH C 3 .   ? 10.520  -8.588  14.159  1.00 64.84 ? 209 HOH A O   1 
HETATM 916 O O   . HOH C 3 .   ? -1.837  18.116  6.900   1.00 52.94 ? 210 HOH A O   1 
HETATM 917 O O   . HOH C 3 .   ? -5.233  19.081  11.023  1.00 54.20 ? 211 HOH A O   1 
HETATM 918 O O   . HOH C 3 .   ? 17.483  -0.271  7.685   1.00 80.12 ? 212 HOH A O   1 
HETATM 919 O O   . HOH C 3 .   ? -18.519 -11.307 -12.882 1.00 63.17 ? 213 HOH A O   1 
HETATM 920 O O   . HOH C 3 .   ? -11.556 -2.726  -19.479 1.00 70.36 ? 214 HOH A O   1 
HETATM 921 O O   . HOH C 3 .   ? -10.046 -16.201 -13.748 1.00 45.54 ? 215 HOH A O   1 
HETATM 922 O O   . HOH C 3 .   ? 3.089   -11.873 5.639   1.00 59.01 ? 216 HOH A O   1 
HETATM 923 O O   . HOH C 3 .   ? 2.092   15.192  8.326   1.00 55.52 ? 217 HOH A O   1 
HETATM 924 O O   . HOH C 3 .   ? 5.127   15.560  10.548  1.00 61.70 ? 218 HOH A O   1 
HETATM 925 O O   . HOH C 3 .   ? 4.001   11.569  7.025   1.00 33.28 ? 219 HOH A O   1 
HETATM 926 O O   . HOH C 3 .   ? 16.608  8.596   -10.265 1.00 69.90 ? 220 HOH A O   1 
HETATM 927 O O   . HOH C 3 .   ? -2.147  19.545  9.167   1.00 44.90 ? 221 HOH A O   1 
HETATM 928 O O   . HOH C 3 .   ? 0.801   9.247   2.162   1.00 48.28 ? 222 HOH A O   1 
HETATM 929 O O   . HOH C 3 .   ? -1.787  21.366  11.559  1.00 57.16 ? 223 HOH A O   1 
HETATM 930 O O   . HOH C 3 .   ? -9.052  -2.861  -21.096 1.00 66.77 ? 224 HOH A O   1 
HETATM 931 O O   . HOH C 3 .   ? 13.071  -8.035  -3.397  1.00 62.87 ? 225 HOH A O   1 
HETATM 932 O O   . HOH C 3 .   ? 7.376   -11.511 -7.550  1.00 69.46 ? 226 HOH A O   1 
HETATM 933 O O   . HOH C 3 .   ? 8.254   -13.010 -5.590  0.50 61.98 ? 227 HOH A O   1 
HETATM 934 O O   . HOH C 3 .   ? 4.081   11.240  4.203   1.00 40.84 ? 228 HOH A O   1 
HETATM 935 O O   . HOH C 3 .   ? -14.387 -14.851 -3.460  1.00 53.03 ? 229 HOH A O   1 
HETATM 936 O O   . HOH C 3 .   ? -5.480  -17.196 -11.735 1.00 76.43 ? 230 HOH A O   1 
HETATM 937 O O   . HOH C 3 .   ? 4.016   8.024   -9.135  1.00 63.82 ? 231 HOH A O   1 
HETATM 938 O O   . HOH C 3 .   ? 4.872   5.407   -9.992  1.00 76.07 ? 232 HOH A O   1 
HETATM 939 O O   . HOH C 3 .   ? 4.014   13.532  9.487   1.00 63.99 ? 233 HOH A O   1 
HETATM 940 O O   . HOH C 3 .   ? -12.987 -13.398 -13.193 1.00 36.08 ? 234 HOH A O   1 
HETATM 941 O O   . HOH C 3 .   ? -9.495  8.176   -21.507 1.00 58.59 ? 235 HOH A O   1 
HETATM 942 O O   . HOH C 3 .   ? -4.225  5.507   -1.103  1.00 58.62 ? 236 HOH A O   1 
HETATM 943 O O   . HOH C 3 .   ? 10.908  -7.052  1.371   1.00 53.84 ? 237 HOH A O   1 
HETATM 944 O O   . HOH C 3 .   ? -3.950  -12.673 3.610   1.00 65.48 ? 238 HOH A O   1 
HETATM 945 O O   . HOH C 3 .   ? 3.794   -9.983  -15.172 1.00 73.09 ? 239 HOH A O   1 
HETATM 946 O O   . HOH C 3 .   ? 8.702   9.794   22.824  1.00 65.20 ? 240 HOH A O   1 
HETATM 947 O O   . HOH C 3 .   ? 2.889   -8.196  -16.304 1.00 42.18 ? 241 HOH A O   1 
HETATM 948 O O   . HOH C 3 .   ? 4.849   -4.361  -16.830 1.00 67.74 ? 242 HOH A O   1 
HETATM 949 O O   . HOH C 3 .   ? 20.116  15.508  -11.261 1.00 32.78 ? 243 HOH A O   1 
HETATM 950 O O   . HOH C 3 .   ? -0.789  16.529  4.321   1.00 43.56 ? 244 HOH A O   1 
HETATM 951 O O   . HOH C 3 .   ? 22.288  15.068  -12.747 1.00 51.82 ? 245 HOH A O   1 
HETATM 952 O O   . HOH C 3 .   ? -3.399  17.366  3.430   1.00 59.72 ? 246 HOH A O   1 
HETATM 953 O O   . HOH C 3 .   ? 19.979  15.854  -13.590 1.00 46.80 ? 247 HOH A O   1 
HETATM 954 O O   . HOH C 3 .   ? 6.706   8.773   8.081   1.00 64.53 ? 248 HOH A O   1 
HETATM 955 O O   . HOH C 3 .   ? 23.358  14.586  -14.678 1.00 55.23 ? 249 HOH A O   1 
HETATM 956 O O   . HOH C 3 .   ? 1.595   17.991  5.399   1.00 62.46 ? 250 HOH A O   1 
HETATM 957 O O   . HOH C 3 .   ? 6.492   8.880   3.958   1.00 52.65 ? 251 HOH A O   1 
HETATM 958 O O   . HOH C 3 .   ? -1.209  15.751  7.938   1.00 57.13 ? 252 HOH A O   1 
HETATM 959 O O   . HOH C 3 .   ? -8.406  19.757  6.516   1.00 60.43 ? 253 HOH A O   1 
HETATM 960 O O   . HOH C 3 .   ? 8.878   -5.371  9.069   1.00 57.66 ? 254 HOH A O   1 
HETATM 961 O O   . HOH C 3 .   ? -6.190  21.752  5.216   1.00 60.14 ? 255 HOH A O   1 
HETATM 962 O O   . HOH C 3 .   ? -3.437  7.296   22.769  0.50 26.00 ? 256 HOH A O   1 
HETATM 963 O O   . HOH C 3 .   ? -6.944  15.009  17.107  1.00 39.00 ? 257 HOH A O   1 
HETATM 964 O O   . HOH C 3 .   ? 7.402   -6.747  7.028   1.00 47.00 ? 258 HOH A O   1 
HETATM 965 O O   . HOH C 3 .   ? 5.921   11.587  9.255   1.00 55.00 ? 259 HOH A O   1 
HETATM 966 O O   . HOH C 3 .   ? -6.060  -4.359  -18.240 1.00 57.00 ? 260 HOH A O   1 
# 
